data_7STE
#
_entry.id   7STE
#
_cell.length_a   1.00
_cell.length_b   1.00
_cell.length_c   1.00
_cell.angle_alpha   90.00
_cell.angle_beta   90.00
_cell.angle_gamma   90.00
#
_symmetry.space_group_name_H-M   'P 1'
#
loop_
_entity.id
_entity.type
_entity.pdbx_description
1 polymer 'Replication factor C subunit 4'
2 polymer 'Replication factor C subunit 3'
3 polymer 'Replication factor C subunit 2'
4 polymer 'Replication factor C subunit 5'
5 polymer 'Checkpoint protein RAD24'
6 non-polymer "ADENOSINE-5'-DIPHOSPHATE"
7 non-polymer "ADENOSINE-5'-TRIPHOSPHATE"
8 non-polymer 'MAGNESIUM ION'
#
loop_
_entity_poly.entity_id
_entity_poly.type
_entity_poly.pdbx_seq_one_letter_code
_entity_poly.pdbx_strand_id
1 'polypeptide(L)'
;MSKTLSLQLPWVEKYRPQVLSDIVGNKETIDRLQQIAKDGNMPHMIISGMPGIGKTTSVHCLAHELLGRSYADGVLELNA
SDDRGIDVVRNQIKHFAQKKLHLPPGKHKIVILDEADSMTAGAQQALRRTMELYSNSTRFAFACNQSNKIIEPLQSRCAI
LRYSKLSDEDVLKRLLQIIKLEDVKYTNDGLEAIIFTAEGDMRQAINNLQSTVAGHGLVNADNVFKIVDSPHPLIVKKML
LASNLEDSIQILRTDLWKKGYSSIDIVTTSFRVTKNLAQVKESVRLEMIKEIGLTHMRILEGVGTYLQLASMLAKIHKLN
NKA
;
B
2 'polypeptide(L)'
;MSTSTEKRSKENLPWVEKYRPETLDEVYGQNEVITTVRKFVDEGKLPHLLFYGPPGTGKTSTIVALAREIYGKNYSNMVL
ELNASDDRGIDVVRNQIKDFASTRQIFSKGFKLIILDEADAMTNAAQNALRRVIERYTKNTRFCVLANYAHKLTPALLSR
CTRFRFQPLPQEAIERRIANVLVHEKLKLSPNAEKALIELSNGDMRRVLNVLQSCKATLDNPDEDEISDDVIYECCGAPR
PSDLKAVLKSILEDDWGTAHYTLNKVRSAKGLALIDLIEGIVKILEDYELQNEETRVHLLTKLADIEYSISKGGNDQIQG
SAVIGAIKASFENETVKAN
;
C
3 'polypeptide(L)'
;MFEGFGPNKKRKISKLAAEQSLAQQPWVEKYRPKNLDEVTAQDHAVTVLKKTLKSANLPHMLFYGPPGTGKTSTILALTK
ELYGPDLMKSRILELNASDERGISIVREKVKNFARLTVSKPSKHDLENYPCPPYKIIILDEADSMTADAQSALRRTMETY
SGVTRFCLICNYVTRIIDPLASRCSKFRFKALDASNAIDRLRFISEQENVKCDDGVLERILDISAGDLRRGITLLQSASK
GAQYLGDGKNITSTQVEELAGVVPHDILIEIVEKVKSGDFDEIKKYVNTFMKSGWSAASVVNQLHEYYITNDNFDTNFKN
QISWLLFTTDSRLNNGTNEHIQLLNLLVKISQL
;
D
4 'polypeptide(L)'
;MSLWVDKYRPKSLNALSHNEELTNFLKSLSDQPRDLPHLLLYGPNGTGKKTRCMALLESIFGPGVYRLKIDVRQFVTASN
RKLELNVVSSPYHLEITPSDMGNNDRIVIQELLKEVAQMEQVDFQDSKDGLAHRYKCVIINEANSLTKDAQAALRRTMEK
YSKNIRLIMVCDSMSPIIAPIKSRCLLIRCPAPSDSEISTILSDVVTNERIQLETKDILKRIAQASNGNLRVSLLMLESM
ALNNELALKSSSPIIKPDWIIVIHKLTRKIVKERSVNSLIECRAVLYDLLAHCIPANIILKELTFSLLDVETLNTTNKSS
IIEYSSVFDERLSLGNKAIFHLEGFIAKVMCCLD
;
E
5 'polypeptide(L)'
;MDSTNLNKRPLLQYSLSSLGSQITKWSSSRPTSPVRKARSTENDFLSKQDTSSILPSINDDGGEQWYEKFKPNCLEQVAI
HKRKLKDVQEALDAMFLPNAKHRILLLSGPSGCSKSTVIKELSKILVPKYRQNSNGTSFRSTPNEHKVTEFRGDCIVNDL
PQMESFSEFLKGARYLVMSNLSLILIEDLPNVFHIDTRRRFQQLILQWLYSSEPLLPPLVICITECEIPENDNNYRKFGI
DYTFSAETIMNKEILMHPRLKRIKFNPINSTLLKKHLKFICVQNMKMLKEKNKWNKRQEVIDYIAQETGDIRSAITTLQF
WATSSGSLPISTRESTISYFHAIGKVIHGSHSTNNDNEMINNLFENSNNLLSKEDFKLGILENYNTFNKGEFSISDASSI
VDCLSECDNMNGLPESNEYGLREVRKTFRNISKQGHNHGTVYFPREWKVRKLQNSFKVQAEDWLNVSLYKYNAVHSFRNI
TLEFGYYAPLIRKCQSYKKKYILYYLKNLPSGSSGPKQTMDKFSDIMKVENGIDVVDRIGGPIEALSVEDGLAPLMDNDS
NNCDHLEDQKKERDRRLRMLIDQYERNVMMANDDLEDEETSFNDDPIVDSDSDNSNNIGNETFGRSDEDESLCEILSQRQ
PRKAPVISESLSDSDLEILGLNLEVLFQGPGGDYKDDDDKDYKDDDDKDYKDDDDK
;
A
#
loop_
_chem_comp.id
_chem_comp.type
_chem_comp.name
_chem_comp.formula
ADP non-polymer ADENOSINE-5'-DIPHOSPHATE 'C10 H15 N5 O10 P2'
ATP non-polymer ADENOSINE-5'-TRIPHOSPHATE 'C10 H16 N5 O13 P3'
MG non-polymer 'MAGNESIUM ION' 'Mg 2'
#
# COMPACT_ATOMS: atom_id res chain seq x y z
N LEU A 7 -41.39 -2.26 13.22
CA LEU A 7 -42.42 -3.03 13.93
C LEU A 7 -42.55 -4.43 13.34
N GLN A 8 -42.93 -4.50 12.07
CA GLN A 8 -43.09 -5.78 11.40
C GLN A 8 -41.74 -6.47 11.26
N LEU A 9 -41.72 -7.78 11.48
CA LEU A 9 -40.48 -8.53 11.42
C LEU A 9 -39.99 -8.63 9.97
N PRO A 10 -38.69 -8.79 9.76
CA PRO A 10 -38.18 -8.94 8.40
C PRO A 10 -38.76 -10.18 7.72
N TRP A 11 -38.95 -10.06 6.40
CA TRP A 11 -39.50 -11.19 5.64
C TRP A 11 -38.58 -12.39 5.68
N VAL A 12 -37.27 -12.16 5.62
CA VAL A 12 -36.31 -13.27 5.57
C VAL A 12 -36.44 -14.14 6.82
N GLU A 13 -36.54 -13.51 8.00
CA GLU A 13 -36.63 -14.27 9.23
C GLU A 13 -38.01 -14.88 9.44
N LYS A 14 -39.03 -14.35 8.78
CA LYS A 14 -40.40 -14.83 9.02
C LYS A 14 -40.55 -16.29 8.63
N TYR A 15 -40.05 -16.66 7.45
CA TYR A 15 -40.27 -17.98 6.85
C TYR A 15 -38.94 -18.61 6.46
N ARG A 16 -37.99 -18.62 7.40
CA ARG A 16 -36.70 -19.24 7.16
C ARG A 16 -36.88 -20.74 6.89
N PRO A 17 -36.03 -21.31 6.02
CA PRO A 17 -36.16 -22.75 5.73
C PRO A 17 -36.00 -23.58 6.99
N GLN A 18 -36.74 -24.70 7.04
CA GLN A 18 -36.74 -25.60 8.18
C GLN A 18 -36.04 -26.92 7.92
N VAL A 19 -35.84 -27.30 6.66
CA VAL A 19 -35.21 -28.57 6.30
C VAL A 19 -34.16 -28.30 5.23
N LEU A 20 -33.20 -29.22 5.14
CA LEU A 20 -32.12 -29.07 4.17
C LEU A 20 -32.61 -29.09 2.73
N SER A 21 -33.79 -29.66 2.48
CA SER A 21 -34.30 -29.72 1.11
C SER A 21 -34.50 -28.33 0.53
N ASP A 22 -35.07 -27.41 1.33
CA ASP A 22 -35.29 -26.06 0.84
C ASP A 22 -33.99 -25.34 0.53
N ILE A 23 -32.91 -25.67 1.24
CA ILE A 23 -31.64 -25.03 0.99
C ILE A 23 -31.17 -25.34 -0.42
N VAL A 24 -30.54 -24.36 -1.06
CA VAL A 24 -30.04 -24.51 -2.43
C VAL A 24 -28.61 -23.98 -2.48
N GLY A 25 -27.88 -24.42 -3.49
CA GLY A 25 -26.50 -24.03 -3.67
C GLY A 25 -25.55 -24.90 -2.89
N ASN A 26 -24.33 -25.00 -3.39
CA ASN A 26 -23.28 -25.83 -2.78
C ASN A 26 -23.81 -27.25 -2.54
N LYS A 27 -24.16 -27.91 -3.64
CA LYS A 27 -24.88 -29.18 -3.54
C LYS A 27 -24.04 -30.24 -2.82
N GLU A 28 -22.73 -30.26 -3.06
CA GLU A 28 -21.88 -31.26 -2.41
C GLU A 28 -21.92 -31.11 -0.90
N THR A 29 -21.88 -29.86 -0.40
CA THR A 29 -21.94 -29.64 1.05
C THR A 29 -23.29 -30.05 1.60
N ILE A 30 -24.37 -29.78 0.87
CA ILE A 30 -25.70 -30.20 1.32
C ILE A 30 -25.78 -31.71 1.40
N ASP A 31 -25.21 -32.40 0.41
CA ASP A 31 -25.20 -33.86 0.44
C ASP A 31 -24.39 -34.37 1.61
N ARG A 32 -23.25 -33.74 1.90
CA ARG A 32 -22.45 -34.15 3.06
C ARG A 32 -23.23 -33.94 4.35
N LEU A 33 -23.93 -32.82 4.48
CA LEU A 33 -24.74 -32.58 5.67
C LEU A 33 -25.85 -33.63 5.78
N GLN A 34 -26.49 -33.97 4.65
CA GLN A 34 -27.56 -34.96 4.68
C GLN A 34 -27.03 -36.33 5.10
N GLN A 35 -25.88 -36.74 4.56
CA GLN A 35 -25.34 -38.05 4.92
C GLN A 35 -24.88 -38.07 6.37
N ILE A 36 -24.34 -36.95 6.87
CA ILE A 36 -24.01 -36.86 8.29
C ILE A 36 -25.28 -37.01 9.13
N ALA A 37 -26.35 -36.32 8.72
CA ALA A 37 -27.59 -36.37 9.48
C ALA A 37 -28.15 -37.79 9.53
N LYS A 38 -28.16 -38.49 8.40
CA LYS A 38 -28.67 -39.86 8.41
C LYS A 38 -27.71 -40.82 9.10
N ASP A 39 -26.43 -40.46 9.20
CA ASP A 39 -25.50 -41.29 9.95
C ASP A 39 -25.81 -41.26 11.45
N GLY A 40 -26.28 -40.11 11.94
CA GLY A 40 -26.62 -39.97 13.34
C GLY A 40 -25.49 -39.54 14.25
N ASN A 41 -24.28 -39.36 13.72
CA ASN A 41 -23.14 -38.90 14.49
C ASN A 41 -22.57 -37.66 13.84
N MET A 42 -22.48 -36.57 14.60
CA MET A 42 -22.20 -35.25 14.06
C MET A 42 -20.91 -34.69 14.67
N PRO A 43 -19.80 -34.63 13.94
CA PRO A 43 -18.56 -34.09 14.48
C PRO A 43 -18.58 -32.56 14.52
N HIS A 44 -17.45 -31.99 14.92
CA HIS A 44 -17.31 -30.54 14.98
C HIS A 44 -17.25 -29.97 13.56
N MET A 45 -17.68 -28.71 13.41
CA MET A 45 -17.64 -28.05 12.12
C MET A 45 -16.94 -26.70 12.22
N ILE A 46 -16.31 -26.30 11.13
CA ILE A 46 -15.86 -24.93 10.90
C ILE A 46 -16.42 -24.51 9.55
N ILE A 47 -17.46 -23.69 9.56
CA ILE A 47 -18.12 -23.23 8.34
C ILE A 47 -17.44 -21.95 7.88
N SER A 48 -17.14 -21.86 6.59
CA SER A 48 -16.54 -20.66 6.03
C SER A 48 -17.23 -20.28 4.74
N GLY A 49 -17.28 -18.98 4.48
CA GLY A 49 -17.91 -18.46 3.29
C GLY A 49 -18.47 -17.08 3.53
N MET A 50 -18.77 -16.39 2.43
CA MET A 50 -19.34 -15.06 2.51
C MET A 50 -20.74 -15.16 3.13
N PRO A 51 -21.08 -14.34 4.12
CA PRO A 51 -22.36 -14.51 4.80
C PRO A 51 -23.55 -14.24 3.89
N GLY A 52 -24.67 -14.86 4.27
CA GLY A 52 -25.89 -14.75 3.49
C GLY A 52 -26.14 -15.88 2.53
N ILE A 53 -25.46 -17.02 2.70
CA ILE A 53 -25.60 -18.15 1.79
C ILE A 53 -26.04 -19.39 2.57
N GLY A 54 -26.78 -19.19 3.64
CA GLY A 54 -27.32 -20.30 4.41
C GLY A 54 -26.30 -21.12 5.15
N LYS A 55 -25.31 -20.48 5.77
CA LYS A 55 -24.39 -21.20 6.65
C LYS A 55 -25.04 -21.50 7.99
N THR A 56 -25.41 -20.45 8.72
CA THR A 56 -26.12 -20.64 9.98
C THR A 56 -27.46 -21.34 9.77
N THR A 57 -28.17 -20.97 8.71
CA THR A 57 -29.43 -21.63 8.41
C THR A 57 -29.21 -23.11 8.11
N SER A 58 -28.14 -23.44 7.39
CA SER A 58 -27.83 -24.85 7.15
C SER A 58 -27.53 -25.58 8.45
N VAL A 59 -26.81 -24.94 9.37
CA VAL A 59 -26.52 -25.58 10.65
C VAL A 59 -27.81 -25.83 11.42
N HIS A 60 -28.71 -24.85 11.46
CA HIS A 60 -29.96 -25.05 12.18
C HIS A 60 -30.84 -26.08 11.51
N CYS A 61 -30.83 -26.16 10.18
CA CYS A 61 -31.58 -27.21 9.49
C CYS A 61 -31.01 -28.59 9.78
N LEU A 62 -29.69 -28.68 9.87
CA LEU A 62 -29.06 -29.94 10.28
C LEU A 62 -29.49 -30.31 11.70
N ALA A 63 -29.55 -29.34 12.59
CA ALA A 63 -30.04 -29.60 13.94
C ALA A 63 -31.49 -30.08 13.91
N HIS A 64 -32.32 -29.45 13.08
CA HIS A 64 -33.70 -29.90 12.90
C HIS A 64 -33.73 -31.37 12.50
N GLU A 65 -32.95 -31.73 11.48
CA GLU A 65 -32.98 -33.09 10.96
C GLU A 65 -32.41 -34.10 11.95
N LEU A 66 -31.49 -33.65 12.82
CA LEU A 66 -30.82 -34.56 13.75
C LEU A 66 -31.62 -34.74 15.03
N LEU A 67 -31.88 -33.64 15.76
CA LEU A 67 -32.59 -33.73 17.02
C LEU A 67 -34.10 -33.86 16.80
N GLY A 68 -34.68 -32.93 16.07
CA GLY A 68 -36.11 -32.96 15.80
C GLY A 68 -36.93 -32.18 16.81
N ARG A 69 -37.53 -32.89 17.76
CA ARG A 69 -38.41 -32.24 18.73
C ARG A 69 -37.64 -31.46 19.78
N SER A 70 -36.39 -31.82 20.05
CA SER A 70 -35.58 -31.15 21.06
C SER A 70 -34.68 -30.09 20.46
N TYR A 71 -35.11 -29.49 19.33
CA TYR A 71 -34.30 -28.46 18.69
C TYR A 71 -34.15 -27.23 19.59
N ALA A 72 -35.28 -26.71 20.10
CA ALA A 72 -35.22 -25.51 20.92
C ALA A 72 -34.50 -25.75 22.25
N ASP A 73 -34.49 -26.98 22.74
CA ASP A 73 -33.85 -27.31 24.01
C ASP A 73 -32.42 -27.82 23.85
N GLY A 74 -31.89 -27.85 22.62
CA GLY A 74 -30.56 -28.37 22.40
C GLY A 74 -29.76 -27.57 21.39
N VAL A 75 -30.14 -26.31 21.17
CA VAL A 75 -29.44 -25.43 20.24
C VAL A 75 -29.27 -24.07 20.91
N LEU A 76 -28.07 -23.51 20.78
CA LEU A 76 -27.76 -22.19 21.33
C LEU A 76 -26.89 -21.45 20.33
N GLU A 77 -27.40 -20.32 19.83
CA GLU A 77 -26.67 -19.47 18.91
C GLU A 77 -26.07 -18.29 19.67
N LEU A 78 -24.76 -18.10 19.53
CA LEU A 78 -24.04 -17.05 20.24
C LEU A 78 -23.23 -16.23 19.26
N ASN A 79 -23.36 -14.91 19.35
CA ASN A 79 -22.59 -14.01 18.49
C ASN A 79 -21.14 -13.87 18.94
N ALA A 80 -20.84 -14.18 20.19
CA ALA A 80 -19.49 -14.17 20.76
C ALA A 80 -18.95 -12.77 21.00
N SER A 81 -19.66 -11.72 20.57
CA SER A 81 -19.20 -10.36 20.79
C SER A 81 -20.33 -9.41 21.17
N ASP A 82 -21.54 -9.92 21.41
CA ASP A 82 -22.66 -9.04 21.72
C ASP A 82 -22.41 -8.26 23.02
N ASP A 83 -21.89 -8.94 24.04
CA ASP A 83 -21.62 -8.32 25.32
C ASP A 83 -20.19 -7.80 25.45
N ARG A 84 -19.38 -7.91 24.40
CA ARG A 84 -17.99 -7.47 24.42
C ARG A 84 -17.24 -8.13 25.58
N GLY A 85 -17.35 -9.46 25.65
CA GLY A 85 -16.69 -10.22 26.68
C GLY A 85 -16.76 -11.71 26.44
N ILE A 86 -15.62 -12.39 26.58
CA ILE A 86 -15.59 -13.83 26.37
C ILE A 86 -15.99 -14.58 27.65
N ASP A 87 -15.80 -13.96 28.81
CA ASP A 87 -16.14 -14.62 30.07
C ASP A 87 -17.64 -14.90 30.14
N VAL A 88 -18.47 -13.94 29.74
CA VAL A 88 -19.91 -14.14 29.76
C VAL A 88 -20.31 -15.21 28.75
N VAL A 89 -19.62 -15.25 27.60
CA VAL A 89 -19.90 -16.29 26.62
C VAL A 89 -19.59 -17.67 27.20
N ARG A 90 -18.45 -17.79 27.88
CA ARG A 90 -18.12 -19.06 28.52
C ARG A 90 -19.14 -19.41 29.60
N ASN A 91 -19.60 -18.42 30.36
CA ASN A 91 -20.62 -18.67 31.37
C ASN A 91 -21.91 -19.20 30.75
N GLN A 92 -22.34 -18.58 29.64
CA GLN A 92 -23.52 -19.06 28.94
C GLN A 92 -23.34 -20.48 28.42
N ILE A 93 -22.16 -20.76 27.85
CA ILE A 93 -21.88 -22.11 27.36
C ILE A 93 -21.94 -23.11 28.51
N LYS A 94 -21.38 -22.74 29.66
CA LYS A 94 -21.43 -23.62 30.82
C LYS A 94 -22.87 -23.86 31.26
N HIS A 95 -23.67 -22.79 31.34
CA HIS A 95 -25.06 -22.95 31.75
C HIS A 95 -25.84 -23.83 30.80
N PHE A 96 -25.54 -23.73 29.49
CA PHE A 96 -26.25 -24.54 28.51
C PHE A 96 -25.81 -26.00 28.55
N ALA A 97 -24.51 -26.24 28.43
CA ALA A 97 -24.02 -27.62 28.38
C ALA A 97 -24.26 -28.35 29.70
N GLN A 98 -23.99 -27.69 30.83
CA GLN A 98 -24.13 -28.35 32.12
C GLN A 98 -25.58 -28.70 32.45
N LYS A 99 -26.54 -28.07 31.78
CA LYS A 99 -27.94 -28.42 31.99
C LYS A 99 -28.16 -29.88 31.64
N LYS A 100 -28.85 -30.60 32.52
CA LYS A 100 -29.04 -32.04 32.38
C LYS A 100 -30.36 -32.30 31.69
N LEU A 101 -30.30 -32.72 30.43
CA LEU A 101 -31.47 -33.12 29.66
C LEU A 101 -31.20 -34.49 29.06
N HIS A 102 -32.11 -35.43 29.28
CA HIS A 102 -31.95 -36.77 28.75
C HIS A 102 -32.22 -36.78 27.25
N LEU A 103 -31.31 -37.38 26.50
CA LEU A 103 -31.42 -37.49 25.04
C LEU A 103 -31.17 -38.93 24.62
N PRO A 104 -31.68 -39.32 23.46
CA PRO A 104 -31.41 -40.67 22.96
C PRO A 104 -29.93 -40.87 22.70
N PRO A 105 -29.44 -42.10 22.74
CA PRO A 105 -28.00 -42.33 22.55
C PRO A 105 -27.53 -41.87 21.18
N GLY A 106 -26.29 -41.41 21.12
CA GLY A 106 -25.70 -40.95 19.88
C GLY A 106 -25.83 -39.45 19.68
N LYS A 107 -27.07 -38.95 19.66
CA LYS A 107 -27.28 -37.53 19.42
C LYS A 107 -26.67 -36.69 20.54
N HIS A 108 -26.12 -35.54 20.17
CA HIS A 108 -25.49 -34.63 21.10
C HIS A 108 -26.00 -33.22 20.87
N LYS A 109 -25.90 -32.38 21.91
CA LYS A 109 -26.33 -31.01 21.81
C LYS A 109 -25.45 -30.23 20.84
N ILE A 110 -26.02 -29.18 20.25
CA ILE A 110 -25.35 -28.37 19.24
C ILE A 110 -25.27 -26.93 19.73
N VAL A 111 -24.08 -26.34 19.60
CA VAL A 111 -23.85 -24.94 19.94
C VAL A 111 -23.21 -24.26 18.74
N ILE A 112 -23.77 -23.12 18.33
CA ILE A 112 -23.27 -22.35 17.20
C ILE A 112 -22.61 -21.10 17.74
N LEU A 113 -21.36 -20.86 17.36
CA LEU A 113 -20.59 -19.69 17.77
C LEU A 113 -20.33 -18.88 16.51
N ASP A 114 -21.25 -17.96 16.21
CA ASP A 114 -21.17 -17.21 14.97
C ASP A 114 -20.09 -16.14 15.04
N GLU A 115 -19.53 -15.81 13.87
CA GLU A 115 -18.59 -14.72 13.72
C GLU A 115 -17.36 -14.91 14.61
N ALA A 116 -16.61 -15.96 14.30
CA ALA A 116 -15.37 -16.27 15.01
C ALA A 116 -14.14 -15.66 14.34
N ASP A 117 -14.32 -14.91 13.25
CA ASP A 117 -13.19 -14.37 12.51
C ASP A 117 -12.82 -12.95 12.94
N SER A 118 -13.68 -12.28 13.71
CA SER A 118 -13.43 -10.92 14.17
C SER A 118 -12.91 -10.89 15.60
N MET A 119 -12.09 -11.87 15.96
CA MET A 119 -11.71 -12.06 17.36
C MET A 119 -10.33 -12.70 17.41
N THR A 120 -9.65 -12.50 18.55
CA THR A 120 -8.21 -12.74 18.65
C THR A 120 -7.90 -14.24 18.83
N ALA A 121 -6.62 -14.56 18.72
CA ALA A 121 -6.19 -15.96 18.75
C ALA A 121 -6.24 -16.53 20.17
N GLY A 122 -5.93 -15.72 21.17
CA GLY A 122 -5.94 -16.22 22.53
C GLY A 122 -7.31 -16.71 22.95
N ALA A 123 -8.36 -15.96 22.61
CA ALA A 123 -9.71 -16.41 22.92
C ALA A 123 -10.12 -17.57 22.02
N GLN A 124 -9.52 -17.71 20.84
CA GLN A 124 -9.72 -18.95 20.07
C GLN A 124 -9.18 -20.15 20.84
N GLN A 125 -8.00 -20.00 21.46
CA GLN A 125 -7.48 -21.07 22.30
C GLN A 125 -8.38 -21.31 23.50
N ALA A 126 -8.93 -20.24 24.08
CA ALA A 126 -9.85 -20.39 25.20
C ALA A 126 -11.09 -21.18 24.77
N LEU A 127 -11.63 -20.88 23.59
CA LEU A 127 -12.77 -21.63 23.08
C LEU A 127 -12.41 -23.07 22.80
N ARG A 128 -11.19 -23.31 22.31
CA ARG A 128 -10.72 -24.69 22.12
C ARG A 128 -10.68 -25.44 23.43
N ARG A 129 -10.19 -24.79 24.48
CA ARG A 129 -10.17 -25.42 25.81
C ARG A 129 -11.58 -25.70 26.29
N THR A 130 -12.50 -24.75 26.09
CA THR A 130 -13.89 -24.97 26.49
C THR A 130 -14.50 -26.16 25.75
N MET A 131 -14.23 -26.26 24.45
CA MET A 131 -14.73 -27.39 23.68
C MET A 131 -14.12 -28.69 24.19
N GLU A 132 -12.83 -28.69 24.49
CA GLU A 132 -12.18 -29.90 24.99
C GLU A 132 -12.80 -30.35 26.31
N LEU A 133 -13.05 -29.40 27.22
CA LEU A 133 -13.66 -29.75 28.50
C LEU A 133 -15.07 -30.30 28.28
N TYR A 134 -15.88 -29.58 27.51
CA TYR A 134 -17.23 -30.04 27.16
C TYR A 134 -17.18 -30.60 25.74
N SER A 135 -16.73 -31.86 25.66
CA SER A 135 -16.55 -32.54 24.38
C SER A 135 -17.42 -33.78 24.21
N ASN A 136 -17.90 -34.37 25.30
CA ASN A 136 -18.73 -35.56 25.23
C ASN A 136 -20.22 -35.25 25.19
N SER A 137 -20.61 -33.98 25.26
CA SER A 137 -22.02 -33.62 25.32
C SER A 137 -22.38 -32.60 24.24
N THR A 138 -21.47 -31.68 23.94
CA THR A 138 -21.72 -30.59 23.01
C THR A 138 -20.71 -30.63 21.87
N ARG A 139 -21.19 -30.41 20.66
CA ARG A 139 -20.37 -30.33 19.46
C ARG A 139 -20.48 -28.93 18.89
N PHE A 140 -19.36 -28.33 18.54
CA PHE A 140 -19.31 -26.92 18.16
C PHE A 140 -19.22 -26.75 16.65
N ALA A 141 -19.89 -25.71 16.15
CA ALA A 141 -19.86 -25.32 14.74
C ALA A 141 -19.41 -23.86 14.69
N PHE A 142 -18.13 -23.64 14.43
CA PHE A 142 -17.55 -22.30 14.39
C PHE A 142 -17.78 -21.70 13.02
N ALA A 143 -18.57 -20.63 12.95
CA ALA A 143 -18.81 -19.92 11.70
C ALA A 143 -17.79 -18.80 11.55
N CYS A 144 -17.28 -18.64 10.33
CA CYS A 144 -16.25 -17.64 10.06
C CYS A 144 -16.30 -17.27 8.59
N ASN A 145 -15.61 -16.19 8.24
CA ASN A 145 -15.51 -15.75 6.86
C ASN A 145 -14.24 -16.23 6.17
N GLN A 146 -13.20 -16.57 6.94
CA GLN A 146 -11.94 -17.06 6.39
C GLN A 146 -11.50 -18.28 7.18
N SER A 147 -11.17 -19.36 6.47
CA SER A 147 -10.74 -20.58 7.14
C SER A 147 -9.32 -20.45 7.69
N ASN A 148 -8.44 -19.81 6.92
CA ASN A 148 -7.05 -19.69 7.35
C ASN A 148 -6.89 -18.82 8.59
N LYS A 149 -7.82 -17.86 8.79
CA LYS A 149 -7.72 -16.99 9.95
C LYS A 149 -7.83 -17.79 11.25
N ILE A 150 -8.71 -18.80 11.28
CA ILE A 150 -8.84 -19.63 12.46
C ILE A 150 -7.53 -20.35 12.72
N ILE A 151 -7.15 -20.43 14.00
CA ILE A 151 -5.86 -21.01 14.36
C ILE A 151 -5.79 -22.46 13.87
N GLU A 152 -4.57 -22.93 13.64
CA GLU A 152 -4.37 -24.27 13.12
C GLU A 152 -4.97 -25.35 14.02
N PRO A 153 -4.84 -25.31 15.35
CA PRO A 153 -5.44 -26.37 16.17
C PRO A 153 -6.94 -26.51 15.97
N LEU A 154 -7.66 -25.39 15.78
CA LEU A 154 -9.10 -25.47 15.61
C LEU A 154 -9.47 -26.20 14.33
N GLN A 155 -8.82 -25.86 13.22
CA GLN A 155 -9.12 -26.55 11.96
C GLN A 155 -8.65 -28.00 12.02
N SER A 156 -7.57 -28.29 12.73
CA SER A 156 -7.14 -29.67 12.90
C SER A 156 -8.19 -30.48 13.65
N ARG A 157 -8.76 -29.90 14.72
CA ARG A 157 -9.75 -30.61 15.51
C ARG A 157 -11.05 -30.81 14.73
N CYS A 158 -11.50 -29.79 14.03
CA CYS A 158 -12.80 -29.81 13.36
C CYS A 158 -12.64 -30.10 11.87
N ALA A 159 -13.76 -30.16 11.17
CA ALA A 159 -13.80 -30.36 9.73
C ALA A 159 -14.29 -29.07 9.05
N ILE A 160 -13.62 -28.70 7.97
CA ILE A 160 -13.89 -27.43 7.29
C ILE A 160 -14.99 -27.65 6.26
N LEU A 161 -15.96 -26.73 6.24
CA LEU A 161 -17.03 -26.73 5.25
C LEU A 161 -16.95 -25.45 4.46
N ARG A 162 -16.61 -25.57 3.17
CA ARG A 162 -16.43 -24.44 2.27
C ARG A 162 -17.72 -24.23 1.48
N TYR A 163 -18.33 -23.06 1.64
CA TYR A 163 -19.50 -22.67 0.87
C TYR A 163 -19.15 -21.54 -0.08
N SER A 164 -20.06 -21.27 -1.02
CA SER A 164 -19.86 -20.24 -2.03
C SER A 164 -21.20 -19.56 -2.30
N LYS A 165 -21.21 -18.64 -3.26
CA LYS A 165 -22.41 -17.88 -3.57
C LYS A 165 -23.48 -18.79 -4.18
N LEU A 166 -24.73 -18.35 -4.08
CA LEU A 166 -25.87 -19.14 -4.52
C LEU A 166 -26.14 -19.03 -6.01
N SER A 167 -25.56 -18.04 -6.69
CA SER A 167 -25.73 -17.87 -8.12
C SER A 167 -27.11 -17.34 -8.48
N ASP A 168 -27.20 -16.70 -9.65
CA ASP A 168 -28.42 -16.01 -10.04
C ASP A 168 -29.59 -16.97 -10.16
N GLU A 169 -29.35 -18.17 -10.69
CA GLU A 169 -30.44 -19.13 -10.88
C GLU A 169 -31.13 -19.44 -9.56
N ASP A 170 -30.35 -19.81 -8.54
CA ASP A 170 -30.95 -20.20 -7.27
C ASP A 170 -31.51 -18.99 -6.52
N VAL A 171 -30.85 -17.84 -6.64
CA VAL A 171 -31.41 -16.63 -6.05
C VAL A 171 -32.79 -16.35 -6.63
N LEU A 172 -32.91 -16.44 -7.96
CA LEU A 172 -34.19 -16.23 -8.62
C LEU A 172 -35.21 -17.27 -8.18
N LYS A 173 -34.79 -18.53 -8.06
CA LYS A 173 -35.70 -19.59 -7.63
C LYS A 173 -36.29 -19.29 -6.26
N ARG A 174 -35.42 -18.97 -5.30
CA ARG A 174 -35.90 -18.66 -3.96
C ARG A 174 -36.79 -17.42 -3.98
N LEU A 175 -36.46 -16.45 -4.83
CA LEU A 175 -37.32 -15.27 -4.94
C LEU A 175 -38.69 -15.62 -5.50
N LEU A 176 -38.76 -16.54 -6.46
CA LEU A 176 -40.07 -17.00 -6.95
C LEU A 176 -40.89 -17.63 -5.84
N GLN A 177 -40.29 -18.53 -5.05
CA GLN A 177 -41.07 -19.08 -3.94
C GLN A 177 -41.48 -18.02 -2.93
N ILE A 178 -40.60 -17.08 -2.60
CA ILE A 178 -40.94 -16.03 -1.64
C ILE A 178 -42.10 -15.19 -2.16
N ILE A 179 -42.06 -14.83 -3.44
CA ILE A 179 -43.14 -14.05 -4.03
C ILE A 179 -44.43 -14.86 -4.06
N LYS A 180 -44.35 -16.14 -4.41
CA LYS A 180 -45.53 -16.98 -4.47
C LYS A 180 -46.23 -17.03 -3.12
N LEU A 181 -45.45 -17.23 -2.05
CA LEU A 181 -46.08 -17.30 -0.74
C LEU A 181 -46.49 -15.92 -0.23
N GLU A 182 -45.81 -14.86 -0.68
CA GLU A 182 -46.12 -13.50 -0.24
C GLU A 182 -47.23 -12.85 -1.06
N ASP A 183 -47.59 -13.42 -2.21
CA ASP A 183 -48.60 -12.81 -3.09
C ASP A 183 -48.16 -11.41 -3.51
N VAL A 184 -47.00 -11.33 -4.14
CA VAL A 184 -46.40 -10.07 -4.57
C VAL A 184 -46.47 -9.98 -6.08
N LYS A 185 -46.99 -8.87 -6.60
CA LYS A 185 -47.01 -8.63 -8.03
C LYS A 185 -45.61 -8.28 -8.51
N TYR A 186 -45.14 -8.99 -9.54
CA TYR A 186 -43.76 -8.87 -9.98
C TYR A 186 -43.70 -8.93 -11.51
N THR A 187 -42.59 -8.44 -12.04
CA THR A 187 -42.29 -8.50 -13.46
C THR A 187 -40.85 -8.95 -13.63
N ASN A 188 -40.54 -9.51 -14.81
CA ASN A 188 -39.24 -10.12 -15.02
C ASN A 188 -38.10 -9.13 -14.79
N ASP A 189 -38.25 -7.89 -15.29
CA ASP A 189 -37.19 -6.91 -15.13
C ASP A 189 -36.95 -6.60 -13.66
N GLY A 190 -38.01 -6.59 -12.86
CA GLY A 190 -37.85 -6.36 -11.42
C GLY A 190 -37.02 -7.45 -10.76
N LEU A 191 -37.31 -8.72 -11.08
CA LEU A 191 -36.53 -9.82 -10.52
C LEU A 191 -35.08 -9.75 -11.00
N GLU A 192 -34.88 -9.40 -12.27
CA GLU A 192 -33.51 -9.27 -12.77
C GLU A 192 -32.76 -8.17 -12.02
N ALA A 193 -33.42 -7.04 -11.76
CA ALA A 193 -32.79 -5.97 -10.99
C ALA A 193 -32.48 -6.41 -9.58
N ILE A 194 -33.42 -7.13 -8.95
CA ILE A 194 -33.18 -7.62 -7.59
C ILE A 194 -31.97 -8.54 -7.56
N ILE A 195 -31.87 -9.45 -8.53
CA ILE A 195 -30.74 -10.37 -8.58
C ILE A 195 -29.44 -9.61 -8.81
N PHE A 196 -29.47 -8.63 -9.71
CA PHE A 196 -28.26 -7.85 -9.98
C PHE A 196 -27.79 -7.10 -8.74
N THR A 197 -28.72 -6.52 -7.99
CA THR A 197 -28.35 -5.81 -6.78
C THR A 197 -27.88 -6.76 -5.68
N ALA A 198 -28.46 -7.95 -5.62
CA ALA A 198 -28.11 -8.90 -4.56
C ALA A 198 -26.64 -9.32 -4.66
N GLU A 199 -26.16 -9.55 -5.87
CA GLU A 199 -24.79 -10.01 -6.09
C GLU A 199 -24.55 -11.35 -5.39
N GLY A 200 -25.56 -12.21 -5.39
CA GLY A 200 -25.44 -13.54 -4.83
C GLY A 200 -25.81 -13.66 -3.37
N ASP A 201 -26.12 -12.55 -2.70
CA ASP A 201 -26.47 -12.58 -1.28
C ASP A 201 -27.99 -12.74 -1.16
N MET A 202 -28.41 -13.89 -0.61
CA MET A 202 -29.84 -14.15 -0.45
C MET A 202 -30.47 -13.16 0.51
N ARG A 203 -29.78 -12.87 1.62
CA ARG A 203 -30.32 -11.94 2.61
C ARG A 203 -30.56 -10.57 1.99
N GLN A 204 -29.58 -10.08 1.22
CA GLN A 204 -29.75 -8.79 0.57
C GLN A 204 -30.91 -8.82 -0.43
N ALA A 205 -31.05 -9.91 -1.18
CA ALA A 205 -32.15 -10.01 -2.14
C ALA A 205 -33.49 -9.96 -1.44
N ILE A 206 -33.64 -10.71 -0.35
CA ILE A 206 -34.90 -10.73 0.38
C ILE A 206 -35.19 -9.36 0.99
N ASN A 207 -34.17 -8.70 1.55
CA ASN A 207 -34.37 -7.37 2.10
C ASN A 207 -34.80 -6.38 1.04
N ASN A 208 -34.17 -6.44 -0.14
CA ASN A 208 -34.54 -5.54 -1.23
C ASN A 208 -35.97 -5.81 -1.69
N LEU A 209 -36.35 -7.08 -1.81
CA LEU A 209 -37.71 -7.40 -2.21
C LEU A 209 -38.72 -6.89 -1.20
N GLN A 210 -38.45 -7.09 0.08
CA GLN A 210 -39.36 -6.61 1.12
C GLN A 210 -39.48 -5.09 1.08
N SER A 211 -38.35 -4.40 0.94
CA SER A 211 -38.39 -2.94 0.90
C SER A 211 -39.15 -2.44 -0.32
N THR A 212 -38.94 -3.07 -1.47
CA THR A 212 -39.67 -2.68 -2.67
C THR A 212 -41.17 -2.90 -2.51
N VAL A 213 -41.56 -4.04 -1.93
CA VAL A 213 -42.98 -4.32 -1.76
C VAL A 213 -43.60 -3.34 -0.76
N ALA A 214 -42.84 -2.95 0.28
CA ALA A 214 -43.38 -2.05 1.28
C ALA A 214 -43.51 -0.64 0.72
N GLY A 215 -42.41 -0.07 0.23
CA GLY A 215 -42.44 1.30 -0.26
C GLY A 215 -43.30 1.47 -1.50
N HIS A 216 -43.21 0.52 -2.44
CA HIS A 216 -43.89 0.59 -3.72
C HIS A 216 -44.75 -0.65 -3.92
N GLY A 217 -45.38 -0.73 -5.08
CA GLY A 217 -46.27 -1.84 -5.40
C GLY A 217 -45.64 -2.86 -6.32
N LEU A 218 -45.96 -2.79 -7.60
CA LEU A 218 -45.42 -3.74 -8.57
C LEU A 218 -43.89 -3.73 -8.53
N VAL A 219 -43.30 -4.92 -8.52
CA VAL A 219 -41.86 -5.05 -8.43
C VAL A 219 -41.24 -4.88 -9.81
N ASN A 220 -40.84 -3.66 -10.13
CA ASN A 220 -40.17 -3.34 -11.38
C ASN A 220 -38.74 -2.91 -11.11
N ALA A 221 -37.92 -2.91 -12.17
CA ALA A 221 -36.53 -2.47 -12.02
C ALA A 221 -36.47 -1.03 -11.53
N ASP A 222 -37.30 -0.16 -12.10
CA ASP A 222 -37.34 1.23 -11.63
C ASP A 222 -37.75 1.30 -10.17
N ASN A 223 -38.81 0.56 -9.80
CA ASN A 223 -39.24 0.55 -8.41
C ASN A 223 -38.17 -0.03 -7.50
N VAL A 224 -37.52 -1.10 -7.93
CA VAL A 224 -36.50 -1.74 -7.10
C VAL A 224 -35.35 -0.77 -6.86
N PHE A 225 -34.89 -0.09 -7.90
CA PHE A 225 -33.76 0.82 -7.75
C PHE A 225 -34.14 2.16 -7.17
N LYS A 226 -35.44 2.48 -7.07
CA LYS A 226 -35.86 3.60 -6.25
C LYS A 226 -35.56 3.38 -4.78
N ILE A 227 -35.35 2.12 -4.37
CA ILE A 227 -35.10 1.78 -2.99
C ILE A 227 -33.67 1.30 -2.77
N VAL A 228 -33.09 0.59 -3.73
CA VAL A 228 -31.74 0.07 -3.56
C VAL A 228 -30.76 1.21 -3.36
N ASP A 229 -30.85 2.23 -4.22
CA ASP A 229 -30.12 3.51 -4.41
C ASP A 229 -28.86 3.30 -5.24
N SER A 230 -28.54 2.08 -5.67
CA SER A 230 -27.36 1.85 -6.46
C SER A 230 -27.54 2.37 -7.88
N PRO A 231 -26.46 2.58 -8.62
CA PRO A 231 -26.59 3.06 -10.00
C PRO A 231 -27.46 2.13 -10.83
N HIS A 232 -28.28 2.72 -11.69
CA HIS A 232 -29.24 1.94 -12.47
C HIS A 232 -28.52 1.23 -13.61
N PRO A 233 -28.58 -0.10 -13.68
CA PRO A 233 -27.85 -0.79 -14.76
C PRO A 233 -28.31 -0.41 -16.15
N LEU A 234 -29.60 -0.12 -16.35
CA LEU A 234 -30.07 0.26 -17.68
C LEU A 234 -29.48 1.60 -18.11
N ILE A 235 -29.38 2.55 -17.18
CA ILE A 235 -28.80 3.85 -17.51
C ILE A 235 -27.34 3.67 -17.90
N VAL A 236 -26.59 2.87 -17.15
CA VAL A 236 -25.18 2.63 -17.47
C VAL A 236 -25.06 1.94 -18.82
N LYS A 237 -25.94 0.98 -19.10
CA LYS A 237 -25.90 0.28 -20.37
C LYS A 237 -26.17 1.25 -21.53
N LYS A 238 -27.16 2.13 -21.37
CA LYS A 238 -27.44 3.11 -22.40
C LYS A 238 -26.26 4.05 -22.60
N MET A 239 -25.63 4.47 -21.51
CA MET A 239 -24.46 5.35 -21.61
C MET A 239 -23.33 4.66 -22.35
N LEU A 240 -23.08 3.39 -22.04
CA LEU A 240 -21.96 2.68 -22.65
C LEU A 240 -22.23 2.39 -24.13
N LEU A 241 -23.47 2.04 -24.47
CA LEU A 241 -23.82 1.65 -25.82
C LEU A 241 -24.36 2.81 -26.66
N ALA A 242 -24.38 4.03 -26.13
CA ALA A 242 -24.86 5.16 -26.89
C ALA A 242 -24.05 5.33 -28.18
N SER A 243 -24.75 5.48 -29.30
CA SER A 243 -24.07 5.60 -30.58
C SER A 243 -23.23 6.87 -30.65
N ASN A 244 -23.76 7.98 -30.15
CA ASN A 244 -23.09 9.27 -30.23
C ASN A 244 -22.41 9.59 -28.90
N LEU A 245 -21.19 10.12 -28.99
CA LEU A 245 -20.41 10.40 -27.78
C LEU A 245 -21.07 11.47 -26.93
N GLU A 246 -21.62 12.52 -27.55
CA GLU A 246 -22.20 13.61 -26.78
C GLU A 246 -23.39 13.12 -25.95
N ASP A 247 -24.19 12.21 -26.50
CA ASP A 247 -25.30 11.65 -25.72
C ASP A 247 -24.80 10.90 -24.50
N SER A 248 -23.73 10.10 -24.68
CA SER A 248 -23.17 9.38 -23.53
C SER A 248 -22.63 10.34 -22.49
N ILE A 249 -21.95 11.40 -22.92
CA ILE A 249 -21.42 12.39 -21.98
C ILE A 249 -22.56 13.06 -21.22
N GLN A 250 -23.63 13.42 -21.94
CA GLN A 250 -24.77 14.04 -21.28
C GLN A 250 -25.41 13.10 -20.27
N ILE A 251 -25.54 11.82 -20.62
CA ILE A 251 -26.12 10.85 -19.70
C ILE A 251 -25.26 10.73 -18.46
N LEU A 252 -23.93 10.64 -18.64
CA LEU A 252 -23.03 10.54 -17.50
C LEU A 252 -23.14 11.76 -16.60
N ARG A 253 -23.16 12.96 -17.19
CA ARG A 253 -23.27 14.17 -16.40
C ARG A 253 -24.59 14.25 -15.64
N THR A 254 -25.70 13.99 -16.31
CA THR A 254 -27.01 14.22 -15.72
C THR A 254 -27.45 13.06 -14.82
N ASP A 255 -27.60 11.88 -15.39
CA ASP A 255 -28.19 10.76 -14.66
C ASP A 255 -27.25 10.16 -13.63
N LEU A 256 -25.94 10.37 -13.75
CA LEU A 256 -24.97 9.74 -12.87
C LEU A 256 -24.19 10.74 -12.03
N TRP A 257 -23.53 11.71 -12.66
CA TRP A 257 -22.63 12.59 -11.92
C TRP A 257 -23.39 13.54 -11.00
N LYS A 258 -24.44 14.20 -11.54
CA LYS A 258 -25.20 15.15 -10.72
C LYS A 258 -26.07 14.46 -9.69
N LYS A 259 -26.28 13.15 -9.79
CA LYS A 259 -27.01 12.40 -8.78
C LYS A 259 -26.14 12.00 -7.59
N GLY A 260 -24.85 12.34 -7.62
CA GLY A 260 -23.95 12.07 -6.53
C GLY A 260 -23.23 10.74 -6.61
N TYR A 261 -23.55 9.89 -7.58
CA TYR A 261 -22.90 8.59 -7.70
C TYR A 261 -21.39 8.77 -7.83
N SER A 262 -20.64 7.99 -7.05
CA SER A 262 -19.19 8.08 -7.07
C SER A 262 -18.63 7.44 -8.33
N SER A 263 -17.41 7.85 -8.69
CA SER A 263 -16.76 7.32 -9.88
C SER A 263 -16.52 5.83 -9.74
N ILE A 264 -16.10 5.37 -8.56
CA ILE A 264 -15.83 3.96 -8.35
C ILE A 264 -17.08 3.13 -8.60
N ASP A 265 -18.23 3.59 -8.07
CA ASP A 265 -19.48 2.86 -8.29
C ASP A 265 -19.84 2.85 -9.77
N ILE A 266 -19.64 3.97 -10.46
CA ILE A 266 -19.98 4.04 -11.88
C ILE A 266 -19.14 3.06 -12.68
N VAL A 267 -17.84 3.00 -12.41
CA VAL A 267 -16.97 2.10 -13.16
C VAL A 267 -17.29 0.65 -12.83
N THR A 268 -17.59 0.36 -11.56
CA THR A 268 -17.96 -1.00 -11.19
C THR A 268 -19.23 -1.44 -11.91
N THR A 269 -20.24 -0.56 -11.95
CA THR A 269 -21.48 -0.89 -12.63
C THR A 269 -21.23 -1.06 -14.13
N SER A 270 -20.39 -0.21 -14.72
CA SER A 270 -20.08 -0.35 -16.14
C SER A 270 -19.40 -1.68 -16.43
N PHE A 271 -18.44 -2.08 -15.59
CA PHE A 271 -17.79 -3.36 -15.77
C PHE A 271 -18.78 -4.51 -15.65
N ARG A 272 -19.66 -4.45 -14.64
CA ARG A 272 -20.64 -5.52 -14.46
C ARG A 272 -21.57 -5.61 -15.66
N VAL A 273 -22.01 -4.47 -16.19
CA VAL A 273 -22.89 -4.47 -17.36
C VAL A 273 -22.15 -5.03 -18.57
N THR A 274 -20.90 -4.62 -18.77
CA THR A 274 -20.13 -5.11 -19.91
C THR A 274 -19.89 -6.60 -19.83
N LYS A 275 -19.75 -7.15 -18.62
CA LYS A 275 -19.53 -8.58 -18.48
C LYS A 275 -20.65 -9.39 -19.13
N ASN A 276 -21.87 -8.85 -19.14
CA ASN A 276 -23.04 -9.54 -19.70
C ASN A 276 -23.68 -8.64 -20.75
N LEU A 277 -23.39 -8.92 -22.02
CA LEU A 277 -23.99 -8.22 -23.14
C LEU A 277 -24.23 -9.22 -24.27
N ALA A 278 -25.05 -8.82 -25.24
CA ALA A 278 -25.46 -9.71 -26.32
C ALA A 278 -24.91 -9.28 -27.68
N GLN A 279 -25.19 -8.05 -28.11
CA GLN A 279 -24.82 -7.64 -29.45
C GLN A 279 -23.34 -7.32 -29.59
N VAL A 280 -22.69 -6.88 -28.51
CA VAL A 280 -21.28 -6.49 -28.60
C VAL A 280 -20.44 -7.69 -28.98
N LYS A 281 -19.52 -7.47 -29.92
CA LYS A 281 -18.59 -8.52 -30.33
C LYS A 281 -17.60 -8.80 -29.20
N GLU A 282 -17.00 -9.99 -29.24
CA GLU A 282 -16.05 -10.37 -28.20
C GLU A 282 -14.88 -9.40 -28.16
N SER A 283 -14.36 -9.00 -29.32
CA SER A 283 -13.26 -8.04 -29.35
C SER A 283 -13.69 -6.71 -28.75
N VAL A 284 -14.89 -6.23 -29.12
CA VAL A 284 -15.38 -4.97 -28.57
C VAL A 284 -15.63 -5.10 -27.07
N ARG A 285 -16.20 -6.24 -26.65
CA ARG A 285 -16.47 -6.44 -25.22
C ARG A 285 -15.18 -6.39 -24.42
N LEU A 286 -14.15 -7.10 -24.89
CA LEU A 286 -12.89 -7.15 -24.15
C LEU A 286 -12.13 -5.82 -24.22
N GLU A 287 -12.25 -5.08 -25.33
CA GLU A 287 -11.66 -3.74 -25.36
C GLU A 287 -12.35 -2.82 -24.36
N MET A 288 -13.67 -2.90 -24.27
CA MET A 288 -14.39 -2.10 -23.28
C MET A 288 -13.98 -2.50 -21.87
N ILE A 289 -13.81 -3.80 -21.64
CA ILE A 289 -13.35 -4.25 -20.32
C ILE A 289 -11.97 -3.69 -20.01
N LYS A 290 -11.08 -3.68 -21.01
CA LYS A 290 -9.75 -3.12 -20.80
C LYS A 290 -9.83 -1.64 -20.44
N GLU A 291 -10.64 -0.89 -21.17
CA GLU A 291 -10.76 0.54 -20.88
C GLU A 291 -11.33 0.78 -19.49
N ILE A 292 -12.35 0.00 -19.11
CA ILE A 292 -12.93 0.13 -17.78
C ILE A 292 -11.91 -0.21 -16.71
N GLY A 293 -11.08 -1.23 -16.97
CA GLY A 293 -10.05 -1.59 -16.00
C GLY A 293 -8.99 -0.50 -15.83
N LEU A 294 -8.57 0.10 -16.94
CA LEU A 294 -7.63 1.22 -16.84
C LEU A 294 -8.25 2.39 -16.08
N THR A 295 -9.51 2.70 -16.36
CA THR A 295 -10.18 3.77 -15.63
C THR A 295 -10.26 3.45 -14.14
N HIS A 296 -10.58 2.19 -13.79
CA HIS A 296 -10.64 1.79 -12.40
C HIS A 296 -9.28 1.93 -11.72
N MET A 297 -8.21 1.51 -12.42
CA MET A 297 -6.87 1.65 -11.85
C MET A 297 -6.53 3.12 -11.62
N ARG A 298 -6.86 3.98 -12.58
CA ARG A 298 -6.59 5.40 -12.41
C ARG A 298 -7.37 5.97 -11.23
N ILE A 299 -8.63 5.58 -11.09
CA ILE A 299 -9.45 6.09 -9.99
C ILE A 299 -8.90 5.63 -8.64
N LEU A 300 -8.53 4.35 -8.54
CA LEU A 300 -8.04 3.82 -7.28
C LEU A 300 -6.76 4.49 -6.82
N GLU A 301 -5.98 5.06 -7.75
CA GLU A 301 -4.71 5.68 -7.39
C GLU A 301 -4.87 7.11 -6.89
N GLY A 302 -6.07 7.68 -6.96
CA GLY A 302 -6.30 9.01 -6.42
C GLY A 302 -7.11 9.92 -7.31
N VAL A 303 -7.02 9.73 -8.63
CA VAL A 303 -7.70 10.62 -9.59
C VAL A 303 -9.10 10.05 -9.78
N GLY A 304 -9.99 10.37 -8.85
CA GLY A 304 -11.39 10.01 -8.96
C GLY A 304 -12.23 11.13 -9.51
N THR A 305 -11.85 11.66 -10.67
CA THR A 305 -12.50 12.83 -11.25
C THR A 305 -13.37 12.44 -12.42
N TYR A 306 -14.25 13.38 -12.82
CA TYR A 306 -15.16 13.15 -13.91
C TYR A 306 -14.44 13.03 -15.24
N LEU A 307 -13.33 13.74 -15.41
CA LEU A 307 -12.61 13.72 -16.67
C LEU A 307 -12.15 12.30 -17.03
N GLN A 308 -11.80 11.50 -16.02
CA GLN A 308 -11.43 10.11 -16.30
C GLN A 308 -12.60 9.33 -16.89
N LEU A 309 -13.80 9.52 -16.33
CA LEU A 309 -14.97 8.85 -16.88
C LEU A 309 -15.28 9.34 -18.30
N ALA A 310 -15.11 10.65 -18.54
CA ALA A 310 -15.33 11.17 -19.88
C ALA A 310 -14.34 10.57 -20.87
N SER A 311 -13.08 10.45 -20.48
CA SER A 311 -12.08 9.85 -21.35
C SER A 311 -12.40 8.38 -21.59
N MET A 312 -12.85 7.66 -20.56
CA MET A 312 -13.24 6.27 -20.76
C MET A 312 -14.39 6.15 -21.75
N LEU A 313 -15.39 7.02 -21.63
CA LEU A 313 -16.51 6.99 -22.58
C LEU A 313 -16.04 7.31 -23.99
N ALA A 314 -15.15 8.29 -24.13
CA ALA A 314 -14.63 8.63 -25.46
C ALA A 314 -13.87 7.46 -26.06
N LYS A 315 -13.04 6.79 -25.27
CA LYS A 315 -12.30 5.64 -25.77
C LYS A 315 -13.25 4.52 -26.17
N ILE A 316 -14.29 4.28 -25.37
CA ILE A 316 -15.26 3.25 -25.71
C ILE A 316 -15.96 3.58 -27.01
N HIS A 317 -16.35 4.85 -27.19
CA HIS A 317 -16.99 5.25 -28.44
C HIS A 317 -16.06 5.07 -29.62
N LYS A 318 -14.79 5.45 -29.47
CA LYS A 318 -13.82 5.24 -30.53
C LYS A 318 -13.69 3.76 -30.87
N LEU A 319 -13.74 2.91 -29.85
CA LEU A 319 -13.65 1.46 -30.08
C LEU A 319 -14.83 0.96 -30.91
N ASN A 320 -16.03 1.46 -30.64
CA ASN A 320 -17.23 1.03 -31.37
C ASN A 320 -17.22 1.47 -32.83
N ASN A 321 -16.37 2.42 -33.20
CA ASN A 321 -16.29 2.88 -34.59
C ASN A 321 -15.53 1.88 -35.44
N ASN B 12 -23.85 34.62 16.06
CA ASN B 12 -24.49 33.77 17.05
C ASN B 12 -24.44 32.31 16.59
N LEU B 13 -25.55 31.58 16.72
CA LEU B 13 -25.59 30.19 16.29
C LEU B 13 -25.38 30.11 14.78
N PRO B 14 -24.68 29.07 14.29
CA PRO B 14 -24.49 28.95 12.84
C PRO B 14 -25.83 28.86 12.12
N TRP B 15 -25.87 29.43 10.91
CA TRP B 15 -27.11 29.49 10.15
C TRP B 15 -27.64 28.11 9.82
N VAL B 16 -26.80 27.07 9.87
CA VAL B 16 -27.28 25.71 9.61
C VAL B 16 -28.32 25.31 10.65
N GLU B 17 -28.03 25.59 11.92
CA GLU B 17 -28.95 25.25 13.01
C GLU B 17 -29.90 26.38 13.37
N LYS B 18 -29.53 27.62 13.07
CA LYS B 18 -30.42 28.74 13.40
C LYS B 18 -31.74 28.64 12.64
N TYR B 19 -31.69 28.26 11.37
CA TYR B 19 -32.87 28.15 10.52
C TYR B 19 -33.33 26.70 10.35
N ARG B 20 -32.91 25.80 11.24
CA ARG B 20 -33.33 24.42 11.14
C ARG B 20 -34.86 24.34 11.31
N PRO B 21 -35.55 23.53 10.51
CA PRO B 21 -37.01 23.42 10.67
C PRO B 21 -37.39 23.00 12.08
N GLU B 22 -38.47 23.60 12.59
CA GLU B 22 -38.95 23.28 13.93
C GLU B 22 -40.03 22.21 13.93
N THR B 23 -40.80 22.10 12.85
CA THR B 23 -41.86 21.11 12.73
C THR B 23 -41.80 20.46 11.36
N LEU B 24 -42.39 19.26 11.27
CA LEU B 24 -42.39 18.53 10.01
C LEU B 24 -43.09 19.32 8.90
N ASP B 25 -44.03 20.19 9.25
CA ASP B 25 -44.69 21.02 8.26
C ASP B 25 -43.74 22.02 7.61
N GLU B 26 -42.57 22.24 8.21
CA GLU B 26 -41.58 23.16 7.67
C GLU B 26 -40.56 22.46 6.79
N VAL B 27 -40.75 21.17 6.49
CA VAL B 27 -39.87 20.41 5.61
C VAL B 27 -40.49 20.37 4.23
N TYR B 28 -39.74 20.78 3.22
CA TYR B 28 -40.24 20.92 1.86
C TYR B 28 -39.34 20.20 0.88
N GLY B 29 -39.94 19.71 -0.21
CA GLY B 29 -39.22 18.94 -1.21
C GLY B 29 -39.13 17.46 -0.90
N GLN B 30 -39.67 17.01 0.23
CA GLN B 30 -39.66 15.61 0.63
C GLN B 30 -41.06 15.21 1.09
N ASN B 31 -42.06 15.54 0.28
CA ASN B 31 -43.44 15.35 0.68
C ASN B 31 -43.77 13.88 0.94
N GLU B 32 -43.22 12.97 0.14
CA GLU B 32 -43.55 11.55 0.31
C GLU B 32 -43.12 11.04 1.68
N VAL B 33 -41.85 11.26 2.03
CA VAL B 33 -41.36 10.78 3.33
C VAL B 33 -42.04 11.53 4.45
N ILE B 34 -42.32 12.83 4.26
CA ILE B 34 -42.96 13.61 5.30
C ILE B 34 -44.35 13.07 5.62
N THR B 35 -45.14 12.77 4.58
CA THR B 35 -46.46 12.22 4.81
C THR B 35 -46.39 10.79 5.33
N THR B 36 -45.35 10.04 4.93
CA THR B 36 -45.18 8.70 5.49
C THR B 36 -44.91 8.74 6.98
N VAL B 37 -44.08 9.70 7.43
CA VAL B 37 -43.72 9.79 8.84
C VAL B 37 -44.73 10.58 9.66
N ARG B 38 -45.64 11.32 9.02
CA ARG B 38 -46.66 12.03 9.77
C ARG B 38 -47.56 11.09 10.56
N LYS B 39 -47.59 9.80 10.21
CA LYS B 39 -48.37 8.84 10.98
C LYS B 39 -47.70 8.52 12.30
N PHE B 40 -46.36 8.54 12.34
CA PHE B 40 -45.65 8.14 13.55
C PHE B 40 -45.86 9.14 14.68
N VAL B 41 -45.87 10.43 14.35
CA VAL B 41 -46.10 11.45 15.37
C VAL B 41 -47.48 11.27 15.99
N ASP B 42 -48.46 10.89 15.18
CA ASP B 42 -49.81 10.68 15.69
C ASP B 42 -49.86 9.42 16.56
N GLU B 43 -49.50 8.27 15.98
CA GLU B 43 -49.51 7.02 16.75
C GLU B 43 -48.51 7.07 17.90
N GLY B 44 -47.32 7.61 17.64
CA GLY B 44 -46.31 7.79 18.66
C GLY B 44 -45.34 6.64 18.83
N LYS B 45 -45.55 5.51 18.15
CA LYS B 45 -44.64 4.39 18.22
C LYS B 45 -43.58 4.54 17.13
N LEU B 46 -42.33 4.72 17.54
CA LEU B 46 -41.23 4.99 16.61
C LEU B 46 -40.35 3.77 16.49
N PRO B 47 -40.29 3.10 15.33
CA PRO B 47 -39.32 2.01 15.15
C PRO B 47 -37.98 2.54 14.67
N HIS B 48 -37.02 1.64 14.46
CA HIS B 48 -35.71 2.03 13.96
C HIS B 48 -35.84 2.59 12.54
N LEU B 49 -35.10 3.66 12.26
CA LEU B 49 -35.19 4.37 11.00
C LEU B 49 -33.81 4.48 10.36
N LEU B 50 -33.81 4.65 9.03
CA LEU B 50 -32.57 4.84 8.28
C LEU B 50 -32.85 5.87 7.19
N PHE B 51 -32.41 7.11 7.42
CA PHE B 51 -32.59 8.19 6.46
C PHE B 51 -31.33 8.30 5.59
N TYR B 52 -31.49 8.11 4.28
CA TYR B 52 -30.37 8.17 3.36
C TYR B 52 -30.74 9.05 2.16
N GLY B 53 -29.72 9.70 1.61
CA GLY B 53 -29.89 10.59 0.48
C GLY B 53 -28.71 11.54 0.34
N PRO B 54 -28.72 12.36 -0.70
CA PRO B 54 -27.63 13.31 -0.88
C PRO B 54 -27.58 14.30 0.26
N PRO B 55 -26.40 14.82 0.60
CA PRO B 55 -26.28 15.71 1.76
C PRO B 55 -27.06 17.00 1.57
N GLY B 56 -27.48 17.57 2.69
CA GLY B 56 -28.23 18.82 2.66
C GLY B 56 -29.60 18.71 2.04
N THR B 57 -30.35 17.65 2.38
CA THR B 57 -31.69 17.45 1.86
C THR B 57 -32.76 17.41 2.95
N GLY B 58 -32.36 17.47 4.22
CA GLY B 58 -33.31 17.54 5.31
C GLY B 58 -33.45 16.29 6.16
N LYS B 59 -32.55 15.31 6.01
CA LYS B 59 -32.63 14.12 6.85
C LYS B 59 -32.51 14.48 8.32
N THR B 60 -31.45 15.22 8.68
CA THR B 60 -31.30 15.66 10.06
C THR B 60 -32.44 16.57 10.47
N SER B 61 -32.82 17.50 9.60
CA SER B 61 -33.94 18.37 9.90
C SER B 61 -35.22 17.59 10.13
N THR B 62 -35.49 16.61 9.26
CA THR B 62 -36.71 15.83 9.38
C THR B 62 -36.72 15.04 10.69
N ILE B 63 -35.61 14.37 11.02
CA ILE B 63 -35.59 13.56 12.23
C ILE B 63 -35.71 14.44 13.47
N VAL B 64 -35.02 15.59 13.49
CA VAL B 64 -35.11 16.48 14.64
C VAL B 64 -36.53 17.01 14.79
N ALA B 65 -37.16 17.40 13.68
CA ALA B 65 -38.53 17.89 13.76
C ALA B 65 -39.48 16.82 14.28
N LEU B 66 -39.32 15.58 13.79
CA LEU B 66 -40.18 14.49 14.26
C LEU B 66 -39.96 14.24 15.75
N ALA B 67 -38.70 14.24 16.20
CA ALA B 67 -38.42 14.01 17.61
C ALA B 67 -39.02 15.13 18.47
N ARG B 68 -38.88 16.38 18.04
CA ARG B 68 -39.47 17.48 18.79
C ARG B 68 -40.97 17.36 18.87
N GLU B 69 -41.62 17.00 17.74
CA GLU B 69 -43.06 16.88 17.73
C GLU B 69 -43.53 15.73 18.60
N ILE B 70 -42.76 14.64 18.67
CA ILE B 70 -43.17 13.48 19.46
C ILE B 70 -42.92 13.72 20.95
N TYR B 71 -41.66 13.90 21.32
CA TYR B 71 -41.30 14.01 22.72
C TYR B 71 -41.85 15.30 23.34
N GLY B 72 -41.62 16.42 22.66
CA GLY B 72 -42.03 17.71 23.20
C GLY B 72 -40.89 18.42 23.91
N LYS B 73 -41.14 18.89 25.13
CA LYS B 73 -40.10 19.57 25.90
C LYS B 73 -39.03 18.62 26.41
N ASN B 74 -39.25 17.30 26.31
CA ASN B 74 -38.28 16.31 26.75
C ASN B 74 -37.24 15.99 25.67
N TYR B 75 -37.05 16.88 24.70
CA TYR B 75 -36.11 16.62 23.63
C TYR B 75 -34.69 16.45 24.16
N SER B 76 -34.30 17.29 25.13
CA SER B 76 -32.92 17.25 25.62
C SER B 76 -32.60 15.90 26.24
N ASN B 77 -33.51 15.34 27.04
CA ASN B 77 -33.27 14.10 27.76
C ASN B 77 -33.71 12.86 27.01
N MET B 78 -34.32 13.01 25.83
CA MET B 78 -34.82 11.86 25.06
C MET B 78 -34.27 11.83 23.64
N VAL B 79 -33.28 12.66 23.32
CA VAL B 79 -32.68 12.69 21.98
C VAL B 79 -31.19 12.93 22.13
N LEU B 80 -30.39 11.95 21.74
CA LEU B 80 -28.94 12.05 21.77
C LEU B 80 -28.41 12.05 20.34
N GLU B 81 -27.78 13.16 19.94
CA GLU B 81 -27.25 13.30 18.59
C GLU B 81 -25.76 13.02 18.61
N LEU B 82 -25.31 12.09 17.76
CA LEU B 82 -23.91 11.72 17.67
C LEU B 82 -23.49 11.64 16.20
N ASN B 83 -22.20 11.85 15.97
CA ASN B 83 -21.59 11.78 14.65
C ASN B 83 -20.61 10.63 14.62
N ALA B 84 -20.73 9.77 13.60
CA ALA B 84 -19.87 8.60 13.49
C ALA B 84 -18.42 8.97 13.23
N SER B 85 -18.16 10.18 12.73
CA SER B 85 -16.80 10.62 12.41
C SER B 85 -16.26 11.60 13.47
N ASP B 86 -16.61 11.38 14.73
CA ASP B 86 -16.14 12.25 15.79
C ASP B 86 -14.64 12.08 16.01
N ASP B 87 -14.03 13.10 16.61
CA ASP B 87 -12.60 13.04 16.89
C ASP B 87 -12.25 11.87 17.80
N ARG B 88 -13.06 11.66 18.84
CA ARG B 88 -12.84 10.52 19.73
C ARG B 88 -13.08 9.21 19.00
N GLY B 89 -12.43 8.15 19.50
CA GLY B 89 -12.54 6.86 18.85
C GLY B 89 -13.97 6.36 18.85
N ILE B 90 -14.28 5.52 17.86
CA ILE B 90 -15.63 4.97 17.74
C ILE B 90 -16.00 4.17 18.99
N ASP B 91 -15.00 3.59 19.66
CA ASP B 91 -15.27 2.93 20.93
C ASP B 91 -15.87 3.90 21.93
N VAL B 92 -15.42 5.16 21.90
CA VAL B 92 -16.00 6.17 22.78
C VAL B 92 -17.46 6.41 22.42
N VAL B 93 -17.78 6.42 21.13
CA VAL B 93 -19.18 6.58 20.72
C VAL B 93 -20.02 5.42 21.22
N ARG B 94 -19.50 4.19 21.10
CA ARG B 94 -20.23 3.04 21.60
C ARG B 94 -20.44 3.12 23.11
N ASN B 95 -19.40 3.54 23.84
CA ASN B 95 -19.53 3.70 25.29
C ASN B 95 -20.57 4.75 25.64
N GLN B 96 -20.59 5.87 24.91
CA GLN B 96 -21.58 6.90 25.16
C GLN B 96 -22.99 6.37 24.91
N ILE B 97 -23.17 5.63 23.81
CA ILE B 97 -24.48 5.07 23.52
C ILE B 97 -24.90 4.09 24.61
N LYS B 98 -23.97 3.26 25.07
CA LYS B 98 -24.27 2.32 26.15
C LYS B 98 -24.66 3.05 27.42
N ASP B 99 -23.94 4.12 27.77
CA ASP B 99 -24.27 4.88 28.97
C ASP B 99 -25.64 5.52 28.85
N PHE B 100 -25.95 6.08 27.68
CA PHE B 100 -27.24 6.74 27.50
C PHE B 100 -28.40 5.74 27.52
N ALA B 101 -28.17 4.53 27.01
CA ALA B 101 -29.25 3.55 26.95
C ALA B 101 -29.46 2.86 28.29
N SER B 102 -28.37 2.41 28.93
CA SER B 102 -28.49 1.66 30.17
C SER B 102 -29.07 2.50 31.29
N THR B 103 -28.68 3.77 31.35
CA THR B 103 -29.15 4.64 32.44
C THR B 103 -30.66 4.67 32.49
N ARG B 104 -31.20 4.55 33.70
CA ARG B 104 -32.65 4.56 33.88
C ARG B 104 -33.25 5.85 33.35
N GLN B 105 -34.37 5.74 32.65
CA GLN B 105 -35.04 6.91 32.10
C GLN B 105 -35.51 7.82 33.23
N ILE B 106 -35.02 9.07 33.19
CA ILE B 106 -35.39 10.03 34.24
C ILE B 106 -36.89 10.29 34.21
N PHE B 107 -37.44 10.50 33.03
CA PHE B 107 -38.87 10.75 32.89
C PHE B 107 -39.67 9.47 32.68
N SER B 108 -39.07 8.45 32.06
CA SER B 108 -39.72 7.15 31.87
C SER B 108 -41.04 7.30 31.12
N LYS B 109 -40.97 7.95 29.95
CA LYS B 109 -42.13 8.13 29.08
C LYS B 109 -41.68 7.91 27.64
N GLY B 110 -42.02 6.73 27.10
CA GLY B 110 -41.68 6.41 25.73
C GLY B 110 -40.24 5.95 25.56
N PHE B 111 -39.88 5.71 24.30
CA PHE B 111 -38.55 5.26 23.97
C PHE B 111 -37.58 6.44 23.92
N LYS B 112 -36.29 6.12 23.82
CA LYS B 112 -35.23 7.11 23.69
C LYS B 112 -34.67 7.07 22.28
N LEU B 113 -34.37 8.24 21.73
CA LEU B 113 -33.92 8.37 20.35
C LEU B 113 -32.44 8.71 20.31
N ILE B 114 -31.70 7.99 19.46
CA ILE B 114 -30.29 8.24 19.20
C ILE B 114 -30.16 8.51 17.71
N ILE B 115 -29.82 9.75 17.38
CA ILE B 115 -29.66 10.17 15.99
C ILE B 115 -28.17 10.09 15.65
N LEU B 116 -27.81 9.09 14.85
CA LEU B 116 -26.41 8.84 14.47
C LEU B 116 -26.21 9.32 13.03
N ASP B 117 -25.20 10.17 12.83
CA ASP B 117 -24.99 10.82 11.56
C ASP B 117 -23.66 10.36 10.95
N GLU B 118 -23.58 10.46 9.62
CA GLU B 118 -22.42 10.00 8.86
C GLU B 118 -22.12 8.52 9.14
N ALA B 119 -23.18 7.72 9.24
CA ALA B 119 -23.01 6.30 9.53
C ALA B 119 -22.32 5.57 8.39
N ASP B 120 -22.46 6.06 7.15
CA ASP B 120 -21.86 5.37 6.02
C ASP B 120 -20.33 5.36 6.11
N ALA B 121 -19.74 6.35 6.77
CA ALA B 121 -18.30 6.45 6.85
C ALA B 121 -17.67 5.38 7.74
N MET B 122 -18.47 4.66 8.52
CA MET B 122 -17.91 3.67 9.43
C MET B 122 -17.33 2.49 8.68
N THR B 123 -16.38 1.81 9.31
CA THR B 123 -15.89 0.54 8.79
C THR B 123 -16.94 -0.55 9.00
N ASN B 124 -16.75 -1.68 8.33
CA ASN B 124 -17.72 -2.76 8.42
C ASN B 124 -17.87 -3.25 9.86
N ALA B 125 -16.74 -3.50 10.53
CA ALA B 125 -16.80 -4.02 11.90
C ALA B 125 -17.56 -3.07 12.82
N ALA B 126 -17.34 -1.76 12.66
CA ALA B 126 -18.10 -0.79 13.42
C ALA B 126 -19.60 -0.91 13.13
N GLN B 127 -19.96 -1.21 11.88
CA GLN B 127 -21.37 -1.36 11.55
C GLN B 127 -21.97 -2.60 12.19
N ASN B 128 -21.23 -3.72 12.23
CA ASN B 128 -21.72 -4.87 12.97
C ASN B 128 -21.84 -4.56 14.46
N ALA B 129 -20.91 -3.79 15.01
CA ALA B 129 -21.02 -3.40 16.42
C ALA B 129 -22.26 -2.56 16.66
N LEU B 130 -22.55 -1.62 15.75
CA LEU B 130 -23.76 -0.82 15.87
C LEU B 130 -25.01 -1.68 15.78
N ARG B 131 -25.00 -2.66 14.89
CA ARG B 131 -26.14 -3.58 14.78
C ARG B 131 -26.34 -4.35 16.08
N ARG B 132 -25.24 -4.81 16.68
CA ARG B 132 -25.33 -5.53 17.95
C ARG B 132 -25.91 -4.62 19.04
N VAL B 133 -25.42 -3.38 19.11
CA VAL B 133 -25.92 -2.45 20.12
C VAL B 133 -27.40 -2.18 19.90
N ILE B 134 -27.81 -2.05 18.65
CA ILE B 134 -29.23 -1.86 18.33
C ILE B 134 -30.04 -3.05 18.82
N GLU B 135 -29.54 -4.26 18.58
CA GLU B 135 -30.26 -5.46 19.01
C GLU B 135 -30.38 -5.51 20.53
N ARG B 136 -29.33 -5.11 21.24
CA ARG B 136 -29.33 -5.22 22.70
C ARG B 136 -30.44 -4.36 23.31
N TYR B 137 -30.60 -3.13 22.85
CA TYR B 137 -31.50 -2.15 23.46
C TYR B 137 -32.70 -1.85 22.58
N THR B 138 -33.26 -2.88 21.94
CA THR B 138 -34.41 -2.67 21.08
C THR B 138 -35.62 -2.17 21.87
N LYS B 139 -35.85 -2.74 23.06
CA LYS B 139 -37.03 -2.40 23.83
C LYS B 139 -36.93 -1.03 24.50
N ASN B 140 -35.73 -0.49 24.67
CA ASN B 140 -35.54 0.77 25.37
C ASN B 140 -35.06 1.91 24.48
N THR B 141 -34.23 1.62 23.48
CA THR B 141 -33.63 2.65 22.63
C THR B 141 -34.06 2.44 21.19
N ARG B 142 -34.37 3.55 20.51
CA ARG B 142 -34.67 3.55 19.09
C ARG B 142 -33.62 4.35 18.35
N PHE B 143 -33.14 3.79 17.24
CA PHE B 143 -32.02 4.36 16.50
C PHE B 143 -32.49 4.86 15.14
N CYS B 144 -32.11 6.09 14.81
CA CYS B 144 -32.35 6.67 13.49
C CYS B 144 -30.99 6.90 12.85
N VAL B 145 -30.57 5.97 12.02
CA VAL B 145 -29.27 6.05 11.36
C VAL B 145 -29.38 6.99 10.17
N LEU B 146 -28.56 8.04 10.17
CA LEU B 146 -28.52 9.00 9.08
C LEU B 146 -27.26 8.75 8.25
N ALA B 147 -27.44 8.55 6.96
CA ALA B 147 -26.32 8.29 6.05
C ALA B 147 -26.61 8.98 4.73
N ASN B 148 -25.67 8.85 3.79
CA ASN B 148 -25.85 9.37 2.45
C ASN B 148 -26.36 8.32 1.48
N TYR B 149 -25.74 7.14 1.46
CA TYR B 149 -26.11 6.07 0.54
C TYR B 149 -26.29 4.79 1.34
N ALA B 150 -27.39 4.07 1.09
CA ALA B 150 -27.68 2.86 1.84
C ALA B 150 -26.83 1.68 1.40
N HIS B 151 -26.28 1.71 0.18
CA HIS B 151 -25.61 0.53 -0.36
C HIS B 151 -24.29 0.24 0.33
N LYS B 152 -23.65 1.23 0.95
CA LYS B 152 -22.41 0.98 1.67
C LYS B 152 -22.63 0.42 3.08
N LEU B 153 -23.86 0.33 3.54
CA LEU B 153 -24.17 -0.23 4.84
C LEU B 153 -24.28 -1.74 4.76
N THR B 154 -23.93 -2.41 5.85
CA THR B 154 -24.02 -3.87 5.88
C THR B 154 -25.48 -4.30 5.74
N PRO B 155 -25.75 -5.45 5.11
CA PRO B 155 -27.15 -5.87 4.96
C PRO B 155 -27.89 -6.04 6.28
N ALA B 156 -27.20 -6.46 7.35
CA ALA B 156 -27.87 -6.67 8.62
C ALA B 156 -28.42 -5.37 9.17
N LEU B 157 -27.60 -4.32 9.20
CA LEU B 157 -28.06 -3.03 9.69
C LEU B 157 -29.19 -2.48 8.83
N LEU B 158 -29.10 -2.67 7.51
CA LEU B 158 -30.18 -2.26 6.63
C LEU B 158 -31.47 -2.98 6.96
N SER B 159 -31.39 -4.28 7.22
CA SER B 159 -32.58 -5.05 7.55
C SER B 159 -33.18 -4.63 8.88
N ARG B 160 -32.33 -4.27 9.85
CA ARG B 160 -32.82 -3.88 11.18
C ARG B 160 -33.45 -2.50 11.19
N CYS B 161 -33.36 -1.74 10.10
CA CYS B 161 -33.89 -0.38 10.04
C CYS B 161 -34.82 -0.23 8.85
N THR B 162 -35.80 0.66 9.00
CA THR B 162 -36.73 0.98 7.92
C THR B 162 -36.14 2.07 7.04
N ARG B 163 -36.05 1.81 5.74
CA ARG B 163 -35.38 2.72 4.81
C ARG B 163 -36.26 3.91 4.48
N PHE B 164 -35.63 5.07 4.32
CA PHE B 164 -36.30 6.27 3.85
C PHE B 164 -35.31 7.08 3.01
N ARG B 165 -35.65 7.28 1.74
CA ARG B 165 -34.80 7.98 0.80
C ARG B 165 -35.27 9.43 0.66
N PHE B 166 -34.32 10.36 0.73
CA PHE B 166 -34.60 11.78 0.56
C PHE B 166 -34.14 12.21 -0.83
N GLN B 167 -35.07 12.70 -1.64
CA GLN B 167 -34.76 13.11 -3.00
C GLN B 167 -34.07 14.46 -3.00
N PRO B 168 -33.35 14.78 -4.08
CA PRO B 168 -32.70 16.10 -4.16
C PRO B 168 -33.72 17.22 -4.07
N LEU B 169 -33.33 18.29 -3.37
CA LEU B 169 -34.25 19.41 -3.17
C LEU B 169 -34.54 20.10 -4.49
N PRO B 170 -35.80 20.44 -4.79
CA PRO B 170 -36.08 21.18 -6.02
C PRO B 170 -35.39 22.54 -6.02
N GLN B 171 -35.04 23.02 -7.22
CA GLN B 171 -34.36 24.29 -7.35
C GLN B 171 -35.23 25.44 -6.83
N GLU B 172 -36.54 25.36 -7.07
CA GLU B 172 -37.44 26.39 -6.57
C GLU B 172 -37.43 26.45 -5.05
N ALA B 173 -37.35 25.29 -4.40
CA ALA B 173 -37.27 25.26 -2.94
C ALA B 173 -36.00 25.96 -2.46
N ILE B 174 -34.87 25.72 -3.13
CA ILE B 174 -33.63 26.39 -2.75
C ILE B 174 -33.77 27.90 -2.97
N GLU B 175 -34.38 28.31 -4.08
CA GLU B 175 -34.61 29.72 -4.33
C GLU B 175 -35.39 30.36 -3.19
N ARG B 176 -36.50 29.72 -2.80
CA ARG B 176 -37.35 30.32 -1.78
C ARG B 176 -36.68 30.33 -0.41
N ARG B 177 -35.91 29.28 -0.10
CA ARG B 177 -35.18 29.27 1.17
C ARG B 177 -34.10 30.34 1.19
N ILE B 178 -33.42 30.57 0.05
CA ILE B 178 -32.43 31.63 -0.02
C ILE B 178 -33.10 32.98 0.18
N ALA B 179 -34.27 33.18 -0.44
CA ALA B 179 -35.00 34.43 -0.23
C ALA B 179 -35.40 34.59 1.23
N ASN B 180 -35.82 33.50 1.87
CA ASN B 180 -36.18 33.54 3.28
C ASN B 180 -34.98 33.97 4.13
N VAL B 181 -33.81 33.38 3.87
CA VAL B 181 -32.62 33.75 4.63
C VAL B 181 -32.27 35.21 4.38
N LEU B 182 -32.36 35.66 3.12
CA LEU B 182 -31.98 37.02 2.80
C LEU B 182 -32.98 38.05 3.31
N VAL B 183 -34.21 37.64 3.61
CA VAL B 183 -35.17 38.58 4.19
C VAL B 183 -35.08 38.60 5.72
N HIS B 184 -34.92 37.44 6.36
CA HIS B 184 -34.69 37.46 7.81
C HIS B 184 -33.36 38.11 8.15
N GLU B 185 -32.32 37.83 7.38
CA GLU B 185 -31.03 38.49 7.55
C GLU B 185 -30.94 39.66 6.59
N LYS B 186 -30.57 40.83 7.10
CA LYS B 186 -30.49 42.05 6.30
C LYS B 186 -29.26 41.94 5.41
N LEU B 187 -29.40 41.16 4.33
CA LEU B 187 -28.32 40.89 3.40
C LEU B 187 -28.83 41.06 1.97
N LYS B 188 -27.94 41.52 1.10
CA LYS B 188 -28.26 41.75 -0.31
C LYS B 188 -27.43 40.80 -1.17
N LEU B 189 -28.10 40.10 -2.08
CA LEU B 189 -27.45 39.13 -2.96
C LEU B 189 -27.89 39.40 -4.39
N SER B 190 -26.93 39.54 -5.29
CA SER B 190 -27.23 39.79 -6.69
C SER B 190 -27.68 38.50 -7.38
N PRO B 191 -28.49 38.60 -8.44
CA PRO B 191 -28.93 37.37 -9.13
C PRO B 191 -27.77 36.53 -9.63
N ASN B 192 -26.72 37.15 -10.16
CA ASN B 192 -25.57 36.38 -10.61
C ASN B 192 -24.88 35.68 -9.46
N ALA B 193 -24.74 36.37 -8.32
CA ALA B 193 -24.12 35.76 -7.16
C ALA B 193 -24.94 34.58 -6.66
N GLU B 194 -26.27 34.72 -6.61
CA GLU B 194 -27.11 33.63 -6.16
C GLU B 194 -27.05 32.45 -7.13
N LYS B 195 -27.03 32.73 -8.43
CA LYS B 195 -26.91 31.65 -9.41
C LYS B 195 -25.59 30.91 -9.24
N ALA B 196 -24.49 31.65 -9.06
CA ALA B 196 -23.19 31.01 -8.85
C ALA B 196 -23.19 30.18 -7.58
N LEU B 197 -23.79 30.70 -6.50
CA LEU B 197 -23.85 29.95 -5.25
C LEU B 197 -24.65 28.65 -5.43
N ILE B 198 -25.78 28.73 -6.12
CA ILE B 198 -26.59 27.53 -6.34
C ILE B 198 -25.81 26.52 -7.19
N GLU B 199 -25.13 26.99 -8.23
CA GLU B 199 -24.35 26.09 -9.07
C GLU B 199 -23.24 25.41 -8.28
N LEU B 200 -22.53 26.18 -7.46
CA LEU B 200 -21.42 25.60 -6.69
C LEU B 200 -21.93 24.63 -5.64
N SER B 201 -23.04 24.95 -4.97
CA SER B 201 -23.55 24.10 -3.91
C SER B 201 -23.94 22.73 -4.44
N ASN B 202 -24.58 22.68 -5.61
CA ASN B 202 -25.05 21.42 -6.20
C ASN B 202 -26.18 20.82 -5.38
N GLY B 203 -27.03 21.69 -4.82
CA GLY B 203 -28.19 21.26 -4.06
C GLY B 203 -27.98 21.10 -2.57
N ASP B 204 -26.74 21.19 -2.10
CA ASP B 204 -26.46 21.04 -0.68
C ASP B 204 -26.75 22.34 0.04
N MET B 205 -27.74 22.30 0.95
CA MET B 205 -28.13 23.52 1.67
C MET B 205 -27.12 23.90 2.75
N ARG B 206 -26.43 22.92 3.34
CA ARG B 206 -25.41 23.23 4.32
C ARG B 206 -24.37 24.18 3.73
N ARG B 207 -23.84 23.82 2.55
CA ARG B 207 -22.83 24.66 1.92
C ARG B 207 -23.39 26.01 1.53
N VAL B 208 -24.65 26.06 1.07
CA VAL B 208 -25.26 27.33 0.71
C VAL B 208 -25.29 28.26 1.92
N LEU B 209 -25.79 27.76 3.06
CA LEU B 209 -25.88 28.59 4.25
C LEU B 209 -24.51 28.99 4.75
N ASN B 210 -23.56 28.06 4.75
CA ASN B 210 -22.21 28.38 5.22
C ASN B 210 -21.57 29.46 4.36
N VAL B 211 -21.70 29.35 3.04
CA VAL B 211 -21.12 30.33 2.13
C VAL B 211 -21.80 31.68 2.31
N LEU B 212 -23.12 31.68 2.47
CA LEU B 212 -23.82 32.95 2.69
C LEU B 212 -23.35 33.62 3.97
N GLN B 213 -23.22 32.86 5.06
CA GLN B 213 -22.75 33.43 6.31
C GLN B 213 -21.33 33.96 6.19
N SER B 214 -20.45 33.20 5.53
CA SER B 214 -19.08 33.66 5.34
C SER B 214 -19.04 34.94 4.51
N CYS B 215 -19.82 35.00 3.43
CA CYS B 215 -19.85 36.20 2.60
C CYS B 215 -20.35 37.40 3.39
N LYS B 216 -21.39 37.20 4.21
CA LYS B 216 -21.86 38.29 5.05
C LYS B 216 -20.77 38.74 6.01
N ALA B 217 -20.02 37.80 6.58
CA ALA B 217 -18.93 38.15 7.48
C ALA B 217 -17.87 38.97 6.77
N THR B 218 -17.49 38.58 5.55
CA THR B 218 -16.45 39.30 4.83
C THR B 218 -16.88 40.71 4.46
N LEU B 219 -18.18 40.94 4.27
CA LEU B 219 -18.66 42.26 3.89
C LEU B 219 -18.25 43.29 4.93
N ASP B 220 -17.78 44.45 4.44
CA ASP B 220 -17.39 45.53 5.35
C ASP B 220 -18.58 45.98 6.20
N ASN B 221 -19.62 46.48 5.55
CA ASN B 221 -20.85 46.89 6.22
C ASN B 221 -22.00 46.04 5.70
N PRO B 222 -22.40 44.98 6.41
CA PRO B 222 -23.44 44.08 5.87
C PRO B 222 -24.77 44.76 5.66
N ASP B 223 -25.03 45.90 6.32
CA ASP B 223 -26.32 46.55 6.19
C ASP B 223 -26.52 47.21 4.83
N GLU B 224 -25.46 47.72 4.22
CA GLU B 224 -25.56 48.47 2.97
C GLU B 224 -24.67 47.91 1.86
N ASP B 225 -24.15 46.70 2.01
CA ASP B 225 -23.29 46.08 1.00
C ASP B 225 -23.99 44.86 0.42
N GLU B 226 -23.75 44.61 -0.87
CA GLU B 226 -24.34 43.51 -1.60
C GLU B 226 -23.27 42.53 -2.03
N ILE B 227 -23.58 41.24 -1.90
CA ILE B 227 -22.65 40.18 -2.29
C ILE B 227 -22.69 40.03 -3.81
N SER B 228 -21.53 39.80 -4.40
CA SER B 228 -21.39 39.63 -5.84
C SER B 228 -20.86 38.24 -6.15
N ASP B 229 -20.98 37.83 -7.42
CA ASP B 229 -20.50 36.53 -7.82
C ASP B 229 -19.02 36.36 -7.52
N ASP B 230 -18.24 37.44 -7.68
CA ASP B 230 -16.82 37.38 -7.35
C ASP B 230 -16.63 37.09 -5.87
N VAL B 231 -17.44 37.70 -5.00
CA VAL B 231 -17.34 37.44 -3.57
C VAL B 231 -17.64 35.97 -3.27
N ILE B 232 -18.68 35.43 -3.91
CA ILE B 232 -19.04 34.04 -3.69
C ILE B 232 -17.91 33.11 -4.12
N TYR B 233 -17.34 33.38 -5.31
CA TYR B 233 -16.25 32.54 -5.80
C TYR B 233 -15.03 32.63 -4.89
N GLU B 234 -14.72 33.83 -4.40
CA GLU B 234 -13.60 33.98 -3.48
C GLU B 234 -13.85 33.21 -2.19
N CYS B 235 -15.07 33.30 -1.65
CA CYS B 235 -15.39 32.58 -0.42
C CYS B 235 -15.27 31.08 -0.63
N CYS B 236 -15.80 30.57 -1.73
CA CYS B 236 -15.72 29.13 -2.02
C CYS B 236 -14.35 28.71 -2.54
N GLY B 237 -13.52 29.65 -2.97
CA GLY B 237 -12.22 29.30 -3.51
C GLY B 237 -12.30 28.44 -4.74
N ALA B 238 -13.25 28.74 -5.64
CA ALA B 238 -13.43 27.98 -6.87
C ALA B 238 -12.98 28.80 -8.06
N PRO B 239 -12.57 28.15 -9.16
CA PRO B 239 -12.14 28.91 -10.34
C PRO B 239 -13.25 29.81 -10.86
N ARG B 240 -12.88 31.03 -11.24
CA ARG B 240 -13.85 31.96 -11.80
C ARG B 240 -14.11 31.62 -13.26
N PRO B 241 -15.38 31.52 -13.69
CA PRO B 241 -15.63 31.20 -15.10
C PRO B 241 -15.00 32.20 -16.06
N SER B 242 -14.93 33.48 -15.68
CA SER B 242 -14.34 34.48 -16.57
C SER B 242 -12.88 34.17 -16.85
N ASP B 243 -12.11 33.80 -15.82
CA ASP B 243 -10.71 33.48 -16.03
C ASP B 243 -10.53 32.26 -16.92
N LEU B 244 -11.34 31.22 -16.71
CA LEU B 244 -11.25 30.03 -17.54
C LEU B 244 -11.58 30.35 -18.99
N LYS B 245 -12.64 31.15 -19.20
CA LYS B 245 -13.01 31.52 -20.57
C LYS B 245 -11.92 32.36 -21.22
N ALA B 246 -11.31 33.28 -20.48
CA ALA B 246 -10.22 34.07 -21.04
C ALA B 246 -9.04 33.19 -21.42
N VAL B 247 -8.69 32.23 -20.56
CA VAL B 247 -7.58 31.33 -20.86
C VAL B 247 -7.89 30.50 -22.10
N LEU B 248 -9.12 29.99 -22.20
CA LEU B 248 -9.50 29.20 -23.37
C LEU B 248 -9.44 30.04 -24.63
N LYS B 249 -9.94 31.27 -24.57
CA LYS B 249 -9.90 32.15 -25.74
C LYS B 249 -8.47 32.45 -26.16
N SER B 250 -7.59 32.69 -25.17
CA SER B 250 -6.18 32.93 -25.50
C SER B 250 -5.56 31.70 -26.14
N ILE B 251 -5.87 30.51 -25.63
CA ILE B 251 -5.30 29.30 -26.20
C ILE B 251 -5.81 29.07 -27.61
N LEU B 252 -7.06 29.42 -27.88
CA LEU B 252 -7.69 29.11 -29.16
C LEU B 252 -7.44 30.16 -30.23
N GLU B 253 -7.17 31.42 -29.85
CA GLU B 253 -7.13 32.51 -30.82
C GLU B 253 -5.88 33.38 -30.66
N ASP B 254 -4.78 32.83 -30.17
CA ASP B 254 -3.55 33.58 -30.02
C ASP B 254 -2.36 32.64 -30.21
N ASP B 255 -1.21 33.24 -30.51
CA ASP B 255 0.01 32.47 -30.76
C ASP B 255 0.47 31.79 -29.47
N TRP B 256 1.55 31.00 -29.60
CA TRP B 256 2.06 30.25 -28.45
C TRP B 256 2.55 31.17 -27.34
N GLY B 257 3.29 32.22 -27.68
CA GLY B 257 3.80 33.11 -26.66
C GLY B 257 2.70 33.75 -25.85
N THR B 258 1.70 34.30 -26.54
CA THR B 258 0.60 34.98 -25.85
C THR B 258 -0.18 34.00 -24.99
N ALA B 259 -0.48 32.80 -25.52
CA ALA B 259 -1.25 31.83 -24.76
C ALA B 259 -0.49 31.37 -23.53
N HIS B 260 0.81 31.09 -23.68
CA HIS B 260 1.62 30.66 -22.55
C HIS B 260 1.69 31.74 -21.49
N TYR B 261 1.92 32.98 -21.90
CA TYR B 261 1.99 34.09 -20.96
C TYR B 261 0.66 34.26 -20.23
N THR B 262 -0.45 34.21 -20.97
CA THR B 262 -1.76 34.38 -20.34
C THR B 262 -2.04 33.27 -19.33
N LEU B 263 -1.76 32.03 -19.71
CA LEU B 263 -2.00 30.91 -18.80
C LEU B 263 -1.18 31.06 -17.52
N ASN B 264 0.13 31.34 -17.68
CA ASN B 264 0.98 31.46 -16.50
C ASN B 264 0.53 32.64 -15.64
N LYS B 265 0.21 33.77 -16.26
CA LYS B 265 -0.21 34.95 -15.49
C LYS B 265 -1.48 34.66 -14.70
N VAL B 266 -2.48 34.06 -15.36
CA VAL B 266 -3.74 33.78 -14.68
C VAL B 266 -3.51 32.80 -13.53
N ARG B 267 -2.75 31.74 -13.78
CA ARG B 267 -2.52 30.74 -12.75
C ARG B 267 -1.78 31.34 -11.56
N SER B 268 -0.80 32.20 -11.81
CA SER B 268 -0.02 32.77 -10.72
C SER B 268 -0.82 33.81 -9.94
N ALA B 269 -1.58 34.66 -10.64
CA ALA B 269 -2.26 35.77 -10.01
C ALA B 269 -3.63 35.42 -9.46
N LYS B 270 -4.15 34.22 -9.74
CA LYS B 270 -5.44 33.80 -9.22
C LYS B 270 -5.37 32.53 -8.38
N GLY B 271 -4.18 31.97 -8.18
CA GLY B 271 -4.06 30.76 -7.38
C GLY B 271 -4.87 29.61 -7.94
N LEU B 272 -4.88 29.45 -9.26
CA LEU B 272 -5.68 28.42 -9.93
C LEU B 272 -4.76 27.26 -10.29
N ALA B 273 -5.03 26.09 -9.70
CA ALA B 273 -4.23 24.92 -9.98
C ALA B 273 -4.50 24.42 -11.40
N LEU B 274 -3.52 23.70 -11.95
CA LEU B 274 -3.65 23.22 -13.32
C LEU B 274 -4.80 22.23 -13.45
N ILE B 275 -4.98 21.36 -12.46
CA ILE B 275 -6.07 20.39 -12.51
C ILE B 275 -7.42 21.10 -12.52
N ASP B 276 -7.58 22.10 -11.65
CA ASP B 276 -8.83 22.85 -11.61
C ASP B 276 -9.08 23.58 -12.92
N LEU B 277 -8.03 24.17 -13.49
CA LEU B 277 -8.17 24.84 -14.78
C LEU B 277 -8.60 23.85 -15.86
N ILE B 278 -8.02 22.65 -15.86
CA ILE B 278 -8.37 21.65 -16.87
C ILE B 278 -9.83 21.24 -16.71
N GLU B 279 -10.27 20.99 -15.47
CA GLU B 279 -11.67 20.61 -15.25
C GLU B 279 -12.61 21.72 -15.69
N GLY B 280 -12.29 22.98 -15.34
CA GLY B 280 -13.14 24.08 -15.76
C GLY B 280 -13.21 24.22 -17.27
N ILE B 281 -12.06 24.07 -17.94
CA ILE B 281 -12.04 24.17 -19.39
C ILE B 281 -12.86 23.05 -20.02
N VAL B 282 -12.75 21.83 -19.48
CA VAL B 282 -13.55 20.72 -19.99
C VAL B 282 -15.03 21.00 -19.81
N LYS B 283 -15.42 21.50 -18.64
CA LYS B 283 -16.82 21.80 -18.39
C LYS B 283 -17.33 22.87 -19.36
N ILE B 284 -16.52 23.91 -19.60
CA ILE B 284 -16.93 24.96 -20.53
C ILE B 284 -17.04 24.41 -21.94
N LEU B 285 -16.08 23.59 -22.36
CA LEU B 285 -16.06 23.07 -23.72
C LEU B 285 -17.16 22.07 -23.98
N GLU B 286 -17.66 21.38 -22.95
CA GLU B 286 -18.75 20.45 -23.16
C GLU B 286 -19.96 21.13 -23.79
N ASP B 287 -20.11 22.44 -23.57
CA ASP B 287 -21.19 23.19 -24.19
C ASP B 287 -20.88 23.66 -25.61
N TYR B 288 -19.62 23.54 -26.04
CA TYR B 288 -19.27 23.95 -27.40
C TYR B 288 -19.89 23.01 -28.42
N GLU B 289 -20.26 23.57 -29.57
CA GLU B 289 -20.84 22.80 -30.67
C GLU B 289 -19.72 22.54 -31.68
N LEU B 290 -19.20 21.32 -31.67
CA LEU B 290 -18.11 20.92 -32.55
C LEU B 290 -18.66 20.24 -33.80
N GLN B 291 -17.85 20.27 -34.87
CA GLN B 291 -18.22 19.64 -36.14
C GLN B 291 -17.75 18.20 -36.19
N ASN B 292 -16.45 17.98 -36.03
CA ASN B 292 -15.88 16.63 -36.03
C ASN B 292 -15.94 16.06 -34.62
N GLU B 293 -16.42 14.82 -34.50
CA GLU B 293 -16.56 14.19 -33.20
C GLU B 293 -15.23 13.70 -32.64
N GLU B 294 -14.21 13.52 -33.49
CA GLU B 294 -12.90 13.11 -33.01
C GLU B 294 -12.24 14.18 -32.13
N THR B 295 -12.62 15.44 -32.32
CA THR B 295 -12.05 16.50 -31.48
C THR B 295 -12.36 16.28 -30.01
N ARG B 296 -13.60 15.91 -29.70
CA ARG B 296 -13.97 15.66 -28.31
C ARG B 296 -13.17 14.48 -27.74
N VAL B 297 -13.02 13.42 -28.52
CA VAL B 297 -12.28 12.25 -28.05
C VAL B 297 -10.83 12.63 -27.75
N HIS B 298 -10.20 13.36 -28.68
CA HIS B 298 -8.81 13.75 -28.48
C HIS B 298 -8.67 14.65 -27.26
N LEU B 299 -9.55 15.65 -27.13
CA LEU B 299 -9.49 16.53 -25.97
C LEU B 299 -9.61 15.74 -24.68
N LEU B 300 -10.63 14.88 -24.58
CA LEU B 300 -10.87 14.15 -23.34
C LEU B 300 -9.69 13.25 -23.01
N THR B 301 -9.20 12.49 -24.00
CA THR B 301 -8.11 11.56 -23.73
C THR B 301 -6.84 12.30 -23.30
N LYS B 302 -6.46 13.33 -24.06
CA LYS B 302 -5.23 14.05 -23.74
C LYS B 302 -5.32 14.75 -22.40
N LEU B 303 -6.46 15.39 -22.10
CA LEU B 303 -6.60 16.09 -20.83
C LEU B 303 -6.63 15.11 -19.67
N ALA B 304 -7.26 13.95 -19.83
CA ALA B 304 -7.25 12.95 -18.78
C ALA B 304 -5.83 12.44 -18.53
N ASP B 305 -5.07 12.21 -19.60
CA ASP B 305 -3.69 11.78 -19.43
C ASP B 305 -2.88 12.85 -18.71
N ILE B 306 -3.07 14.12 -19.07
CA ILE B 306 -2.34 15.21 -18.42
C ILE B 306 -2.69 15.28 -16.94
N GLU B 307 -3.98 15.16 -16.61
CA GLU B 307 -4.38 15.20 -15.21
C GLU B 307 -3.80 14.03 -14.43
N TYR B 308 -3.81 12.83 -15.03
CA TYR B 308 -3.22 11.67 -14.37
C TYR B 308 -1.73 11.89 -14.11
N SER B 309 -1.01 12.43 -15.10
CA SER B 309 0.41 12.72 -14.90
C SER B 309 0.62 13.74 -13.80
N ILE B 310 -0.22 14.79 -13.78
CA ILE B 310 -0.07 15.83 -12.75
C ILE B 310 -0.31 15.23 -11.37
N SER B 311 -1.25 14.30 -11.25
CA SER B 311 -1.55 13.71 -9.96
C SER B 311 -0.30 13.08 -9.34
N LYS B 312 0.63 12.60 -10.17
CA LYS B 312 1.87 12.00 -9.70
C LYS B 312 3.02 12.99 -9.66
N GLY B 313 2.78 14.26 -9.97
CA GLY B 313 3.83 15.26 -9.97
C GLY B 313 4.58 15.29 -11.29
N GLY B 314 5.50 16.24 -11.38
CA GLY B 314 6.30 16.44 -12.56
C GLY B 314 6.56 17.91 -12.79
N ASN B 315 6.92 18.25 -14.03
CA ASN B 315 7.21 19.62 -14.40
C ASN B 315 5.92 20.35 -14.72
N ASP B 316 5.66 21.45 -14.00
CA ASP B 316 4.40 22.16 -14.18
C ASP B 316 4.36 22.91 -15.50
N GLN B 317 5.48 23.54 -15.88
CA GLN B 317 5.51 24.29 -17.14
C GLN B 317 5.28 23.37 -18.33
N ILE B 318 5.92 22.19 -18.32
CA ILE B 318 5.72 21.23 -19.40
C ILE B 318 4.27 20.77 -19.45
N GLN B 319 3.66 20.57 -18.29
CA GLN B 319 2.26 20.15 -18.25
C GLN B 319 1.34 21.23 -18.84
N GLY B 320 1.58 22.49 -18.48
CA GLY B 320 0.78 23.56 -19.05
C GLY B 320 0.95 23.69 -20.55
N SER B 321 2.19 23.59 -21.02
CA SER B 321 2.43 23.62 -22.47
C SER B 321 1.75 22.44 -23.15
N ALA B 322 1.75 21.28 -22.50
CA ALA B 322 1.07 20.12 -23.05
C ALA B 322 -0.43 20.35 -23.16
N VAL B 323 -1.02 20.97 -22.14
CA VAL B 323 -2.45 21.28 -22.19
C VAL B 323 -2.73 22.20 -23.36
N ILE B 324 -1.92 23.26 -23.51
CA ILE B 324 -2.13 24.21 -24.60
C ILE B 324 -2.03 23.51 -25.95
N GLY B 325 -0.98 22.70 -26.12
CA GLY B 325 -0.77 22.02 -27.38
C GLY B 325 -1.86 21.01 -27.69
N ALA B 326 -2.32 20.29 -26.67
CA ALA B 326 -3.40 19.33 -26.87
C ALA B 326 -4.67 20.04 -27.32
N ILE B 327 -5.01 21.15 -26.66
CA ILE B 327 -6.21 21.90 -27.06
C ILE B 327 -6.07 22.39 -28.49
N LYS B 328 -4.91 22.97 -28.83
CA LYS B 328 -4.72 23.51 -30.17
C LYS B 328 -4.80 22.41 -31.23
N ALA B 329 -4.13 21.29 -30.99
CA ALA B 329 -4.14 20.21 -31.97
C ALA B 329 -5.54 19.62 -32.12
N SER B 330 -6.26 19.44 -31.02
CA SER B 330 -7.61 18.90 -31.11
C SER B 330 -8.52 19.85 -31.88
N PHE B 331 -8.42 21.15 -31.63
CA PHE B 331 -9.26 22.11 -32.33
C PHE B 331 -8.83 22.33 -33.77
N GLU B 332 -7.62 21.95 -34.14
CA GLU B 332 -7.25 21.97 -35.56
C GLU B 332 -8.19 21.12 -36.40
N ASN B 333 -8.74 20.04 -35.81
CA ASN B 333 -9.65 19.18 -36.56
C ASN B 333 -10.94 19.89 -36.94
N GLU B 334 -11.26 20.98 -36.24
CA GLU B 334 -12.49 21.70 -36.55
C GLU B 334 -12.49 22.24 -37.98
N THR B 335 -11.34 22.69 -38.46
CA THR B 335 -11.23 23.20 -39.82
C THR B 335 -10.77 22.10 -40.78
N GLN C 24 26.25 27.91 11.27
CA GLN C 24 25.74 29.18 11.79
C GLN C 24 24.21 29.16 11.81
N GLN C 25 23.60 29.58 10.70
CA GLN C 25 22.15 29.61 10.57
C GLN C 25 21.77 29.87 9.12
N PRO C 26 20.76 29.20 8.58
CA PRO C 26 20.36 29.49 7.20
C PRO C 26 19.96 30.94 7.04
N TRP C 27 20.33 31.52 5.90
CA TRP C 27 20.04 32.94 5.65
C TRP C 27 18.55 33.19 5.46
N VAL C 28 17.76 32.15 5.18
CA VAL C 28 16.33 32.34 4.97
C VAL C 28 15.67 32.80 6.27
N GLU C 29 15.93 32.10 7.37
CA GLU C 29 15.38 32.51 8.65
C GLU C 29 16.15 33.68 9.27
N LYS C 30 17.45 33.77 8.99
CA LYS C 30 18.25 34.84 9.59
C LYS C 30 17.77 36.21 9.12
N TYR C 31 17.47 36.35 7.83
CA TYR C 31 17.07 37.61 7.24
C TYR C 31 15.57 37.74 7.05
N ARG C 32 14.79 36.96 7.78
CA ARG C 32 13.34 37.05 7.66
C ARG C 32 12.87 38.42 8.14
N PRO C 33 11.83 39.00 7.52
CA PRO C 33 11.34 40.30 8.00
C PRO C 33 10.93 40.24 9.46
N LYS C 34 11.24 41.32 10.18
CA LYS C 34 10.95 41.36 11.62
C LYS C 34 9.50 41.75 11.88
N ASN C 35 9.11 42.95 11.43
CA ASN C 35 7.77 43.48 11.64
C ASN C 35 7.01 43.50 10.31
N LEU C 36 5.73 43.89 10.39
CA LEU C 36 4.89 43.91 9.21
C LEU C 36 5.33 44.96 8.20
N ASP C 37 5.79 46.12 8.67
CA ASP C 37 6.21 47.18 7.76
C ASP C 37 7.43 46.79 6.93
N GLU C 38 8.15 45.75 7.31
CA GLU C 38 9.32 45.30 6.55
C GLU C 38 8.95 44.46 5.34
N VAL C 39 7.68 44.08 5.20
CA VAL C 39 7.23 43.32 4.03
C VAL C 39 7.02 44.28 2.87
N THR C 40 7.62 43.95 1.73
CA THR C 40 7.60 44.82 0.55
C THR C 40 6.74 44.21 -0.55
N ALA C 41 6.04 45.07 -1.29
CA ALA C 41 5.23 44.66 -2.43
C ALA C 41 4.07 43.77 -2.02
N GLN C 42 3.58 43.94 -0.79
CA GLN C 42 2.41 43.23 -0.29
C GLN C 42 1.47 44.21 0.41
N ASP C 43 1.20 45.34 -0.25
CA ASP C 43 0.46 46.41 0.40
C ASP C 43 -0.94 45.97 0.78
N HIS C 44 -1.65 45.31 -0.13
CA HIS C 44 -3.05 44.97 0.13
C HIS C 44 -3.17 43.97 1.28
N ALA C 45 -2.44 42.86 1.21
CA ALA C 45 -2.54 41.84 2.24
C ALA C 45 -2.06 42.37 3.57
N VAL C 46 -0.96 43.12 3.58
CA VAL C 46 -0.43 43.67 4.82
C VAL C 46 -1.43 44.64 5.44
N THR C 47 -2.04 45.49 4.62
CA THR C 47 -3.01 46.46 5.13
C THR C 47 -4.22 45.75 5.71
N VAL C 48 -4.72 44.71 5.03
CA VAL C 48 -5.86 43.97 5.56
C VAL C 48 -5.50 43.29 6.87
N LEU C 49 -4.28 42.75 6.96
CA LEU C 49 -3.85 42.11 8.20
C LEU C 49 -3.76 43.12 9.34
N LYS C 50 -3.23 44.32 9.06
CA LYS C 50 -3.19 45.35 10.10
C LYS C 50 -4.59 45.77 10.51
N LYS C 51 -5.52 45.87 9.56
CA LYS C 51 -6.90 46.19 9.91
C LYS C 51 -7.50 45.12 10.82
N THR C 52 -7.27 43.85 10.49
CA THR C 52 -7.76 42.77 11.33
C THR C 52 -7.12 42.82 12.72
N LEU C 53 -5.82 43.09 12.79
CA LEU C 53 -5.14 43.20 14.07
C LEU C 53 -5.74 44.32 14.91
N LYS C 54 -6.01 45.48 14.30
CA LYS C 54 -6.62 46.57 15.03
C LYS C 54 -8.03 46.21 15.49
N SER C 55 -8.77 45.45 14.68
CA SER C 55 -10.10 45.03 15.06
C SER C 55 -10.09 44.12 16.29
N ALA C 56 -8.92 43.56 16.64
CA ALA C 56 -8.76 42.69 17.80
C ALA C 56 -9.54 41.38 17.66
N ASN C 57 -9.87 40.98 16.43
CA ASN C 57 -10.56 39.72 16.18
C ASN C 57 -9.81 39.02 15.06
N LEU C 58 -9.22 37.86 15.36
CA LEU C 58 -8.42 37.13 14.39
C LEU C 58 -9.21 35.93 13.89
N PRO C 59 -9.69 35.93 12.65
CA PRO C 59 -10.37 34.74 12.11
C PRO C 59 -9.36 33.78 11.49
N HIS C 60 -9.89 32.63 11.06
CA HIS C 60 -9.06 31.65 10.38
C HIS C 60 -8.52 32.25 9.08
N MET C 61 -7.23 32.07 8.85
CA MET C 61 -6.52 32.70 7.74
C MET C 61 -6.08 31.66 6.73
N LEU C 62 -6.18 32.02 5.45
CA LEU C 62 -5.74 31.17 4.35
C LEU C 62 -4.91 32.05 3.41
N PHE C 63 -3.58 31.91 3.49
CA PHE C 63 -2.68 32.67 2.65
C PHE C 63 -2.37 31.85 1.41
N TYR C 64 -2.49 32.47 0.23
CA TYR C 64 -2.17 31.79 -1.02
C TYR C 64 -1.50 32.77 -1.98
N GLY C 65 -0.62 32.22 -2.80
CA GLY C 65 0.15 32.98 -3.76
C GLY C 65 1.33 32.18 -4.26
N PRO C 66 2.09 32.72 -5.21
CA PRO C 66 3.24 32.00 -5.72
C PRO C 66 4.29 31.82 -4.63
N PRO C 67 5.11 30.78 -4.73
CA PRO C 67 6.06 30.51 -3.65
C PRO C 67 7.09 31.63 -3.47
N GLY C 68 7.59 31.75 -2.25
CA GLY C 68 8.62 32.72 -1.93
C GLY C 68 8.17 34.16 -2.06
N THR C 69 7.00 34.48 -1.50
CA THR C 69 6.46 35.83 -1.54
C THR C 69 6.25 36.43 -0.16
N GLY C 70 6.60 35.72 0.91
CA GLY C 70 6.53 36.26 2.25
C GLY C 70 5.30 35.87 3.06
N LYS C 71 4.53 34.87 2.62
CA LYS C 71 3.39 34.42 3.41
C LYS C 71 3.84 33.98 4.80
N THR C 72 4.85 33.11 4.85
CA THR C 72 5.38 32.67 6.14
C THR C 72 5.95 33.84 6.93
N SER C 73 6.70 34.71 6.25
CA SER C 73 7.24 35.89 6.91
C SER C 73 6.13 36.78 7.44
N THR C 74 5.09 37.00 6.64
CA THR C 74 3.99 37.87 7.06
C THR C 74 3.28 37.29 8.28
N ILE C 75 3.00 35.99 8.27
CA ILE C 75 2.30 35.39 9.40
C ILE C 75 3.17 35.43 10.64
N LEU C 76 4.47 35.14 10.50
CA LEU C 76 5.35 35.18 11.66
C LEU C 76 5.43 36.58 12.24
N ALA C 77 5.51 37.60 11.38
CA ALA C 77 5.51 38.98 11.86
C ALA C 77 4.20 39.30 12.57
N LEU C 78 3.08 38.83 12.04
CA LEU C 78 1.80 39.07 12.69
C LEU C 78 1.76 38.44 14.09
N THR C 79 2.24 37.20 14.22
CA THR C 79 2.27 36.58 15.54
C THR C 79 3.20 37.34 16.48
N LYS C 80 4.37 37.75 16.01
CA LYS C 80 5.29 38.47 16.89
C LYS C 80 4.71 39.80 17.36
N GLU C 81 3.78 40.38 16.60
CA GLU C 81 3.12 41.62 16.99
C GLU C 81 1.87 41.37 17.83
N LEU C 82 1.51 40.11 18.07
CA LEU C 82 0.33 39.77 18.87
C LEU C 82 0.70 39.27 20.25
N TYR C 83 1.55 38.26 20.35
CA TYR C 83 1.95 37.71 21.64
C TYR C 83 3.23 38.35 22.17
N GLY C 84 4.14 38.74 21.28
CA GLY C 84 5.41 39.33 21.69
C GLY C 84 6.57 38.40 21.39
N PRO C 85 7.78 38.96 21.35
CA PRO C 85 8.94 38.12 21.01
C PRO C 85 9.12 36.92 21.93
N ASP C 86 8.83 37.08 23.22
CA ASP C 86 9.07 36.00 24.18
C ASP C 86 7.87 35.07 24.27
N LEU C 87 6.66 35.63 24.30
CA LEU C 87 5.46 34.82 24.49
C LEU C 87 5.13 34.02 23.23
N MET C 88 5.53 34.52 22.05
CA MET C 88 5.13 33.90 20.79
C MET C 88 5.45 32.41 20.79
N LYS C 89 6.63 32.03 21.28
CA LYS C 89 7.07 30.65 21.20
C LYS C 89 6.10 29.69 21.87
N SER C 90 5.29 30.18 22.81
CA SER C 90 4.33 29.33 23.50
C SER C 90 3.00 29.20 22.78
N ARG C 91 2.63 30.17 21.95
CA ARG C 91 1.32 30.20 21.32
C ARG C 91 1.37 29.87 19.83
N ILE C 92 2.54 29.52 19.29
CA ILE C 92 2.70 29.30 17.85
C ILE C 92 3.18 27.87 17.62
N LEU C 93 2.49 27.17 16.74
CA LEU C 93 2.92 25.86 16.27
C LEU C 93 2.99 25.87 14.75
N GLU C 94 3.92 25.11 14.20
CA GLU C 94 4.13 25.04 12.76
C GLU C 94 4.19 23.58 12.33
N LEU C 95 3.40 23.23 11.32
CA LEU C 95 3.38 21.88 10.77
C LEU C 95 3.34 21.96 9.25
N ASN C 96 3.89 20.93 8.61
CA ASN C 96 3.93 20.86 7.15
C ASN C 96 2.69 20.21 6.54
N ALA C 97 1.82 19.63 7.36
CA ALA C 97 0.58 19.00 6.92
C ALA C 97 0.83 17.82 5.97
N SER C 98 2.07 17.34 5.87
CA SER C 98 2.39 16.23 4.99
C SER C 98 2.33 14.91 5.75
N ASP C 99 1.88 13.87 5.05
CA ASP C 99 1.74 12.53 5.61
C ASP C 99 1.18 12.57 7.03
N ILE C 103 -2.58 11.49 7.77
CA ILE C 103 -3.51 12.44 8.38
C ILE C 103 -3.60 12.21 9.88
N SER C 104 -3.42 10.95 10.29
CA SER C 104 -3.52 10.63 11.71
C SER C 104 -2.45 11.37 12.52
N ILE C 105 -1.21 11.37 12.04
CA ILE C 105 -0.12 11.97 12.80
C ILE C 105 -0.38 13.45 13.02
N VAL C 106 -0.62 14.19 11.92
CA VAL C 106 -0.79 15.63 12.02
C VAL C 106 -2.01 15.96 12.85
N ARG C 107 -3.09 15.19 12.69
CA ARG C 107 -4.29 15.43 13.49
C ARG C 107 -3.99 15.25 14.97
N GLU C 108 -3.23 14.22 15.33
CA GLU C 108 -2.88 14.01 16.74
C GLU C 108 -2.02 15.15 17.27
N LYS C 109 -1.03 15.61 16.51
CA LYS C 109 -0.21 16.71 16.99
C LYS C 109 -1.03 17.98 17.17
N VAL C 110 -1.93 18.26 16.22
CA VAL C 110 -2.76 19.45 16.32
C VAL C 110 -3.66 19.35 17.55
N LYS C 111 -4.27 18.19 17.78
CA LYS C 111 -5.12 18.02 18.94
C LYS C 111 -4.33 18.20 20.23
N ASN C 112 -3.14 17.61 20.31
CA ASN C 112 -2.33 17.74 21.52
C ASN C 112 -1.95 19.19 21.77
N PHE C 113 -1.55 19.91 20.72
CA PHE C 113 -1.17 21.32 20.90
C PHE C 113 -2.37 22.15 21.33
N ALA C 114 -3.54 21.93 20.71
CA ALA C 114 -4.70 22.75 21.03
C ALA C 114 -5.21 22.47 22.45
N ARG C 115 -5.26 21.19 22.84
CA ARG C 115 -5.80 20.84 24.15
C ARG C 115 -4.95 21.40 25.28
N LEU C 116 -3.65 21.58 25.05
CA LEU C 116 -2.77 22.09 26.10
C LEU C 116 -3.25 23.46 26.56
N THR C 117 -3.28 23.64 27.88
CA THR C 117 -3.73 24.90 28.45
C THR C 117 -2.76 26.03 28.08
N VAL C 118 -3.30 27.21 27.79
CA VAL C 118 -2.48 28.36 27.45
C VAL C 118 -1.73 28.82 28.69
N SER C 119 -0.43 29.07 28.53
CA SER C 119 0.38 29.53 29.64
C SER C 119 -0.01 30.95 30.03
N LYS C 120 0.43 31.36 31.22
CA LYS C 120 0.06 32.67 31.75
C LYS C 120 0.98 33.74 31.17
N PRO C 121 0.45 34.76 30.50
CA PRO C 121 1.32 35.85 30.02
C PRO C 121 1.96 36.58 31.19
N SER C 122 3.15 37.13 30.93
CA SER C 122 3.90 37.85 31.94
C SER C 122 3.51 39.33 31.94
N LYS C 123 4.02 40.06 32.93
CA LYS C 123 3.70 41.48 33.04
C LYS C 123 4.20 42.26 31.83
N HIS C 124 5.43 41.98 31.40
CA HIS C 124 5.98 42.68 30.24
C HIS C 124 5.20 42.35 28.98
N ASP C 125 4.77 41.09 28.84
CA ASP C 125 4.02 40.69 27.65
C ASP C 125 2.72 41.48 27.54
N LEU C 126 2.01 41.64 28.65
CA LEU C 126 0.76 42.39 28.66
C LEU C 126 0.98 43.90 28.63
N GLU C 127 2.16 44.38 29.02
CA GLU C 127 2.41 45.81 29.07
C GLU C 127 2.40 46.44 27.68
N ASN C 128 3.00 45.76 26.70
CA ASN C 128 3.17 46.33 25.36
C ASN C 128 2.51 45.52 24.25
N TYR C 129 2.04 44.30 24.53
CA TYR C 129 1.41 43.47 23.52
C TYR C 129 0.02 43.07 24.01
N PRO C 130 -1.03 43.28 23.21
CA PRO C 130 -2.38 42.84 23.62
C PRO C 130 -2.61 41.35 23.34
N CYS C 131 -1.86 40.52 24.05
CA CYS C 131 -1.84 39.08 23.83
C CYS C 131 -3.25 38.50 23.80
N PRO C 132 -3.73 38.04 22.64
CA PRO C 132 -5.06 37.43 22.60
C PRO C 132 -5.07 36.12 23.36
N PRO C 133 -6.22 35.68 23.86
CA PRO C 133 -6.30 34.40 24.60
C PRO C 133 -6.56 33.21 23.68
N TYR C 134 -5.67 33.01 22.71
CA TYR C 134 -5.76 31.84 21.82
C TYR C 134 -4.38 31.58 21.23
N LYS C 135 -4.24 30.39 20.66
CA LYS C 135 -3.00 29.94 20.05
C LYS C 135 -3.18 29.83 18.54
N ILE C 136 -2.06 29.83 17.82
CA ILE C 136 -2.05 29.82 16.37
C ILE C 136 -1.26 28.61 15.88
N ILE C 137 -1.83 27.89 14.92
CA ILE C 137 -1.17 26.76 14.26
C ILE C 137 -1.11 27.06 12.77
N ILE C 138 0.09 26.97 12.21
CA ILE C 138 0.33 27.30 10.80
C ILE C 138 0.63 25.99 10.07
N LEU C 139 -0.24 25.64 9.11
CA LEU C 139 -0.10 24.42 8.33
C LEU C 139 0.39 24.80 6.94
N ASP C 140 1.69 24.65 6.71
CA ASP C 140 2.27 24.92 5.41
C ASP C 140 1.92 23.80 4.43
N GLU C 141 1.95 24.15 3.14
CA GLU C 141 1.65 23.19 2.07
C GLU C 141 0.27 22.56 2.28
N ALA C 142 -0.72 23.39 2.63
CA ALA C 142 -2.06 22.88 2.87
C ALA C 142 -2.69 22.32 1.59
N ASP C 143 -2.32 22.87 0.43
CA ASP C 143 -2.91 22.42 -0.82
C ASP C 143 -2.53 20.98 -1.16
N SER C 144 -1.48 20.44 -0.54
CA SER C 144 -1.06 19.07 -0.81
C SER C 144 -1.93 18.03 -0.11
N MET C 145 -2.80 18.44 0.81
CA MET C 145 -3.64 17.49 1.53
C MET C 145 -4.76 16.99 0.63
N THR C 146 -5.27 15.80 0.98
CA THR C 146 -6.36 15.19 0.24
C THR C 146 -7.71 15.70 0.77
N ALA C 147 -8.78 15.31 0.08
CA ALA C 147 -10.11 15.74 0.48
C ALA C 147 -10.46 15.22 1.87
N ASP C 148 -10.17 13.95 2.15
CA ASP C 148 -10.46 13.41 3.47
C ASP C 148 -9.63 14.09 4.55
N ALA C 149 -8.36 14.35 4.26
CA ALA C 149 -7.51 15.06 5.22
C ALA C 149 -8.04 16.46 5.48
N GLN C 150 -8.48 17.15 4.43
CA GLN C 150 -9.02 18.50 4.62
C GLN C 150 -10.33 18.47 5.40
N SER C 151 -11.17 17.45 5.18
CA SER C 151 -12.39 17.31 5.97
C SER C 151 -12.08 17.07 7.43
N ALA C 152 -11.09 16.22 7.71
CA ALA C 152 -10.68 15.98 9.10
C ALA C 152 -10.15 17.25 9.72
N LEU C 153 -9.36 18.02 8.97
CA LEU C 153 -8.85 19.29 9.49
C LEU C 153 -10.00 20.26 9.78
N ARG C 154 -11.00 20.30 8.90
CA ARG C 154 -12.16 21.14 9.14
C ARG C 154 -12.88 20.74 10.41
N ARG C 155 -13.05 19.43 10.63
CA ARG C 155 -13.68 18.96 11.85
C ARG C 155 -12.88 19.37 13.08
N THR C 156 -11.55 19.23 13.00
CA THR C 156 -10.70 19.63 14.13
C THR C 156 -10.82 21.12 14.40
N MET C 157 -10.84 21.92 13.34
CA MET C 157 -11.02 23.37 13.51
C MET C 157 -12.34 23.69 14.19
N GLU C 158 -13.42 23.02 13.74
CA GLU C 158 -14.72 23.28 14.35
C GLU C 158 -14.72 22.88 15.82
N THR C 159 -14.07 21.76 16.15
CA THR C 159 -14.06 21.30 17.54
C THR C 159 -13.32 22.29 18.44
N TYR C 160 -12.21 22.84 17.97
CA TYR C 160 -11.33 23.69 18.77
C TYR C 160 -11.27 25.10 18.19
N SER C 161 -12.39 25.59 17.66
CA SER C 161 -12.41 26.93 17.08
C SER C 161 -12.27 28.01 18.14
N GLY C 162 -12.76 27.74 19.36
CA GLY C 162 -12.78 28.78 20.37
C GLY C 162 -11.40 29.26 20.78
N VAL C 163 -10.46 28.32 20.94
CA VAL C 163 -9.15 28.64 21.51
C VAL C 163 -8.02 28.55 20.48
N THR C 164 -8.29 28.06 19.27
CA THR C 164 -7.25 27.86 18.27
C THR C 164 -7.63 28.59 16.99
N ARG C 165 -6.67 29.32 16.43
CA ARG C 165 -6.82 29.98 15.14
C ARG C 165 -5.81 29.36 14.17
N PHE C 166 -6.28 29.00 12.98
CA PHE C 166 -5.46 28.31 11.99
C PHE C 166 -5.03 29.27 10.90
N CYS C 167 -3.79 29.10 10.42
CA CYS C 167 -3.26 29.88 9.31
C CYS C 167 -2.71 28.89 8.27
N LEU C 168 -3.49 28.62 7.23
CA LEU C 168 -3.11 27.66 6.20
C LEU C 168 -2.37 28.39 5.09
N ILE C 169 -1.10 28.03 4.89
CA ILE C 169 -0.27 28.59 3.83
C ILE C 169 -0.27 27.62 2.66
N CYS C 170 -0.59 28.13 1.47
CA CYS C 170 -0.66 27.28 0.29
C CYS C 170 -0.27 28.11 -0.93
N ASN C 171 -0.25 27.46 -2.09
CA ASN C 171 0.04 28.11 -3.36
C ASN C 171 -1.19 28.29 -4.24
N TYR C 172 -2.12 27.34 -4.22
CA TYR C 172 -3.34 27.42 -5.02
C TYR C 172 -4.53 27.28 -4.09
N VAL C 173 -5.40 28.29 -4.09
CA VAL C 173 -6.58 28.26 -3.24
C VAL C 173 -7.63 27.28 -3.76
N THR C 174 -7.56 26.91 -5.04
CA THR C 174 -8.56 26.02 -5.61
C THR C 174 -8.41 24.58 -5.14
N ARG C 175 -7.26 24.22 -4.57
CA ARG C 175 -7.04 22.88 -4.07
C ARG C 175 -7.66 22.65 -2.70
N ILE C 176 -8.16 23.71 -2.05
CA ILE C 176 -8.80 23.58 -0.74
C ILE C 176 -10.28 23.35 -0.96
N ILE C 177 -10.82 22.31 -0.30
CA ILE C 177 -12.24 22.01 -0.46
C ILE C 177 -13.08 23.20 -0.02
N ASP C 178 -14.20 23.39 -0.70
CA ASP C 178 -15.05 24.55 -0.41
C ASP C 178 -15.46 24.65 1.05
N PRO C 179 -15.89 23.57 1.72
CA PRO C 179 -16.26 23.72 3.14
C PRO C 179 -15.13 24.25 4.00
N LEU C 180 -13.89 23.82 3.74
CA LEU C 180 -12.75 24.32 4.52
C LEU C 180 -12.39 25.74 4.13
N ALA C 181 -12.41 26.04 2.83
CA ALA C 181 -12.03 27.38 2.37
C ALA C 181 -13.01 28.43 2.89
N SER C 182 -14.30 28.11 2.90
CA SER C 182 -15.30 29.09 3.34
C SER C 182 -15.13 29.49 4.79
N ARG C 183 -14.44 28.68 5.59
CA ARG C 183 -14.26 28.96 7.00
C ARG C 183 -13.06 29.85 7.30
N CYS C 184 -12.29 30.24 6.29
CA CYS C 184 -11.07 31.01 6.47
C CYS C 184 -11.12 32.28 5.63
N SER C 185 -10.65 33.38 6.20
CA SER C 185 -10.47 34.61 5.44
C SER C 185 -9.23 34.48 4.57
N LYS C 186 -9.36 34.82 3.29
CA LYS C 186 -8.34 34.55 2.29
C LYS C 186 -7.47 35.77 2.05
N PHE C 187 -6.17 35.52 1.91
CA PHE C 187 -5.19 36.58 1.64
C PHE C 187 -4.36 36.17 0.43
N ARG C 188 -4.43 36.97 -0.64
CA ARG C 188 -3.70 36.71 -1.87
C ARG C 188 -2.41 37.52 -1.88
N PHE C 189 -1.30 36.84 -2.18
CA PHE C 189 0.01 37.47 -2.27
C PHE C 189 0.43 37.55 -3.73
N LYS C 190 0.82 38.74 -4.15
CA LYS C 190 1.26 38.96 -5.53
C LYS C 190 2.71 38.55 -5.70
N ALA C 191 3.06 38.16 -6.92
CA ALA C 191 4.43 37.80 -7.23
C ALA C 191 5.34 39.01 -7.12
N LEU C 192 6.49 38.83 -6.47
CA LEU C 192 7.43 39.92 -6.29
C LEU C 192 8.06 40.32 -7.61
N ASP C 193 8.16 41.62 -7.85
CA ASP C 193 8.78 42.12 -9.07
C ASP C 193 10.29 41.88 -9.03
N ALA C 194 10.90 41.89 -10.22
CA ALA C 194 12.33 41.64 -10.30
C ALA C 194 13.12 42.67 -9.49
N SER C 195 12.65 43.92 -9.47
CA SER C 195 13.37 44.97 -8.75
C SER C 195 13.46 44.65 -7.26
N ASN C 196 12.33 44.28 -6.65
CA ASN C 196 12.34 43.99 -5.22
C ASN C 196 13.24 42.80 -4.90
N ALA C 197 13.14 41.73 -5.69
CA ALA C 197 13.95 40.54 -5.42
C ALA C 197 15.44 40.83 -5.59
N ILE C 198 15.81 41.57 -6.65
CA ILE C 198 17.21 41.87 -6.88
C ILE C 198 17.74 42.79 -5.78
N ASP C 199 16.93 43.76 -5.35
CA ASP C 199 17.36 44.63 -4.25
C ASP C 199 17.55 43.83 -2.97
N ARG C 200 16.64 42.89 -2.68
CA ARG C 200 16.77 42.08 -1.48
C ARG C 200 18.04 41.23 -1.53
N LEU C 201 18.30 40.59 -2.67
CA LEU C 201 19.50 39.78 -2.80
C LEU C 201 20.75 40.62 -2.68
N ARG C 202 20.76 41.81 -3.30
CA ARG C 202 21.92 42.69 -3.19
C ARG C 202 22.17 43.10 -1.75
N PHE C 203 21.10 43.47 -1.03
CA PHE C 203 21.26 43.87 0.36
C PHE C 203 21.79 42.72 1.20
N ILE C 204 21.27 41.51 0.98
CA ILE C 204 21.77 40.36 1.73
C ILE C 204 23.24 40.13 1.43
N SER C 205 23.62 40.24 0.16
CA SER C 205 25.02 40.03 -0.21
C SER C 205 25.93 41.05 0.45
N GLU C 206 25.54 42.33 0.44
CA GLU C 206 26.37 43.34 1.09
C GLU C 206 26.46 43.09 2.59
N GLN C 207 25.35 42.74 3.23
CA GLN C 207 25.38 42.49 4.66
C GLN C 207 26.28 41.31 5.00
N GLU C 208 26.24 40.26 4.17
CA GLU C 208 27.03 39.06 4.40
C GLU C 208 28.41 39.12 3.75
N ASN C 209 28.76 40.24 3.10
CA ASN C 209 30.06 40.40 2.45
C ASN C 209 30.27 39.30 1.41
N VAL C 210 29.41 39.31 0.40
CA VAL C 210 29.44 38.35 -0.70
C VAL C 210 29.79 39.12 -1.97
N LYS C 211 30.89 38.73 -2.61
CA LYS C 211 31.32 39.37 -3.85
C LYS C 211 30.88 38.52 -5.03
N CYS C 212 30.07 39.11 -5.91
CA CYS C 212 29.52 38.41 -7.07
C CYS C 212 29.72 39.25 -8.31
N ASP C 213 29.94 38.57 -9.44
CA ASP C 213 30.09 39.25 -10.72
C ASP C 213 28.75 39.73 -11.24
N ASP C 214 28.81 40.62 -12.23
CA ASP C 214 27.59 41.14 -12.83
C ASP C 214 26.79 40.01 -13.47
N GLY C 215 25.48 40.01 -13.23
CA GLY C 215 24.60 39.00 -13.75
C GLY C 215 24.43 37.78 -12.85
N VAL C 216 25.20 37.68 -11.76
CA VAL C 216 25.09 36.53 -10.89
C VAL C 216 23.76 36.53 -10.16
N LEU C 217 23.36 37.67 -9.60
CA LEU C 217 22.10 37.75 -8.89
C LEU C 217 20.92 37.56 -9.83
N GLU C 218 20.99 38.15 -11.03
CA GLU C 218 19.94 37.94 -12.01
C GLU C 218 19.87 36.48 -12.45
N ARG C 219 21.03 35.84 -12.59
CA ARG C 219 21.04 34.42 -12.92
C ARG C 219 20.39 33.59 -11.82
N ILE C 220 20.67 33.92 -10.56
CA ILE C 220 20.07 33.21 -9.45
C ILE C 220 18.56 33.40 -9.46
N LEU C 221 18.10 34.63 -9.70
CA LEU C 221 16.65 34.89 -9.77
C LEU C 221 16.02 34.10 -10.90
N ASP C 222 16.67 34.06 -12.07
CA ASP C 222 16.11 33.31 -13.19
C ASP C 222 16.04 31.82 -12.87
N ILE C 223 17.08 31.28 -12.24
CA ILE C 223 17.07 29.86 -11.89
C ILE C 223 15.97 29.57 -10.88
N SER C 224 15.79 30.46 -9.91
CA SER C 224 14.78 30.27 -8.88
C SER C 224 13.37 30.63 -9.34
N ALA C 225 13.23 31.18 -10.55
CA ALA C 225 11.92 31.55 -11.09
C ALA C 225 11.19 32.52 -10.16
N GLY C 226 11.94 33.44 -9.56
CA GLY C 226 11.37 34.45 -8.71
C GLY C 226 11.18 34.05 -7.25
N ASP C 227 11.46 32.79 -6.91
CA ASP C 227 11.30 32.34 -5.53
C ASP C 227 12.48 32.85 -4.71
N LEU C 228 12.20 33.72 -3.73
CA LEU C 228 13.28 34.31 -2.94
C LEU C 228 13.92 33.28 -2.00
N ARG C 229 13.15 32.29 -1.56
CA ARG C 229 13.72 31.25 -0.71
C ARG C 229 14.81 30.48 -1.45
N ARG C 230 14.50 29.99 -2.64
CA ARG C 230 15.48 29.26 -3.43
C ARG C 230 16.65 30.17 -3.82
N GLY C 231 16.36 31.43 -4.16
CA GLY C 231 17.42 32.34 -4.50
C GLY C 231 18.40 32.55 -3.36
N ILE C 232 17.86 32.76 -2.15
CA ILE C 232 18.72 32.96 -0.99
C ILE C 232 19.51 31.70 -0.68
N THR C 233 18.87 30.53 -0.77
CA THR C 233 19.60 29.28 -0.53
C THR C 233 20.74 29.11 -1.52
N LEU C 234 20.48 29.39 -2.81
CA LEU C 234 21.51 29.27 -3.82
C LEU C 234 22.62 30.28 -3.59
N LEU C 235 22.27 31.51 -3.19
CA LEU C 235 23.30 32.51 -2.89
C LEU C 235 24.18 32.06 -1.73
N GLN C 236 23.58 31.50 -0.68
CA GLN C 236 24.36 31.01 0.45
C GLN C 236 25.27 29.86 0.01
N SER C 237 24.76 28.94 -0.80
CA SER C 237 25.59 27.84 -1.28
C SER C 237 26.75 28.35 -2.12
N ALA C 238 26.49 29.32 -3.00
CA ALA C 238 27.56 29.89 -3.82
C ALA C 238 28.59 30.60 -2.97
N SER C 239 28.15 31.32 -1.93
CA SER C 239 29.09 31.99 -1.04
C SER C 239 29.96 30.97 -0.31
N LYS C 240 29.36 29.87 0.15
CA LYS C 240 30.14 28.83 0.80
C LYS C 240 31.16 28.23 -0.17
N GLY C 241 30.74 27.97 -1.41
CA GLY C 241 31.67 27.44 -2.39
C GLY C 241 32.83 28.38 -2.68
N ALA C 242 32.53 29.67 -2.82
CA ALA C 242 33.59 30.66 -3.04
C ALA C 242 34.53 30.72 -1.86
N GLN C 243 34.00 30.67 -0.64
CA GLN C 243 34.85 30.67 0.54
C GLN C 243 35.76 29.45 0.54
N TYR C 244 35.23 28.28 0.15
CA TYR C 244 36.06 27.09 0.04
C TYR C 244 37.14 27.26 -1.02
N LEU C 245 36.80 27.92 -2.13
CA LEU C 245 37.74 28.01 -3.25
C LEU C 245 39.04 28.68 -2.83
N GLY C 246 38.97 29.78 -2.08
CA GLY C 246 40.14 30.49 -1.65
C GLY C 246 40.71 31.47 -2.66
N ASP C 247 40.09 31.58 -3.84
CA ASP C 247 40.51 32.55 -4.84
C ASP C 247 39.94 33.91 -4.48
N GLY C 248 39.94 34.84 -5.43
CA GLY C 248 39.37 36.17 -5.21
C GLY C 248 37.97 36.16 -4.65
N LYS C 249 37.28 35.01 -4.73
CA LYS C 249 35.94 34.85 -4.18
C LYS C 249 34.92 35.72 -4.92
N ASN C 250 35.08 35.84 -6.23
CA ASN C 250 34.12 36.54 -7.08
C ASN C 250 33.20 35.50 -7.70
N ILE C 251 31.94 35.47 -7.25
CA ILE C 251 31.01 34.47 -7.72
C ILE C 251 30.80 34.63 -9.22
N THR C 252 30.79 33.50 -9.93
CA THR C 252 30.56 33.47 -11.36
C THR C 252 29.31 32.65 -11.66
N SER C 253 28.64 32.99 -12.77
CA SER C 253 27.41 32.29 -13.13
C SER C 253 27.63 30.80 -13.29
N THR C 254 28.83 30.39 -13.73
CA THR C 254 29.08 28.97 -13.92
C THR C 254 28.95 28.20 -12.61
N GLN C 255 29.50 28.75 -11.52
CA GLN C 255 29.38 28.09 -10.23
C GLN C 255 27.91 28.02 -9.79
N VAL C 256 27.15 29.08 -10.03
CA VAL C 256 25.74 29.08 -9.64
C VAL C 256 24.98 27.99 -10.40
N GLU C 257 25.21 27.89 -11.70
CA GLU C 257 24.56 26.84 -12.49
C GLU C 257 24.98 25.46 -12.02
N GLU C 258 26.27 25.28 -11.73
CA GLU C 258 26.73 23.98 -11.25
C GLU C 258 26.06 23.61 -9.94
N LEU C 259 25.94 24.57 -9.02
CA LEU C 259 25.26 24.29 -7.75
C LEU C 259 23.78 23.98 -7.97
N ALA C 260 23.14 24.71 -8.89
CA ALA C 260 21.72 24.51 -9.15
C ALA C 260 21.43 23.32 -10.05
N GLY C 261 22.47 22.68 -10.60
CA GLY C 261 22.25 21.55 -11.47
C GLY C 261 21.75 21.89 -12.85
N VAL C 262 21.97 23.12 -13.30
CA VAL C 262 21.52 23.56 -14.62
C VAL C 262 22.61 23.23 -15.63
N VAL C 263 22.24 22.53 -16.70
CA VAL C 263 23.21 22.16 -17.73
C VAL C 263 23.72 23.42 -18.42
N PRO C 264 25.00 23.50 -18.79
CA PRO C 264 25.48 24.70 -19.50
C PRO C 264 24.72 24.93 -20.80
N HIS C 265 24.52 26.21 -21.12
CA HIS C 265 23.77 26.56 -22.32
C HIS C 265 24.47 26.06 -23.58
N ASP C 266 25.80 26.00 -23.58
CA ASP C 266 26.51 25.53 -24.77
C ASP C 266 26.16 24.08 -25.08
N ILE C 267 26.05 23.24 -24.05
CA ILE C 267 25.68 21.84 -24.27
C ILE C 267 24.27 21.77 -24.87
N LEU C 268 23.36 22.62 -24.39
CA LEU C 268 22.02 22.65 -24.96
C LEU C 268 22.07 23.07 -26.43
N ILE C 269 22.93 24.03 -26.76
CA ILE C 269 23.05 24.46 -28.14
C ILE C 269 23.55 23.33 -29.02
N GLU C 270 24.56 22.58 -28.55
CA GLU C 270 25.05 21.44 -29.33
C GLU C 270 23.97 20.38 -29.48
N ILE C 271 23.17 20.15 -28.43
CA ILE C 271 22.10 19.18 -28.52
C ILE C 271 21.08 19.61 -29.57
N VAL C 272 20.73 20.90 -29.57
CA VAL C 272 19.78 21.42 -30.55
C VAL C 272 20.34 21.27 -31.96
N GLU C 273 21.63 21.57 -32.14
CA GLU C 273 22.24 21.43 -33.46
C GLU C 273 22.22 19.97 -33.92
N LYS C 274 22.54 19.05 -33.01
CA LYS C 274 22.51 17.64 -33.37
C LYS C 274 21.10 17.19 -33.74
N VAL C 275 20.10 17.66 -33.00
CA VAL C 275 18.72 17.33 -33.33
C VAL C 275 18.36 17.88 -34.71
N LYS C 276 18.80 19.10 -35.01
CA LYS C 276 18.55 19.68 -36.33
C LYS C 276 19.22 18.85 -37.43
N SER C 277 20.39 18.28 -37.12
CA SER C 277 21.09 17.49 -38.12
C SER C 277 20.23 16.31 -38.58
N GLY C 278 19.59 15.61 -37.64
CA GLY C 278 18.68 14.54 -37.97
C GLY C 278 19.30 13.17 -38.08
N ASP C 279 20.62 13.05 -37.98
CA ASP C 279 21.28 11.76 -38.10
C ASP C 279 21.12 10.98 -36.79
N PHE C 280 20.57 9.77 -36.89
CA PHE C 280 20.34 8.96 -35.71
C PHE C 280 21.66 8.59 -35.03
N ASP C 281 22.67 8.20 -35.81
CA ASP C 281 23.94 7.77 -35.23
C ASP C 281 24.63 8.90 -34.49
N GLU C 282 24.65 10.10 -35.09
CA GLU C 282 25.30 11.23 -34.43
C GLU C 282 24.60 11.57 -33.12
N ILE C 283 23.26 11.56 -33.12
CA ILE C 283 22.53 11.83 -31.89
C ILE C 283 22.83 10.77 -30.85
N LYS C 284 22.91 9.51 -31.26
CA LYS C 284 23.21 8.44 -30.32
C LYS C 284 24.59 8.63 -29.70
N LYS C 285 25.59 8.94 -30.53
CA LYS C 285 26.94 9.15 -30.00
C LYS C 285 26.97 10.34 -29.06
N TYR C 286 26.31 11.44 -29.43
CA TYR C 286 26.33 12.62 -28.55
C TYR C 286 25.65 12.32 -27.23
N VAL C 287 24.55 11.58 -27.25
CA VAL C 287 23.86 11.24 -26.01
C VAL C 287 24.74 10.33 -25.14
N ASN C 288 25.42 9.37 -25.77
CA ASN C 288 26.31 8.50 -25.03
C ASN C 288 27.42 9.29 -24.37
N THR C 289 28.00 10.26 -25.10
CA THR C 289 29.04 11.10 -24.51
C THR C 289 28.47 11.94 -23.38
N PHE C 290 27.28 12.49 -23.57
CA PHE C 290 26.68 13.36 -22.56
C PHE C 290 26.39 12.62 -21.27
N MET C 291 25.89 11.38 -21.37
CA MET C 291 25.55 10.63 -20.17
C MET C 291 26.74 10.40 -19.26
N LYS C 292 27.96 10.48 -19.80
CA LYS C 292 29.16 10.35 -18.97
C LYS C 292 29.44 11.59 -18.14
N SER C 293 28.82 12.73 -18.48
CA SER C 293 29.05 13.95 -17.73
C SER C 293 28.33 13.94 -16.39
N GLY C 294 27.25 13.17 -16.26
CA GLY C 294 26.49 13.10 -15.03
C GLY C 294 25.35 14.09 -14.92
N TRP C 295 25.20 14.99 -15.89
CA TRP C 295 24.10 15.95 -15.84
C TRP C 295 22.76 15.24 -15.91
N SER C 296 21.79 15.73 -15.13
CA SER C 296 20.48 15.11 -15.07
C SER C 296 19.73 15.30 -16.39
N ALA C 297 18.97 14.27 -16.79
CA ALA C 297 18.19 14.36 -18.01
C ALA C 297 16.96 15.26 -17.82
N ALA C 298 16.44 15.34 -16.60
CA ALA C 298 15.28 16.20 -16.37
C ALA C 298 15.63 17.67 -16.63
N SER C 299 16.82 18.10 -16.21
CA SER C 299 17.24 19.46 -16.49
C SER C 299 17.35 19.71 -17.98
N VAL C 300 17.87 18.74 -18.73
CA VAL C 300 17.97 18.87 -20.18
C VAL C 300 16.58 18.99 -20.79
N VAL C 301 15.64 18.17 -20.33
CA VAL C 301 14.28 18.23 -20.86
C VAL C 301 13.65 19.58 -20.59
N ASN C 302 13.81 20.09 -19.36
CA ASN C 302 13.23 21.38 -19.01
C ASN C 302 13.86 22.50 -19.85
N GLN C 303 15.18 22.46 -20.03
CA GLN C 303 15.84 23.50 -20.82
C GLN C 303 15.42 23.44 -22.27
N LEU C 304 15.26 22.23 -22.82
CA LEU C 304 14.78 22.09 -24.20
C LEU C 304 13.36 22.62 -24.33
N HIS C 305 12.51 22.34 -23.34
CA HIS C 305 11.15 22.86 -23.36
C HIS C 305 11.16 24.38 -23.37
N GLU C 306 11.98 24.99 -22.50
CA GLU C 306 12.06 26.44 -22.46
C GLU C 306 12.57 27.01 -23.77
N TYR C 307 13.60 26.37 -24.35
CA TYR C 307 14.17 26.86 -25.60
C TYR C 307 13.17 26.78 -26.75
N TYR C 308 12.41 25.68 -26.83
CA TYR C 308 11.55 25.47 -27.99
C TYR C 308 10.23 26.22 -27.86
N ILE C 309 9.61 26.21 -26.68
CA ILE C 309 8.29 26.81 -26.55
C ILE C 309 8.36 28.32 -26.76
N THR C 310 9.46 28.95 -26.33
CA THR C 310 9.61 30.41 -26.40
C THR C 310 10.50 30.82 -27.56
N ASN C 311 10.41 30.12 -28.69
CA ASN C 311 11.17 30.45 -29.89
C ASN C 311 10.21 30.80 -31.01
N ASP C 312 10.48 31.91 -31.70
CA ASP C 312 9.64 32.38 -32.79
C ASP C 312 10.00 31.76 -34.14
N ASN C 313 11.01 30.90 -34.19
CA ASN C 313 11.45 30.29 -35.43
C ASN C 313 10.72 29.00 -35.76
N PHE C 314 9.82 28.54 -34.91
CA PHE C 314 9.08 27.29 -35.11
C PHE C 314 7.60 27.59 -35.28
N ASP C 315 6.94 26.84 -36.16
CA ASP C 315 5.55 27.07 -36.49
C ASP C 315 4.63 26.45 -35.43
N THR C 316 3.33 26.55 -35.67
CA THR C 316 2.35 26.08 -34.69
C THR C 316 2.37 24.56 -34.56
N ASN C 317 2.46 23.84 -35.68
CA ASN C 317 2.43 22.38 -35.62
C ASN C 317 3.65 21.83 -34.90
N PHE C 318 4.83 22.43 -35.14
CA PHE C 318 6.03 21.96 -34.48
C PHE C 318 5.90 22.09 -32.97
N LYS C 319 5.36 23.21 -32.49
CA LYS C 319 5.19 23.38 -31.05
C LYS C 319 4.11 22.46 -30.51
N ASN C 320 3.02 22.26 -31.27
CA ASN C 320 2.01 21.29 -30.88
C ASN C 320 2.63 19.93 -30.62
N GLN C 321 3.53 19.50 -31.52
CA GLN C 321 4.13 18.18 -31.38
C GLN C 321 5.18 18.16 -30.27
N ILE C 322 5.99 19.21 -30.15
CA ILE C 322 7.07 19.22 -29.17
C ILE C 322 6.50 19.24 -27.76
N SER C 323 5.39 19.95 -27.56
CA SER C 323 4.78 19.98 -26.23
C SER C 323 4.40 18.58 -25.78
N TRP C 324 3.71 17.83 -26.65
CA TRP C 324 3.30 16.47 -26.29
C TRP C 324 4.51 15.56 -26.11
N LEU C 325 5.52 15.69 -26.98
CA LEU C 325 6.71 14.86 -26.85
C LEU C 325 7.40 15.09 -25.50
N LEU C 326 7.59 16.36 -25.15
CA LEU C 326 8.24 16.70 -23.88
C LEU C 326 7.39 16.23 -22.70
N PHE C 327 6.07 16.37 -22.80
CA PHE C 327 5.21 15.91 -21.72
C PHE C 327 5.34 14.40 -21.53
N THR C 328 5.33 13.64 -22.62
CA THR C 328 5.47 12.20 -22.53
C THR C 328 6.81 11.81 -21.93
N THR C 329 7.88 12.48 -22.37
CA THR C 329 9.21 12.16 -21.84
C THR C 329 9.29 12.47 -20.35
N ASP C 330 8.75 13.62 -19.93
CA ASP C 330 8.77 13.97 -18.52
C ASP C 330 7.95 12.99 -17.69
N SER C 331 6.78 12.58 -18.20
CA SER C 331 5.97 11.61 -17.47
C SER C 331 6.69 10.29 -17.32
N ARG C 332 7.35 9.83 -18.40
CA ARG C 332 8.10 8.58 -18.32
C ARG C 332 9.27 8.70 -17.34
N LEU C 333 9.97 9.84 -17.35
CA LEU C 333 11.09 10.02 -16.44
C LEU C 333 10.63 10.05 -14.99
N ASN C 334 9.49 10.69 -14.72
CA ASN C 334 9.00 10.81 -13.35
C ASN C 334 8.63 9.47 -12.73
N ASN C 335 8.48 8.42 -13.54
CA ASN C 335 8.12 7.10 -13.02
C ASN C 335 9.34 6.27 -12.64
N GLY C 336 10.55 6.81 -12.79
CA GLY C 336 11.75 6.07 -12.44
C GLY C 336 12.24 5.20 -13.58
N THR C 337 12.44 5.79 -14.75
CA THR C 337 12.90 5.08 -15.94
C THR C 337 14.35 5.47 -16.25
N ASN C 338 14.98 4.66 -17.09
CA ASN C 338 16.36 4.92 -17.47
C ASN C 338 16.45 6.23 -18.22
N GLU C 339 17.29 7.15 -17.72
CA GLU C 339 17.41 8.47 -18.32
C GLU C 339 17.96 8.39 -19.74
N HIS C 340 18.93 7.50 -19.97
CA HIS C 340 19.57 7.41 -21.27
C HIS C 340 18.57 7.07 -22.36
N ILE C 341 17.77 6.03 -22.14
CA ILE C 341 16.81 5.58 -23.16
C ILE C 341 15.78 6.67 -23.43
N GLN C 342 15.24 7.27 -22.37
CA GLN C 342 14.22 8.30 -22.54
C GLN C 342 14.76 9.50 -23.28
N LEU C 343 15.97 9.95 -22.92
CA LEU C 343 16.57 11.10 -23.59
C LEU C 343 16.84 10.80 -25.06
N LEU C 344 17.37 9.61 -25.36
CA LEU C 344 17.62 9.26 -26.75
C LEU C 344 16.33 9.21 -27.55
N ASN C 345 15.28 8.62 -26.97
CA ASN C 345 14.00 8.56 -27.67
C ASN C 345 13.44 9.95 -27.92
N LEU C 346 13.52 10.84 -26.92
CA LEU C 346 13.01 12.19 -27.09
C LEU C 346 13.78 12.92 -28.18
N LEU C 347 15.11 12.82 -28.17
CA LEU C 347 15.90 13.52 -29.18
C LEU C 347 15.62 12.96 -30.58
N VAL C 348 15.49 11.65 -30.70
CA VAL C 348 15.17 11.06 -32.00
C VAL C 348 13.82 11.55 -32.49
N LYS C 349 12.83 11.60 -31.59
CA LYS C 349 11.51 12.08 -31.98
C LYS C 349 11.55 13.54 -32.43
N ILE C 350 12.28 14.39 -31.70
CA ILE C 350 12.34 15.80 -32.07
C ILE C 350 13.04 15.95 -33.41
N SER C 351 14.10 15.18 -33.63
CA SER C 351 14.82 15.25 -34.91
C SER C 351 13.93 14.84 -36.08
N GLN C 352 12.93 13.99 -35.84
CA GLN C 352 12.03 13.53 -36.89
C GLN C 352 10.85 14.45 -37.11
N LEU C 353 10.72 15.52 -36.34
CA LEU C 353 9.63 16.47 -36.51
C LEU C 353 9.92 17.42 -37.67
N MET D 1 47.13 -12.01 -3.95
CA MET D 1 46.94 -10.87 -3.00
C MET D 1 45.67 -10.10 -3.33
N SER D 2 45.58 -8.87 -2.81
CA SER D 2 44.42 -8.03 -3.07
C SER D 2 44.32 -7.71 -4.56
N LEU D 3 43.08 -7.63 -5.05
CA LEU D 3 42.86 -7.32 -6.45
C LEU D 3 43.43 -5.95 -6.80
N TRP D 4 43.94 -5.83 -8.02
CA TRP D 4 44.51 -4.56 -8.46
C TRP D 4 43.50 -3.43 -8.36
N VAL D 5 42.21 -3.75 -8.43
CA VAL D 5 41.18 -2.72 -8.30
C VAL D 5 41.23 -2.09 -6.92
N ASP D 6 41.43 -2.90 -5.88
CA ASP D 6 41.53 -2.39 -4.52
C ASP D 6 42.96 -2.15 -4.07
N LYS D 7 43.93 -2.85 -4.67
CA LYS D 7 45.32 -2.70 -4.24
C LYS D 7 45.83 -1.29 -4.48
N TYR D 8 45.49 -0.70 -5.63
CA TYR D 8 45.96 0.63 -5.99
C TYR D 8 44.89 1.70 -5.80
N ARG D 9 43.85 1.40 -5.02
CA ARG D 9 42.81 2.39 -4.77
C ARG D 9 43.39 3.56 -3.99
N PRO D 10 43.18 4.80 -4.42
CA PRO D 10 43.71 5.94 -3.66
C PRO D 10 43.18 5.94 -2.23
N LYS D 11 44.07 6.26 -1.29
CA LYS D 11 43.73 6.31 0.13
C LYS D 11 43.87 7.71 0.72
N SER D 12 44.00 8.73 -0.12
CA SER D 12 44.12 10.10 0.37
C SER D 12 43.72 11.05 -0.75
N LEU D 13 43.39 12.29 -0.36
CA LEU D 13 43.03 13.30 -1.35
C LEU D 13 44.19 13.69 -2.25
N ASN D 14 45.43 13.46 -1.80
CA ASN D 14 46.60 13.78 -2.60
C ASN D 14 46.89 12.71 -3.66
N ALA D 15 46.30 11.53 -3.53
CA ALA D 15 46.54 10.44 -4.47
C ALA D 15 45.63 10.49 -5.69
N LEU D 16 44.67 11.41 -5.73
CA LEU D 16 43.79 11.52 -6.88
C LEU D 16 44.56 12.06 -8.09
N SER D 17 44.06 11.73 -9.28
CA SER D 17 44.72 12.11 -10.52
C SER D 17 43.79 12.70 -11.56
N HIS D 18 42.47 12.56 -11.42
CA HIS D 18 41.52 13.13 -12.36
C HIS D 18 40.50 13.98 -11.61
N ASN D 19 39.97 14.99 -12.30
CA ASN D 19 39.07 15.96 -11.71
C ASN D 19 39.77 16.74 -10.59
N GLU D 20 40.84 17.43 -10.99
CA GLU D 20 41.65 18.17 -10.02
C GLU D 20 40.84 19.25 -9.31
N GLU D 21 39.89 19.87 -10.02
CA GLU D 21 39.06 20.88 -9.38
C GLU D 21 38.25 20.29 -8.22
N LEU D 22 37.69 19.09 -8.43
CA LEU D 22 36.95 18.44 -7.35
C LEU D 22 37.88 18.09 -6.20
N THR D 23 39.10 17.66 -6.50
CA THR D 23 40.06 17.36 -5.44
C THR D 23 40.39 18.61 -4.62
N ASN D 24 40.59 19.75 -5.29
CA ASN D 24 40.85 20.99 -4.58
C ASN D 24 39.64 21.41 -3.74
N PHE D 25 38.44 21.24 -4.28
CA PHE D 25 37.24 21.58 -3.52
C PHE D 25 37.13 20.71 -2.27
N LEU D 26 37.41 19.41 -2.40
CA LEU D 26 37.37 18.52 -1.24
C LEU D 26 38.44 18.90 -0.22
N LYS D 27 39.63 19.24 -0.69
CA LYS D 27 40.69 19.66 0.22
C LYS D 27 40.28 20.90 1.00
N SER D 28 39.69 21.88 0.31
CA SER D 28 39.22 23.09 0.98
C SER D 28 38.12 22.76 1.98
N LEU D 29 37.20 21.87 1.61
CA LEU D 29 36.11 21.50 2.51
C LEU D 29 36.65 20.85 3.77
N SER D 30 37.64 19.96 3.62
CA SER D 30 38.21 19.27 4.78
C SER D 30 38.98 20.22 5.69
N ASP D 31 39.40 21.39 5.19
CA ASP D 31 40.15 22.32 6.01
C ASP D 31 39.32 22.88 7.15
N GLN D 32 37.99 22.82 7.06
CA GLN D 32 37.08 23.31 8.10
C GLN D 32 36.09 22.20 8.42
N PRO D 33 36.50 21.20 9.19
CA PRO D 33 35.58 20.09 9.52
C PRO D 33 34.33 20.55 10.25
N ARG D 34 34.40 21.63 11.02
CA ARG D 34 33.27 22.01 11.86
C ARG D 34 32.03 22.33 11.02
N ASP D 35 32.20 23.07 9.93
CA ASP D 35 31.09 23.52 9.11
C ASP D 35 30.86 22.62 7.88
N LEU D 36 31.12 21.34 8.02
CA LEU D 36 30.90 20.41 6.91
C LEU D 36 29.41 20.30 6.61
N PRO D 37 28.96 20.57 5.39
CA PRO D 37 27.52 20.43 5.09
C PRO D 37 27.17 19.01 4.67
N HIS D 38 25.90 18.79 4.32
CA HIS D 38 25.45 17.48 3.89
C HIS D 38 25.66 17.36 2.39
N LEU D 39 26.51 16.41 1.99
CA LEU D 39 26.98 16.31 0.62
C LEU D 39 26.17 15.30 -0.17
N LEU D 40 25.93 15.61 -1.45
CA LEU D 40 25.29 14.69 -2.38
C LEU D 40 26.17 14.64 -3.63
N LEU D 41 26.96 13.57 -3.75
CA LEU D 41 27.73 13.31 -4.95
C LEU D 41 26.84 12.55 -5.94
N TYR D 42 26.74 13.06 -7.16
CA TYR D 42 25.98 12.39 -8.21
C TYR D 42 26.83 12.26 -9.45
N GLY D 43 26.77 11.08 -10.07
CA GLY D 43 27.53 10.84 -11.27
C GLY D 43 27.49 9.40 -11.74
N PRO D 44 28.12 9.13 -12.89
CA PRO D 44 28.08 7.77 -13.45
C PRO D 44 28.74 6.76 -12.52
N ASN D 45 28.29 5.52 -12.62
CA ASN D 45 28.85 4.44 -11.82
C ASN D 45 30.30 4.16 -12.20
N GLY D 46 31.11 3.84 -11.21
CA GLY D 46 32.50 3.47 -11.44
C GLY D 46 33.44 4.63 -11.68
N THR D 47 33.02 5.87 -11.40
CA THR D 47 33.88 7.03 -11.61
C THR D 47 34.81 7.30 -10.45
N GLY D 48 34.42 6.94 -9.23
CA GLY D 48 35.27 7.13 -8.07
C GLY D 48 34.63 7.98 -6.99
N LYS D 49 33.29 8.03 -6.97
CA LYS D 49 32.60 8.81 -5.95
C LYS D 49 32.89 8.25 -4.55
N LYS D 50 32.84 6.93 -4.39
CA LYS D 50 33.12 6.33 -3.11
C LYS D 50 34.56 6.58 -2.69
N THR D 51 35.50 6.54 -3.65
CA THR D 51 36.88 6.84 -3.34
C THR D 51 37.03 8.27 -2.83
N ARG D 52 36.34 9.22 -3.47
CA ARG D 52 36.40 10.61 -3.00
C ARG D 52 35.79 10.76 -1.61
N CYS D 53 34.67 10.07 -1.35
CA CYS D 53 34.08 10.10 -0.02
C CYS D 53 35.05 9.58 1.02
N MET D 54 35.72 8.45 0.71
CA MET D 54 36.68 7.87 1.64
C MET D 54 37.85 8.82 1.86
N ALA D 55 38.33 9.46 0.80
CA ALA D 55 39.44 10.40 0.95
C ALA D 55 39.05 11.59 1.82
N LEU D 56 37.84 12.12 1.62
CA LEU D 56 37.39 13.24 2.44
C LEU D 56 37.25 12.82 3.90
N LEU D 57 36.70 11.63 4.15
CA LEU D 57 36.55 11.17 5.52
C LEU D 57 37.92 10.95 6.17
N GLU D 58 38.87 10.42 5.42
CA GLU D 58 40.23 10.26 5.94
C GLU D 58 40.86 11.61 6.27
N SER D 59 40.67 12.59 5.39
CA SER D 59 41.24 13.91 5.64
C SER D 59 40.60 14.56 6.87
N ILE D 60 39.32 14.33 7.10
CA ILE D 60 38.62 14.97 8.20
C ILE D 60 38.90 14.26 9.53
N PHE D 61 38.61 12.96 9.60
CA PHE D 61 38.78 12.19 10.82
C PHE D 61 40.13 11.49 10.91
N GLY D 62 40.99 11.63 9.90
CA GLY D 62 42.30 11.03 9.93
C GLY D 62 42.32 9.64 9.32
N PRO D 63 43.53 9.10 9.10
CA PRO D 63 43.63 7.76 8.49
C PRO D 63 43.13 6.66 9.41
N GLY D 64 41.85 6.68 9.76
CA GLY D 64 41.26 5.65 10.58
C GLY D 64 39.94 5.13 10.05
N VAL D 65 39.38 5.82 9.05
CA VAL D 65 38.10 5.42 8.50
C VAL D 65 38.21 4.20 7.60
N TYR D 66 39.42 3.87 7.15
CA TYR D 66 39.61 2.73 6.26
C TYR D 66 39.51 1.39 6.97
N ARG D 67 39.47 1.39 8.29
CA ARG D 67 39.27 0.15 9.06
C ARG D 67 37.77 -0.05 9.23
N LEU D 68 37.21 -1.01 8.49
CA LEU D 68 35.77 -1.22 8.43
C LEU D 68 35.41 -2.55 9.07
N LYS D 69 34.20 -2.61 9.62
CA LYS D 69 33.66 -3.84 10.20
C LYS D 69 32.21 -4.00 9.76
N ILE D 70 31.76 -5.25 9.69
CA ILE D 70 30.42 -5.58 9.24
C ILE D 70 29.62 -6.07 10.44
N ASP D 71 28.42 -5.51 10.62
CA ASP D 71 27.55 -5.87 11.73
C ASP D 71 26.14 -6.13 11.22
N VAL D 72 25.53 -7.20 11.72
CA VAL D 72 24.17 -7.56 11.35
C VAL D 72 23.25 -7.05 12.45
N ARG D 73 22.52 -5.97 12.15
CA ARG D 73 21.59 -5.34 13.08
C ARG D 73 20.17 -5.69 12.64
N GLN D 74 19.49 -6.52 13.43
CA GLN D 74 18.14 -6.95 13.11
C GLN D 74 17.11 -6.00 13.71
N PHE D 75 15.96 -5.90 13.04
CA PHE D 75 14.88 -5.02 13.46
C PHE D 75 13.55 -5.71 13.19
N VAL D 76 12.47 -5.02 13.55
CA VAL D 76 11.11 -5.55 13.39
C VAL D 76 10.37 -4.66 12.40
N THR D 77 9.72 -5.29 11.41
CA THR D 77 8.98 -4.57 10.40
C THR D 77 7.64 -4.10 10.97
N ALA D 78 6.83 -3.48 10.12
CA ALA D 78 5.49 -3.06 10.54
C ALA D 78 4.61 -4.25 10.87
N SER D 79 4.74 -5.34 10.10
CA SER D 79 3.94 -6.54 10.28
C SER D 79 4.54 -7.51 11.29
N ASN D 80 5.40 -7.02 12.19
CA ASN D 80 6.00 -7.85 13.23
C ASN D 80 6.86 -8.96 12.62
N ARG D 81 7.56 -8.64 11.54
CA ARG D 81 8.47 -9.56 10.88
C ARG D 81 9.91 -9.14 11.17
N LYS D 82 10.79 -10.14 11.25
CA LYS D 82 12.20 -9.90 11.58
C LYS D 82 12.95 -9.58 10.29
N LEU D 83 13.50 -8.37 10.21
CA LEU D 83 14.27 -7.91 9.07
C LEU D 83 15.74 -7.79 9.45
N GLU D 84 16.61 -8.10 8.50
CA GLU D 84 18.05 -8.06 8.70
C GLU D 84 18.70 -7.28 7.58
N LEU D 85 19.51 -6.28 7.94
CA LEU D 85 20.29 -5.52 6.98
C LEU D 85 21.69 -5.30 7.55
N ASN D 86 22.71 -5.72 6.81
CA ASN D 86 24.08 -5.56 7.26
C ASN D 86 24.51 -4.09 7.15
N VAL D 87 25.40 -3.70 8.07
CA VAL D 87 25.90 -2.33 8.15
C VAL D 87 27.42 -2.37 8.20
N VAL D 88 28.05 -1.58 7.34
CA VAL D 88 29.50 -1.39 7.35
C VAL D 88 29.81 -0.14 8.17
N SER D 89 30.64 -0.29 9.19
CA SER D 89 30.87 0.78 10.15
C SER D 89 32.36 0.97 10.38
N SER D 90 32.73 2.21 10.66
CA SER D 90 34.07 2.63 11.03
C SER D 90 34.02 3.39 12.35
N PRO D 91 35.15 3.55 13.03
CA PRO D 91 35.12 4.27 14.31
C PRO D 91 34.56 5.68 14.22
N TYR D 92 34.65 6.31 13.04
CA TYR D 92 34.18 7.68 12.87
C TYR D 92 33.03 7.84 11.90
N HIS D 93 32.61 6.78 11.22
CA HIS D 93 31.55 6.87 10.22
C HIS D 93 30.94 5.50 10.01
N LEU D 94 29.83 5.46 9.27
CA LEU D 94 29.17 4.22 8.92
C LEU D 94 28.55 4.33 7.54
N GLU D 95 28.40 3.17 6.90
CA GLU D 95 27.89 3.07 5.54
C GLU D 95 26.66 2.18 5.53
N ILE D 96 25.59 2.63 4.89
CA ILE D 96 24.36 1.84 4.79
C ILE D 96 23.79 1.96 3.39
N THR D 97 23.12 0.90 2.94
CA THR D 97 22.51 0.81 1.61
C THR D 97 21.04 0.45 1.80
N PRO D 98 20.18 1.42 2.10
CA PRO D 98 18.76 1.11 2.32
C PRO D 98 18.08 0.50 1.11
N SER D 99 18.62 0.69 -0.09
CA SER D 99 18.00 0.11 -1.29
C SER D 99 17.93 -1.41 -1.22
N ASP D 100 18.83 -2.05 -0.47
CA ASP D 100 18.78 -3.50 -0.32
C ASP D 100 17.49 -3.96 0.32
N MET D 101 16.83 -3.08 1.09
CA MET D 101 15.56 -3.45 1.73
C MET D 101 14.42 -3.42 0.72
N GLY D 102 14.18 -2.26 0.10
CA GLY D 102 13.10 -2.10 -0.84
C GLY D 102 12.06 -1.11 -0.36
N ASN D 103 10.79 -1.51 -0.37
CA ASN D 103 9.73 -0.62 0.10
C ASN D 103 9.88 -0.34 1.59
N ASN D 104 10.26 -1.34 2.38
CA ASN D 104 10.38 -1.20 3.82
C ASN D 104 11.79 -0.75 4.21
N ASP D 105 12.18 0.40 3.65
CA ASP D 105 13.47 0.99 3.96
C ASP D 105 13.37 2.17 4.93
N ARG D 106 12.18 2.76 5.08
CA ARG D 106 12.01 3.89 5.99
C ARG D 106 12.31 3.49 7.43
N ILE D 107 11.83 2.31 7.85
CA ILE D 107 12.02 1.88 9.23
C ILE D 107 13.50 1.72 9.54
N VAL D 108 14.24 1.08 8.64
CA VAL D 108 15.66 0.86 8.87
C VAL D 108 16.40 2.18 8.97
N ILE D 109 16.12 3.11 8.05
CA ILE D 109 16.78 4.41 8.08
C ILE D 109 16.48 5.12 9.39
N GLN D 110 15.21 5.16 9.79
CA GLN D 110 14.83 5.84 11.02
C GLN D 110 15.55 5.24 12.22
N GLU D 111 15.52 3.91 12.34
CA GLU D 111 16.12 3.26 13.50
C GLU D 111 17.63 3.49 13.54
N LEU D 112 18.31 3.31 12.40
CA LEU D 112 19.75 3.50 12.36
C LEU D 112 20.13 4.94 12.71
N LEU D 113 19.44 5.91 12.11
CA LEU D 113 19.79 7.30 12.37
C LEU D 113 19.52 7.67 13.83
N LYS D 114 18.39 7.23 14.38
CA LYS D 114 18.09 7.53 15.77
C LYS D 114 19.13 6.91 16.70
N GLU D 115 19.50 5.65 16.45
CA GLU D 115 20.50 5.00 17.29
C GLU D 115 21.85 5.71 17.20
N VAL D 116 22.25 6.11 15.99
CA VAL D 116 23.53 6.78 15.83
C VAL D 116 23.50 8.13 16.54
N ALA D 117 22.40 8.89 16.41
CA ALA D 117 22.31 10.18 17.07
C ALA D 117 22.32 10.03 18.58
N GLN D 118 21.64 9.01 19.11
CA GLN D 118 21.60 8.82 20.55
C GLN D 118 22.99 8.61 21.13
N MET D 119 23.81 7.79 20.46
CA MET D 119 25.16 7.53 20.91
C MET D 119 26.07 8.72 20.66
N ARG D 134 32.72 14.83 17.55
CA ARG D 134 31.88 15.93 17.11
C ARG D 134 30.60 15.42 16.45
N TYR D 135 30.75 14.53 15.48
CA TYR D 135 29.62 13.99 14.74
C TYR D 135 30.06 12.71 14.04
N LYS D 136 29.08 12.00 13.50
CA LYS D 136 29.31 10.78 12.74
C LYS D 136 28.77 10.94 11.33
N CYS D 137 29.46 10.35 10.36
CA CYS D 137 29.13 10.49 8.96
C CYS D 137 28.40 9.24 8.47
N VAL D 138 27.18 9.41 7.98
CA VAL D 138 26.38 8.34 7.42
C VAL D 138 26.48 8.41 5.90
N ILE D 139 26.90 7.32 5.29
CA ILE D 139 27.04 7.25 3.83
C ILE D 139 25.87 6.42 3.30
N ILE D 140 24.98 7.08 2.56
CA ILE D 140 23.78 6.45 2.02
C ILE D 140 24.12 6.00 0.60
N ASN D 141 24.47 4.73 0.43
CA ASN D 141 24.75 4.22 -0.90
C ASN D 141 23.46 4.02 -1.68
N GLU D 142 23.52 4.34 -2.98
CA GLU D 142 22.37 4.19 -3.87
C GLU D 142 21.18 5.01 -3.38
N ALA D 143 21.45 6.28 -3.08
CA ALA D 143 20.40 7.17 -2.59
C ALA D 143 19.33 7.43 -3.64
N ASN D 144 19.66 7.29 -4.93
CA ASN D 144 18.69 7.59 -5.98
C ASN D 144 17.52 6.60 -5.97
N SER D 145 17.74 5.38 -5.49
CA SER D 145 16.71 4.34 -5.51
C SER D 145 15.86 4.32 -4.25
N LEU D 146 16.07 5.26 -3.32
CA LEU D 146 15.29 5.29 -2.09
C LEU D 146 13.84 5.64 -2.40
N THR D 147 12.94 5.08 -1.59
CA THR D 147 11.52 5.38 -1.73
C THR D 147 11.24 6.81 -1.26
N LYS D 148 10.12 7.35 -1.76
CA LYS D 148 9.77 8.73 -1.44
C LYS D 148 9.54 8.92 0.06
N ASP D 149 8.87 7.95 0.69
CA ASP D 149 8.68 8.04 2.15
C ASP D 149 10.01 7.95 2.88
N ALA D 150 10.94 7.12 2.37
CA ALA D 150 12.28 7.08 2.94
C ALA D 150 12.97 8.44 2.80
N GLN D 151 12.79 9.10 1.66
CA GLN D 151 13.36 10.43 1.49
C GLN D 151 12.74 11.43 2.46
N ALA D 152 11.44 11.30 2.72
CA ALA D 152 10.79 12.19 3.70
C ALA D 152 11.35 11.94 5.11
N ALA D 153 11.55 10.67 5.47
CA ALA D 153 12.17 10.37 6.76
C ALA D 153 13.57 10.95 6.84
N LEU D 154 14.32 10.86 5.73
CA LEU D 154 15.63 11.49 5.68
C LEU D 154 15.53 12.99 5.90
N ARG D 155 14.55 13.64 5.26
CA ARG D 155 14.34 15.07 5.46
C ARG D 155 14.11 15.38 6.94
N ARG D 156 13.27 14.56 7.58
CA ARG D 156 13.01 14.78 9.01
C ARG D 156 14.31 14.65 9.81
N THR D 157 15.13 13.66 9.49
CA THR D 157 16.38 13.50 10.23
C THR D 157 17.33 14.68 10.01
N MET D 158 17.43 15.15 8.76
CA MET D 158 18.25 16.33 8.49
C MET D 158 17.74 17.53 9.27
N GLU D 159 16.43 17.73 9.32
CA GLU D 159 15.88 18.86 10.07
C GLU D 159 16.16 18.74 11.55
N LYS D 160 16.09 17.52 12.10
CA LYS D 160 16.23 17.32 13.54
C LYS D 160 17.68 17.09 13.97
N TYR D 161 18.31 16.06 13.42
CA TYR D 161 19.61 15.59 13.90
C TYR D 161 20.77 16.08 13.03
N SER D 162 20.69 17.32 12.51
CA SER D 162 21.78 17.84 11.70
C SER D 162 23.06 17.98 12.51
N LYS D 163 22.96 18.35 13.78
CA LYS D 163 24.15 18.63 14.59
C LYS D 163 25.04 17.40 14.73
N ASN D 164 24.43 16.24 14.99
CA ASN D 164 25.20 15.04 15.32
C ASN D 164 25.44 14.11 14.14
N ILE D 165 24.60 14.16 13.11
CA ILE D 165 24.71 13.27 11.96
C ILE D 165 24.90 14.10 10.70
N ARG D 166 25.91 13.74 9.91
CA ARG D 166 26.20 14.39 8.64
C ARG D 166 26.08 13.37 7.53
N LEU D 167 25.31 13.71 6.48
CA LEU D 167 24.97 12.77 5.41
C LEU D 167 25.86 13.02 4.20
N ILE D 168 26.40 11.95 3.65
CA ILE D 168 27.18 11.98 2.41
C ILE D 168 26.58 10.92 1.49
N MET D 169 25.69 11.35 0.60
CA MET D 169 24.93 10.43 -0.25
C MET D 169 25.52 10.40 -1.65
N VAL D 170 25.82 9.20 -2.14
CA VAL D 170 26.37 8.98 -3.47
C VAL D 170 25.29 8.34 -4.33
N CYS D 171 25.10 8.87 -5.53
CA CYS D 171 24.03 8.39 -6.41
C CYS D 171 24.48 8.40 -7.86
N ASP D 172 23.89 7.49 -8.64
CA ASP D 172 24.14 7.43 -10.07
C ASP D 172 23.41 8.55 -10.81
N SER D 173 22.18 8.86 -10.39
CA SER D 173 21.38 9.90 -11.00
C SER D 173 20.85 10.83 -9.92
N MET D 174 20.70 12.10 -10.27
CA MET D 174 20.23 13.12 -9.32
C MET D 174 18.74 13.40 -9.45
N SER D 175 18.11 13.01 -10.56
CA SER D 175 16.69 13.32 -10.75
C SER D 175 15.81 12.70 -9.67
N PRO D 176 15.96 11.44 -9.29
CA PRO D 176 15.03 10.86 -8.30
C PRO D 176 15.03 11.56 -6.96
N ILE D 177 16.11 12.25 -6.60
CA ILE D 177 16.18 12.91 -5.31
C ILE D 177 15.12 14.00 -5.24
N ILE D 178 14.37 14.04 -4.14
CA ILE D 178 13.32 15.04 -3.99
C ILE D 178 13.92 16.42 -3.80
N ALA D 179 13.14 17.45 -4.16
CA ALA D 179 13.65 18.81 -4.16
C ALA D 179 14.15 19.27 -2.80
N PRO D 180 13.42 19.04 -1.69
CA PRO D 180 13.93 19.53 -0.39
C PRO D 180 15.29 18.97 -0.03
N ILE D 181 15.55 17.70 -0.34
CA ILE D 181 16.86 17.12 -0.06
C ILE D 181 17.94 17.84 -0.87
N LYS D 182 17.65 18.10 -2.14
CA LYS D 182 18.59 18.86 -2.96
C LYS D 182 18.87 20.22 -2.37
N SER D 183 17.82 20.91 -1.90
CA SER D 183 17.99 22.24 -1.32
C SER D 183 18.83 22.19 -0.05
N ARG D 184 18.60 21.19 0.80
CA ARG D 184 19.29 21.11 2.08
C ARG D 184 20.69 20.53 1.97
N CYS D 185 21.09 20.04 0.80
CA CYS D 185 22.38 19.38 0.62
C CYS D 185 23.20 20.10 -0.43
N LEU D 186 24.53 19.91 -0.36
CA LEU D 186 25.46 20.48 -1.32
C LEU D 186 25.62 19.49 -2.47
N LEU D 187 25.19 19.89 -3.67
CA LEU D 187 25.25 19.02 -4.83
C LEU D 187 26.63 19.09 -5.46
N ILE D 188 27.22 17.92 -5.74
CA ILE D 188 28.54 17.83 -6.37
C ILE D 188 28.45 16.82 -7.49
N ARG D 189 28.79 17.24 -8.70
CA ARG D 189 28.80 16.38 -9.87
C ARG D 189 30.14 15.70 -10.00
N CYS D 190 30.13 14.43 -10.41
CA CYS D 190 31.34 13.63 -10.57
C CYS D 190 31.40 13.11 -12.00
N PRO D 191 31.95 13.88 -12.93
CA PRO D 191 32.03 13.40 -14.32
C PRO D 191 32.93 12.20 -14.45
N ALA D 192 32.63 11.36 -15.43
CA ALA D 192 33.43 10.17 -15.66
C ALA D 192 34.81 10.54 -16.19
N PRO D 193 35.84 9.79 -15.83
CA PRO D 193 37.19 10.12 -16.31
C PRO D 193 37.30 9.94 -17.82
N SER D 194 38.15 10.78 -18.42
CA SER D 194 38.38 10.69 -19.86
C SER D 194 39.22 9.47 -20.19
N ASP D 195 39.25 9.13 -21.48
CA ASP D 195 40.01 7.96 -21.92
C ASP D 195 41.49 8.12 -21.61
N SER D 196 42.02 9.34 -21.78
CA SER D 196 43.44 9.56 -21.51
C SER D 196 43.78 9.30 -20.05
N GLU D 197 42.93 9.78 -19.13
CA GLU D 197 43.19 9.57 -17.70
C GLU D 197 43.11 8.09 -17.33
N ILE D 198 42.13 7.37 -17.89
CA ILE D 198 42.03 5.94 -17.64
C ILE D 198 43.28 5.23 -18.15
N SER D 199 43.74 5.62 -19.35
CA SER D 199 44.94 5.02 -19.90
C SER D 199 46.15 5.29 -19.02
N THR D 200 46.25 6.52 -18.50
CA THR D 200 47.36 6.86 -17.61
C THR D 200 47.33 6.02 -16.35
N ILE D 201 46.14 5.84 -15.76
CA ILE D 201 46.02 5.04 -14.56
C ILE D 201 46.41 3.58 -14.84
N LEU D 202 45.93 3.04 -15.97
CA LEU D 202 46.29 1.67 -16.33
C LEU D 202 47.78 1.54 -16.58
N SER D 203 48.40 2.55 -17.18
CA SER D 203 49.84 2.53 -17.40
C SER D 203 50.60 2.55 -16.08
N ASP D 204 50.12 3.33 -15.11
CA ASP D 204 50.74 3.33 -13.80
C ASP D 204 50.64 1.96 -13.15
N VAL D 205 49.47 1.32 -13.26
CA VAL D 205 49.29 -0.02 -12.70
C VAL D 205 50.25 -0.99 -13.40
N VAL D 206 50.37 -0.89 -14.72
CA VAL D 206 51.29 -1.74 -15.46
C VAL D 206 52.72 -1.55 -14.98
N THR D 207 53.14 -0.30 -14.81
CA THR D 207 54.49 -0.03 -14.33
C THR D 207 54.70 -0.62 -12.95
N ASN D 208 53.70 -0.51 -12.07
CA ASN D 208 53.82 -1.07 -10.73
C ASN D 208 53.73 -2.58 -10.69
N GLU D 209 53.21 -3.21 -11.76
CA GLU D 209 53.02 -4.66 -11.79
C GLU D 209 53.97 -5.36 -12.77
N ARG D 210 54.77 -4.62 -13.52
CA ARG D 210 55.73 -5.22 -14.46
C ARG D 210 55.02 -6.05 -15.53
N ILE D 211 54.06 -5.42 -16.22
CA ILE D 211 53.32 -6.07 -17.29
C ILE D 211 53.86 -5.54 -18.61
N GLN D 212 54.46 -6.42 -19.41
CA GLN D 212 55.03 -6.00 -20.68
C GLN D 212 53.91 -5.62 -21.66
N LEU D 213 54.11 -4.51 -22.37
CA LEU D 213 53.15 -4.00 -23.34
C LEU D 213 53.85 -3.84 -24.68
N GLU D 214 53.34 -4.54 -25.70
CA GLU D 214 53.88 -4.34 -27.04
C GLU D 214 53.62 -2.93 -27.54
N THR D 215 52.42 -2.41 -27.30
CA THR D 215 52.06 -1.05 -27.67
C THR D 215 51.14 -0.47 -26.61
N LYS D 216 51.12 0.85 -26.53
CA LYS D 216 50.31 1.54 -25.53
C LYS D 216 48.84 1.65 -25.92
N ASP D 217 48.47 1.24 -27.13
CA ASP D 217 47.08 1.28 -27.55
C ASP D 217 46.23 0.24 -26.84
N ILE D 218 46.84 -0.76 -26.21
CA ILE D 218 46.07 -1.76 -25.47
C ILE D 218 45.31 -1.10 -24.33
N LEU D 219 45.98 -0.21 -23.59
CA LEU D 219 45.31 0.50 -22.50
C LEU D 219 44.18 1.36 -23.02
N LYS D 220 44.38 2.04 -24.15
CA LYS D 220 43.33 2.86 -24.73
C LYS D 220 42.13 2.01 -25.13
N ARG D 221 42.37 0.85 -25.74
CA ARG D 221 41.27 -0.03 -26.11
C ARG D 221 40.54 -0.55 -24.88
N ILE D 222 41.28 -0.89 -23.82
CA ILE D 222 40.65 -1.35 -22.59
C ILE D 222 39.77 -0.25 -22.00
N ALA D 223 40.27 0.98 -21.99
CA ALA D 223 39.49 2.10 -21.47
C ALA D 223 38.24 2.32 -22.31
N GLN D 224 38.37 2.24 -23.64
CA GLN D 224 37.20 2.40 -24.49
C GLN D 224 36.16 1.32 -24.23
N ALA D 225 36.62 0.07 -24.05
CA ALA D 225 35.69 -1.00 -23.74
C ALA D 225 35.01 -0.79 -22.40
N SER D 226 35.75 -0.29 -21.41
CA SER D 226 35.16 -0.06 -20.10
C SER D 226 34.04 0.98 -20.15
N ASN D 227 34.10 1.91 -21.09
CA ASN D 227 33.07 2.94 -21.24
C ASN D 227 33.03 3.87 -20.03
N GLY D 228 34.21 4.26 -19.54
CA GLY D 228 34.32 5.20 -18.44
C GLY D 228 34.28 4.56 -17.06
N ASN D 229 34.08 3.26 -16.96
CA ASN D 229 34.04 2.56 -15.68
C ASN D 229 35.46 2.16 -15.32
N LEU D 230 36.06 2.89 -14.39
CA LEU D 230 37.43 2.60 -13.98
C LEU D 230 37.52 1.23 -13.31
N ARG D 231 36.52 0.88 -12.50
CA ARG D 231 36.51 -0.43 -11.85
C ARG D 231 36.58 -1.55 -12.90
N VAL D 232 35.71 -1.49 -13.90
CA VAL D 232 35.67 -2.54 -14.91
C VAL D 232 36.95 -2.51 -15.75
N SER D 233 37.48 -1.32 -16.02
CA SER D 233 38.72 -1.24 -16.79
C SER D 233 39.86 -1.92 -16.06
N LEU D 234 39.98 -1.66 -14.76
CA LEU D 234 41.02 -2.32 -13.96
C LEU D 234 40.80 -3.82 -13.92
N LEU D 235 39.55 -4.26 -13.80
CA LEU D 235 39.26 -5.68 -13.79
C LEU D 235 39.69 -6.34 -15.10
N MET D 236 39.36 -5.71 -16.23
CA MET D 236 39.79 -6.25 -17.51
C MET D 236 41.31 -6.28 -17.62
N LEU D 237 41.98 -5.22 -17.18
CA LEU D 237 43.44 -5.19 -17.26
C LEU D 237 44.03 -6.35 -16.47
N GLU D 238 43.55 -6.56 -15.25
CA GLU D 238 44.07 -7.66 -14.43
C GLU D 238 43.79 -9.01 -15.07
N SER D 239 42.56 -9.21 -15.56
CA SER D 239 42.20 -10.50 -16.13
C SER D 239 43.05 -10.81 -17.37
N MET D 240 43.21 -9.83 -18.26
CA MET D 240 44.03 -10.04 -19.45
C MET D 240 45.49 -10.27 -19.09
N ALA D 241 46.01 -9.51 -18.13
CA ALA D 241 47.40 -9.70 -17.72
C ALA D 241 47.62 -11.09 -17.18
N LEU D 242 46.69 -11.58 -16.34
CA LEU D 242 46.85 -12.93 -15.78
C LEU D 242 46.69 -13.99 -16.86
N ASN D 243 45.75 -13.80 -17.79
CA ASN D 243 45.51 -14.80 -18.82
C ASN D 243 46.60 -14.83 -19.89
N ASN D 244 47.37 -13.74 -20.03
CA ASN D 244 48.42 -13.66 -21.04
C ASN D 244 49.81 -13.78 -20.43
N GLU D 245 49.93 -14.53 -19.34
CA GLU D 245 51.22 -14.74 -18.67
C GLU D 245 51.91 -13.42 -18.36
N LEU D 246 51.12 -12.43 -17.93
CA LEU D 246 51.64 -11.11 -17.57
C LEU D 246 52.39 -10.49 -18.75
N ALA D 247 51.87 -10.70 -19.96
CA ALA D 247 52.49 -10.15 -21.17
C ALA D 247 51.37 -9.90 -22.18
N LEU D 248 50.90 -8.67 -22.24
CA LEU D 248 49.83 -8.29 -23.16
C LEU D 248 50.39 -7.97 -24.54
N LYS D 249 49.54 -8.15 -25.55
CA LYS D 249 49.88 -7.87 -26.93
C LYS D 249 48.73 -7.16 -27.61
N SER D 250 49.01 -6.59 -28.79
CA SER D 250 47.98 -5.86 -29.52
C SER D 250 46.82 -6.76 -29.92
N SER D 251 47.09 -8.04 -30.14
CA SER D 251 46.07 -9.00 -30.55
C SER D 251 45.40 -9.69 -29.36
N SER D 252 45.77 -9.35 -28.14
CA SER D 252 45.16 -9.97 -26.98
C SER D 252 43.68 -9.61 -26.92
N PRO D 253 42.79 -10.58 -26.70
CA PRO D 253 41.35 -10.26 -26.66
C PRO D 253 40.98 -9.48 -25.42
N ILE D 254 39.92 -8.69 -25.54
CA ILE D 254 39.39 -7.90 -24.43
C ILE D 254 38.33 -8.73 -23.73
N ILE D 255 38.53 -8.98 -22.43
CA ILE D 255 37.61 -9.80 -21.65
C ILE D 255 36.48 -8.91 -21.16
N LYS D 256 35.30 -9.07 -21.74
CA LYS D 256 34.11 -8.33 -21.36
C LYS D 256 33.25 -9.15 -20.41
N PRO D 257 32.31 -8.52 -19.71
CA PRO D 257 31.45 -9.29 -18.81
C PRO D 257 30.69 -10.38 -19.55
N ASP D 258 30.53 -11.52 -18.90
CA ASP D 258 29.88 -12.67 -19.54
C ASP D 258 28.45 -12.35 -19.92
N TRP D 259 27.71 -11.67 -19.04
CA TRP D 259 26.32 -11.33 -19.35
C TRP D 259 26.24 -10.36 -20.52
N ILE D 260 27.23 -9.49 -20.69
CA ILE D 260 27.24 -8.61 -21.86
C ILE D 260 27.38 -9.43 -23.14
N ILE D 261 28.25 -10.43 -23.13
CA ILE D 261 28.41 -11.29 -24.30
C ILE D 261 27.13 -12.07 -24.55
N VAL D 262 26.46 -12.52 -23.49
CA VAL D 262 25.20 -13.22 -23.65
C VAL D 262 24.15 -12.32 -24.29
N ILE D 263 24.10 -11.05 -23.86
CA ILE D 263 23.15 -10.11 -24.44
C ILE D 263 23.49 -9.85 -25.91
N HIS D 264 24.78 -9.78 -26.25
CA HIS D 264 25.17 -9.62 -27.64
C HIS D 264 24.73 -10.81 -28.48
N LYS D 265 24.92 -12.02 -27.96
CA LYS D 265 24.44 -13.21 -28.66
C LYS D 265 22.92 -13.17 -28.84
N LEU D 266 22.20 -12.73 -27.81
CA LEU D 266 20.76 -12.59 -27.91
C LEU D 266 20.38 -11.59 -29.00
N THR D 267 21.08 -10.47 -29.07
CA THR D 267 20.81 -9.48 -30.10
C THR D 267 21.04 -10.06 -31.49
N ARG D 268 22.15 -10.78 -31.67
CA ARG D 268 22.42 -11.39 -32.97
C ARG D 268 21.34 -12.41 -33.33
N LYS D 269 20.92 -13.21 -32.36
CA LYS D 269 19.87 -14.20 -32.63
C LYS D 269 18.57 -13.51 -33.01
N ILE D 270 18.21 -12.43 -32.31
CA ILE D 270 16.99 -11.72 -32.63
C ILE D 270 17.06 -11.14 -34.04
N VAL D 271 18.20 -10.54 -34.39
CA VAL D 271 18.34 -9.96 -35.72
C VAL D 271 18.29 -11.02 -36.80
N LYS D 272 18.87 -12.20 -36.55
CA LYS D 272 18.92 -13.25 -37.54
C LYS D 272 17.61 -14.01 -37.66
N GLU D 273 17.15 -14.61 -36.55
CA GLU D 273 15.96 -15.45 -36.54
C GLU D 273 14.84 -14.69 -35.86
N ARG D 274 13.74 -14.45 -36.59
CA ARG D 274 12.55 -13.80 -36.06
C ARG D 274 11.40 -14.81 -36.16
N SER D 275 11.24 -15.62 -35.12
CA SER D 275 10.22 -16.66 -35.12
C SER D 275 9.77 -16.92 -33.69
N VAL D 276 8.64 -17.62 -33.56
CA VAL D 276 8.09 -17.91 -32.24
C VAL D 276 9.06 -18.78 -31.44
N ASN D 277 9.66 -19.80 -32.07
CA ASN D 277 10.63 -20.62 -31.38
C ASN D 277 11.84 -19.80 -30.95
N SER D 278 12.30 -18.88 -31.81
CA SER D 278 13.37 -17.98 -31.42
C SER D 278 12.93 -17.12 -30.23
N LEU D 279 11.67 -16.71 -30.21
CA LEU D 279 11.16 -15.96 -29.06
C LEU D 279 11.23 -16.78 -27.80
N ILE D 280 10.87 -18.07 -27.87
CA ILE D 280 10.92 -18.93 -26.69
C ILE D 280 12.36 -19.08 -26.21
N GLU D 281 13.28 -19.29 -27.14
CA GLU D 281 14.68 -19.42 -26.75
C GLU D 281 15.20 -18.15 -26.10
N CYS D 282 14.81 -16.99 -26.65
CA CYS D 282 15.22 -15.73 -26.06
C CYS D 282 14.62 -15.54 -24.68
N ARG D 283 13.39 -16.00 -24.50
CA ARG D 283 12.74 -15.92 -23.19
C ARG D 283 13.48 -16.79 -22.18
N ALA D 284 13.91 -17.98 -22.60
CA ALA D 284 14.71 -18.83 -21.72
C ALA D 284 16.03 -18.16 -21.36
N VAL D 285 16.69 -17.53 -22.34
CA VAL D 285 17.91 -16.80 -22.06
C VAL D 285 17.64 -15.67 -21.07
N LEU D 286 16.48 -15.03 -21.19
CA LEU D 286 16.11 -13.96 -20.27
C LEU D 286 15.93 -14.49 -18.85
N TYR D 287 15.26 -15.64 -18.68
CA TYR D 287 15.21 -16.25 -17.36
C TYR D 287 16.60 -16.56 -16.83
N ASP D 288 17.48 -17.08 -17.68
CA ASP D 288 18.83 -17.40 -17.21
C ASP D 288 19.54 -16.14 -16.74
N LEU D 289 19.41 -15.04 -17.48
CA LEU D 289 20.02 -13.79 -17.07
C LEU D 289 19.43 -13.28 -15.76
N LEU D 290 18.10 -13.37 -15.62
CA LEU D 290 17.46 -12.88 -14.40
C LEU D 290 17.86 -13.72 -13.19
N ALA D 291 18.08 -15.02 -13.37
CA ALA D 291 18.44 -15.88 -12.26
C ALA D 291 19.76 -15.47 -11.62
N HIS D 292 20.59 -14.69 -12.32
CA HIS D 292 21.86 -14.21 -11.79
C HIS D 292 21.73 -12.83 -11.16
N CYS D 293 20.50 -12.40 -10.86
CA CYS D 293 20.23 -11.14 -10.16
C CYS D 293 20.60 -9.91 -10.99
N ILE D 294 20.61 -10.04 -12.31
CA ILE D 294 20.86 -8.90 -13.19
C ILE D 294 19.57 -8.09 -13.27
N PRO D 295 19.59 -6.79 -12.96
CA PRO D 295 18.35 -6.01 -13.00
C PRO D 295 17.71 -6.04 -14.38
N ALA D 296 16.37 -6.06 -14.39
CA ALA D 296 15.64 -6.11 -15.66
C ALA D 296 15.89 -4.86 -16.50
N ASN D 297 15.93 -3.68 -15.85
CA ASN D 297 16.16 -2.45 -16.58
C ASN D 297 17.53 -2.44 -17.24
N ILE D 298 18.55 -2.95 -16.54
CA ILE D 298 19.88 -3.03 -17.13
C ILE D 298 19.88 -3.95 -18.33
N ILE D 299 19.20 -5.09 -18.22
CA ILE D 299 19.12 -6.02 -19.36
C ILE D 299 18.45 -5.34 -20.54
N LEU D 300 17.34 -4.64 -20.30
CA LEU D 300 16.64 -3.96 -21.39
C LEU D 300 17.52 -2.91 -22.04
N LYS D 301 18.22 -2.12 -21.23
CA LYS D 301 19.08 -1.07 -21.78
C LYS D 301 20.20 -1.68 -22.63
N GLU D 302 20.85 -2.72 -22.11
CA GLU D 302 21.95 -3.33 -22.85
C GLU D 302 21.45 -3.97 -24.15
N LEU D 303 20.29 -4.64 -24.09
CA LEU D 303 19.73 -5.24 -25.30
C LEU D 303 19.40 -4.16 -26.33
N THR D 304 18.78 -3.06 -25.90
CA THR D 304 18.42 -2.00 -26.83
C THR D 304 19.66 -1.40 -27.48
N PHE D 305 20.70 -1.13 -26.68
CA PHE D 305 21.89 -0.50 -27.23
C PHE D 305 22.68 -1.47 -28.11
N SER D 306 22.67 -2.76 -27.80
CA SER D 306 23.28 -3.73 -28.69
C SER D 306 22.54 -3.81 -30.02
N LEU D 307 21.20 -3.78 -29.97
CA LEU D 307 20.42 -3.79 -31.19
C LEU D 307 20.70 -2.54 -32.03
N LEU D 308 20.77 -1.38 -31.38
CA LEU D 308 21.04 -0.15 -32.11
C LEU D 308 22.43 -0.13 -32.73
N ASP D 309 23.38 -0.90 -32.19
CA ASP D 309 24.73 -0.94 -32.74
C ASP D 309 24.82 -1.79 -34.00
N VAL D 310 23.78 -2.55 -34.34
CA VAL D 310 23.81 -3.38 -35.54
C VAL D 310 23.87 -2.49 -36.77
N GLU D 311 24.80 -2.79 -37.67
CA GLU D 311 25.03 -1.97 -38.84
C GLU D 311 24.10 -2.30 -40.00
N THR D 312 23.33 -3.38 -39.91
CA THR D 312 22.42 -3.80 -40.96
C THR D 312 21.01 -3.25 -40.79
N LEU D 313 20.77 -2.42 -39.78
CA LEU D 313 19.45 -1.87 -39.51
C LEU D 313 19.38 -0.44 -40.02
N ASN D 314 18.22 -0.06 -40.56
CA ASN D 314 18.01 1.27 -41.10
C ASN D 314 17.50 2.21 -40.01
N THR D 315 17.26 3.47 -40.39
CA THR D 315 16.83 4.47 -39.42
C THR D 315 15.46 4.14 -38.84
N THR D 316 14.53 3.67 -39.68
CA THR D 316 13.18 3.37 -39.19
C THR D 316 13.21 2.26 -38.15
N ASN D 317 14.00 1.21 -38.40
CA ASN D 317 14.09 0.12 -37.44
C ASN D 317 14.67 0.61 -36.12
N LYS D 318 15.70 1.45 -36.18
CA LYS D 318 16.28 2.00 -34.96
C LYS D 318 15.27 2.84 -34.18
N SER D 319 14.52 3.67 -34.90
CA SER D 319 13.51 4.50 -34.24
C SER D 319 12.44 3.64 -33.57
N SER D 320 11.97 2.60 -34.27
CA SER D 320 10.98 1.71 -33.68
C SER D 320 11.55 0.99 -32.47
N ILE D 321 12.80 0.55 -32.55
CA ILE D 321 13.43 -0.15 -31.44
C ILE D 321 13.53 0.74 -30.22
N ILE D 322 13.94 2.00 -30.42
CA ILE D 322 14.10 2.89 -29.27
C ILE D 322 12.73 3.25 -28.69
N GLU D 323 11.72 3.43 -29.54
CA GLU D 323 10.36 3.62 -29.03
C GLU D 323 9.93 2.46 -28.15
N TYR D 324 10.09 1.24 -28.66
CA TYR D 324 9.65 0.07 -27.90
C TYR D 324 10.44 -0.06 -26.61
N SER D 325 11.75 0.22 -26.65
CA SER D 325 12.57 0.16 -25.45
C SER D 325 12.07 1.15 -24.41
N SER D 326 11.77 2.39 -24.81
CA SER D 326 11.27 3.37 -23.87
C SER D 326 9.93 2.94 -23.27
N VAL D 327 9.02 2.47 -24.13
CA VAL D 327 7.69 2.09 -23.65
C VAL D 327 7.80 0.94 -22.67
N PHE D 328 8.61 -0.07 -23.00
CA PHE D 328 8.71 -1.24 -22.14
C PHE D 328 9.53 -0.96 -20.89
N ASP D 329 10.45 0.00 -20.94
CA ASP D 329 11.10 0.46 -19.71
C ASP D 329 10.10 1.12 -18.77
N GLU D 330 9.22 1.95 -19.33
CA GLU D 330 8.15 2.52 -18.50
C GLU D 330 7.27 1.42 -17.93
N ARG D 331 6.95 0.41 -18.74
CA ARG D 331 6.14 -0.70 -18.25
C ARG D 331 6.85 -1.43 -17.12
N LEU D 332 8.16 -1.65 -17.26
CA LEU D 332 8.93 -2.29 -16.19
C LEU D 332 8.89 -1.46 -14.92
N SER D 333 8.99 -0.15 -15.04
CA SER D 333 8.97 0.70 -13.86
C SER D 333 7.68 0.54 -13.07
N LEU D 334 6.55 0.45 -13.77
CA LEU D 334 5.24 0.34 -13.14
C LEU D 334 4.74 -1.10 -13.05
N GLY D 335 5.56 -2.07 -13.47
CA GLY D 335 5.15 -3.46 -13.48
C GLY D 335 5.61 -4.22 -12.25
N ASN D 336 5.26 -5.51 -12.23
CA ASN D 336 5.65 -6.42 -11.15
C ASN D 336 6.56 -7.54 -11.64
N LYS D 337 6.19 -8.20 -12.74
CA LYS D 337 7.01 -9.26 -13.32
C LYS D 337 7.74 -8.71 -14.54
N ALA D 338 9.06 -8.86 -14.54
CA ALA D 338 9.88 -8.29 -15.60
C ALA D 338 9.83 -9.11 -16.88
N ILE D 339 9.52 -10.40 -16.79
CA ILE D 339 9.59 -11.26 -17.98
C ILE D 339 8.58 -10.80 -19.02
N PHE D 340 7.38 -10.42 -18.60
CA PHE D 340 6.35 -10.00 -19.55
C PHE D 340 6.84 -8.87 -20.43
N HIS D 341 7.39 -7.81 -19.83
CA HIS D 341 7.82 -6.63 -20.58
C HIS D 341 9.02 -6.92 -21.48
N LEU D 342 9.99 -7.68 -20.97
CA LEU D 342 11.15 -8.03 -21.81
C LEU D 342 10.72 -8.85 -23.02
N GLU D 343 9.85 -9.84 -22.80
CA GLU D 343 9.37 -10.64 -23.92
C GLU D 343 8.57 -9.80 -24.89
N GLY D 344 7.76 -8.87 -24.38
CA GLY D 344 7.01 -8.00 -25.26
C GLY D 344 7.91 -7.13 -26.11
N PHE D 345 8.96 -6.57 -25.50
CA PHE D 345 9.91 -5.76 -26.26
C PHE D 345 10.59 -6.59 -27.33
N ILE D 346 11.03 -7.81 -26.99
CA ILE D 346 11.69 -8.65 -27.97
C ILE D 346 10.74 -9.00 -29.11
N ALA D 347 9.48 -9.32 -28.79
CA ALA D 347 8.51 -9.66 -29.82
C ALA D 347 8.24 -8.46 -30.73
N LYS D 348 8.11 -7.27 -30.14
CA LYS D 348 7.89 -6.07 -30.95
C LYS D 348 9.07 -5.80 -31.87
N VAL D 349 10.29 -5.98 -31.36
CA VAL D 349 11.48 -5.79 -32.20
C VAL D 349 11.50 -6.79 -33.33
N MET D 350 11.18 -8.05 -33.04
CA MET D 350 11.14 -9.07 -34.09
C MET D 350 10.09 -8.73 -35.14
N CYS D 351 8.91 -8.28 -34.71
CA CYS D 351 7.86 -7.93 -35.66
C CYS D 351 8.28 -6.76 -36.54
N CYS D 352 8.87 -5.73 -35.94
CA CYS D 352 9.27 -4.57 -36.73
C CYS D 352 10.38 -4.92 -37.70
N LEU D 353 11.37 -5.71 -37.26
CA LEU D 353 12.45 -6.11 -38.15
C LEU D 353 11.96 -7.02 -39.26
N ASP D 354 11.07 -7.95 -38.94
CA ASP D 354 10.55 -8.90 -39.93
C ASP D 354 9.50 -8.22 -40.81
N GLY E 63 -22.16 -42.46 20.61
CA GLY E 63 -21.97 -41.07 20.97
C GLY E 63 -20.64 -40.82 21.64
N GLU E 64 -20.20 -41.79 22.45
CA GLU E 64 -18.93 -41.65 23.15
C GLU E 64 -17.78 -41.60 22.17
N GLN E 65 -16.78 -40.76 22.46
CA GLN E 65 -15.65 -40.54 21.58
C GLN E 65 -14.58 -41.60 21.80
N TRP E 66 -13.84 -41.91 20.72
CA TRP E 66 -12.87 -42.99 20.76
C TRP E 66 -11.68 -42.64 21.64
N TYR E 67 -11.10 -41.45 21.46
CA TYR E 67 -9.87 -41.13 22.19
C TYR E 67 -10.11 -41.10 23.70
N GLU E 68 -11.28 -40.63 24.12
CA GLU E 68 -11.62 -40.72 25.54
C GLU E 68 -11.71 -42.16 25.99
N LYS E 69 -12.29 -43.03 25.17
CA LYS E 69 -12.40 -44.44 25.52
C LYS E 69 -11.01 -45.08 25.65
N PHE E 70 -10.10 -44.78 24.73
CA PHE E 70 -8.80 -45.42 24.66
C PHE E 70 -7.67 -44.47 25.06
N LYS E 71 -7.91 -43.64 26.06
CA LYS E 71 -6.87 -42.76 26.55
C LYS E 71 -5.76 -43.59 27.20
N PRO E 72 -4.52 -43.09 27.19
CA PRO E 72 -3.41 -43.89 27.73
C PRO E 72 -3.64 -44.27 29.18
N ASN E 73 -3.26 -45.50 29.53
CA ASN E 73 -3.36 -46.00 30.89
C ASN E 73 -2.02 -46.04 31.61
N CYS E 74 -0.92 -46.18 30.87
CA CYS E 74 0.41 -46.21 31.47
C CYS E 74 1.33 -45.21 30.77
N LEU E 75 2.61 -45.23 31.11
CA LEU E 75 3.59 -44.32 30.54
C LEU E 75 4.22 -44.86 29.25
N GLU E 76 3.89 -46.08 28.85
CA GLU E 76 4.46 -46.68 27.65
C GLU E 76 3.64 -46.41 26.39
N GLN E 77 2.38 -46.02 26.54
CA GLN E 77 1.49 -45.76 25.42
C GLN E 77 1.26 -44.26 25.19
N VAL E 78 2.14 -43.42 25.72
CA VAL E 78 2.03 -41.97 25.54
C VAL E 78 2.67 -41.60 24.22
N ALA E 79 1.92 -40.88 23.38
CA ALA E 79 2.38 -40.49 22.04
C ALA E 79 3.36 -39.32 22.19
N ILE E 80 4.64 -39.64 22.36
CA ILE E 80 5.68 -38.64 22.45
C ILE E 80 7.02 -39.34 22.28
N HIS E 81 8.00 -38.61 21.74
CA HIS E 81 9.31 -39.18 21.52
C HIS E 81 9.98 -39.54 22.84
N LYS E 82 10.83 -40.57 22.80
CA LYS E 82 11.48 -41.03 24.01
C LYS E 82 12.41 -39.96 24.60
N ARG E 83 13.06 -39.16 23.74
CA ARG E 83 13.98 -38.15 24.24
C ARG E 83 13.26 -37.13 25.11
N LYS E 84 12.15 -36.57 24.60
CA LYS E 84 11.39 -35.59 25.37
C LYS E 84 10.83 -36.21 26.64
N LEU E 85 10.32 -37.43 26.56
CA LEU E 85 9.77 -38.09 27.74
C LEU E 85 10.85 -38.26 28.81
N LYS E 86 12.04 -38.73 28.41
CA LYS E 86 13.11 -38.92 29.38
C LYS E 86 13.57 -37.59 29.96
N ASP E 87 13.69 -36.55 29.13
CA ASP E 87 14.12 -35.25 29.64
C ASP E 87 13.10 -34.71 30.64
N VAL E 88 11.82 -34.80 30.32
CA VAL E 88 10.79 -34.31 31.23
C VAL E 88 10.80 -35.10 32.52
N GLN E 89 10.93 -36.42 32.43
CA GLN E 89 10.95 -37.24 33.63
C GLN E 89 12.13 -36.89 34.52
N GLU E 90 13.32 -36.72 33.93
CA GLU E 90 14.49 -36.40 34.72
C GLU E 90 14.36 -35.02 35.36
N ALA E 91 13.87 -34.03 34.61
CA ALA E 91 13.71 -32.69 35.17
C ALA E 91 12.69 -32.70 36.30
N LEU E 92 11.58 -33.41 36.11
CA LEU E 92 10.54 -33.46 37.14
C LEU E 92 11.05 -34.18 38.39
N ASP E 93 11.81 -35.27 38.21
CA ASP E 93 12.36 -35.99 39.35
C ASP E 93 13.34 -35.12 40.13
N ALA E 94 14.23 -34.42 39.42
CA ALA E 94 15.15 -33.51 40.10
C ALA E 94 14.40 -32.38 40.78
N MET E 95 13.27 -31.96 40.21
CA MET E 95 12.48 -30.90 40.83
C MET E 95 11.92 -31.34 42.18
N PHE E 96 11.46 -32.59 42.29
CA PHE E 96 10.84 -33.03 43.54
C PHE E 96 11.81 -33.05 44.70
N LEU E 97 13.12 -32.95 44.46
CA LEU E 97 14.07 -33.01 45.54
C LEU E 97 13.83 -31.85 46.51
N PRO E 98 14.10 -32.05 47.81
CA PRO E 98 13.82 -30.98 48.78
C PRO E 98 14.45 -29.64 48.40
N ASN E 99 15.75 -29.63 48.12
CA ASN E 99 16.44 -28.41 47.72
C ASN E 99 16.49 -28.33 46.19
N ALA E 100 15.31 -28.12 45.62
CA ALA E 100 15.17 -28.05 44.18
C ALA E 100 15.66 -26.70 43.65
N LYS E 101 15.99 -26.69 42.36
CA LYS E 101 16.47 -25.48 41.70
C LYS E 101 15.39 -24.76 40.91
N HIS E 102 14.35 -25.45 40.49
CA HIS E 102 13.22 -24.85 39.77
C HIS E 102 11.92 -25.15 40.52
N ARG E 103 11.08 -24.12 40.63
CA ARG E 103 9.76 -24.28 41.22
C ARG E 103 8.64 -24.36 40.19
N ILE E 104 8.84 -23.77 39.02
CA ILE E 104 7.84 -23.76 37.96
C ILE E 104 8.42 -24.47 36.74
N LEU E 105 7.70 -25.45 36.22
CA LEU E 105 8.07 -26.16 34.99
C LEU E 105 7.13 -25.70 33.89
N LEU E 106 7.69 -25.08 32.86
CA LEU E 106 6.92 -24.48 31.78
C LEU E 106 7.11 -25.30 30.51
N LEU E 107 6.07 -26.04 30.12
CA LEU E 107 6.04 -26.72 28.83
C LEU E 107 5.31 -25.84 27.84
N SER E 108 5.91 -25.65 26.67
CA SER E 108 5.32 -24.81 25.62
C SER E 108 5.48 -25.52 24.29
N GLY E 109 4.37 -25.75 23.60
CA GLY E 109 4.43 -26.45 22.33
C GLY E 109 3.11 -26.44 21.59
N PRO E 110 3.12 -26.95 20.36
CA PRO E 110 1.88 -26.98 19.56
C PRO E 110 0.89 -27.98 20.11
N SER E 111 -0.34 -27.88 19.60
CA SER E 111 -1.42 -28.72 20.09
C SER E 111 -1.15 -30.19 19.78
N GLY E 112 -1.72 -31.07 20.61
CA GLY E 112 -1.57 -32.49 20.42
C GLY E 112 -0.16 -33.00 20.60
N CYS E 113 0.54 -32.54 21.63
CA CYS E 113 1.91 -32.97 21.92
C CYS E 113 2.00 -33.72 23.24
N SER E 114 0.86 -34.14 23.80
CA SER E 114 0.83 -34.91 25.05
C SER E 114 1.55 -34.15 26.16
N LYS E 115 1.19 -32.87 26.32
CA LYS E 115 1.82 -32.04 27.35
C LYS E 115 1.26 -32.35 28.73
N SER E 116 -0.06 -32.26 28.89
CA SER E 116 -0.68 -32.56 30.19
C SER E 116 -0.76 -34.05 30.45
N THR E 117 -0.94 -34.87 29.40
CA THR E 117 -1.06 -36.31 29.60
C THR E 117 0.22 -36.90 30.18
N VAL E 118 1.38 -36.52 29.64
CA VAL E 118 2.64 -37.04 30.15
C VAL E 118 2.86 -36.57 31.58
N ILE E 119 2.50 -35.33 31.87
CA ILE E 119 2.66 -34.81 33.23
C ILE E 119 1.81 -35.62 34.21
N LYS E 120 0.56 -35.90 33.84
CA LYS E 120 -0.32 -36.67 34.71
C LYS E 120 0.22 -38.08 34.90
N GLU E 121 0.67 -38.72 33.81
CA GLU E 121 1.18 -40.08 33.91
C GLU E 121 2.41 -40.14 34.82
N LEU E 122 3.33 -39.17 34.67
CA LEU E 122 4.50 -39.12 35.53
C LEU E 122 4.10 -38.86 36.98
N SER E 123 3.14 -37.96 37.20
CA SER E 123 2.72 -37.63 38.55
C SER E 123 2.12 -38.84 39.25
N LYS E 124 1.36 -39.66 38.53
CA LYS E 124 0.71 -40.80 39.16
C LYS E 124 1.70 -41.68 39.91
N ILE E 125 2.95 -41.74 39.44
CA ILE E 125 3.96 -42.59 40.07
C ILE E 125 4.89 -41.74 40.94
N LEU E 126 5.04 -40.45 40.62
CA LEU E 126 6.01 -39.64 41.32
C LEU E 126 5.47 -39.07 42.63
N VAL E 127 4.20 -38.68 42.65
CA VAL E 127 3.64 -38.03 43.84
C VAL E 127 3.73 -38.94 45.06
N PRO E 128 3.36 -40.22 44.99
CA PRO E 128 3.48 -41.08 46.19
C PRO E 128 4.88 -41.16 46.74
N LYS E 129 5.90 -41.06 45.89
CA LYS E 129 7.28 -41.21 46.37
C LYS E 129 7.63 -40.13 47.38
N TYR E 130 7.28 -38.88 47.10
CA TYR E 130 7.65 -37.76 47.95
C TYR E 130 6.57 -37.35 48.94
N ARG E 131 5.42 -38.01 48.91
CA ARG E 131 4.36 -37.67 49.85
C ARG E 131 4.75 -38.08 51.27
N GLN E 132 4.47 -37.21 52.23
CA GLN E 132 4.82 -37.43 53.62
C GLN E 132 3.63 -38.00 54.38
N ASN E 133 3.93 -38.70 55.48
CA ASN E 133 2.88 -39.27 56.31
C ASN E 133 2.08 -38.16 56.99
N SER E 134 0.78 -38.36 57.07
CA SER E 134 -0.11 -37.37 57.70
C SER E 134 0.02 -37.42 59.22
N ASN E 144 -6.10 -40.20 48.11
CA ASN E 144 -5.59 -40.31 46.74
C ASN E 144 -6.54 -39.65 45.75
N GLU E 145 -6.23 -39.77 44.47
CA GLU E 145 -6.95 -39.22 43.33
C GLU E 145 -6.72 -37.72 43.17
N HIS E 146 -6.06 -37.06 44.12
CA HIS E 146 -5.69 -35.65 43.99
C HIS E 146 -4.27 -35.50 43.45
N LYS E 147 -3.99 -36.17 42.32
CA LYS E 147 -2.65 -36.11 41.74
C LYS E 147 -2.39 -34.81 41.03
N VAL E 148 -3.42 -34.23 40.38
CA VAL E 148 -3.26 -32.98 39.65
C VAL E 148 -4.44 -32.07 39.97
N THR E 149 -4.22 -31.07 40.81
CA THR E 149 -5.25 -30.09 41.18
C THR E 149 -5.28 -28.99 40.11
N GLU E 150 -5.83 -29.34 38.96
CA GLU E 150 -5.89 -28.42 37.84
C GLU E 150 -6.85 -27.27 38.15
N PHE E 151 -6.53 -26.09 37.63
CA PHE E 151 -7.33 -24.89 37.81
C PHE E 151 -8.02 -24.53 36.51
N ARG E 152 -9.28 -24.14 36.59
CA ARG E 152 -10.09 -23.78 35.43
C ARG E 152 -10.17 -22.26 35.30
N GLY E 153 -10.02 -21.78 34.08
CA GLY E 153 -10.07 -20.36 33.80
C GLY E 153 -11.45 -19.78 33.67
N ASP E 154 -12.49 -20.60 33.82
CA ASP E 154 -13.89 -20.16 33.71
C ASP E 154 -14.65 -20.54 34.96
N CYS E 155 -14.05 -20.30 36.13
CA CYS E 155 -14.67 -20.62 37.41
C CYS E 155 -15.65 -19.51 37.76
N ILE E 156 -16.94 -19.83 37.78
CA ILE E 156 -17.98 -18.86 38.09
C ILE E 156 -18.99 -19.49 39.04
N GLU E 164 -9.09 -12.78 40.30
CA GLU E 164 -8.52 -12.98 41.63
C GLU E 164 -8.56 -14.47 42.02
N SER E 165 -9.24 -15.27 41.21
CA SER E 165 -9.33 -16.70 41.49
C SER E 165 -7.96 -17.36 41.46
N PHE E 166 -7.08 -16.92 40.55
CA PHE E 166 -5.76 -17.52 40.45
C PHE E 166 -4.95 -17.31 41.74
N SER E 167 -5.03 -16.11 42.32
CA SER E 167 -4.32 -15.85 43.56
C SER E 167 -4.84 -16.74 44.69
N GLU E 168 -6.16 -16.88 44.79
CA GLU E 168 -6.72 -17.75 45.82
C GLU E 168 -6.30 -19.19 45.61
N PHE E 169 -6.27 -19.64 44.35
CA PHE E 169 -5.82 -20.99 44.06
C PHE E 169 -4.37 -21.19 44.47
N LEU E 170 -3.51 -20.21 44.19
CA LEU E 170 -2.11 -20.30 44.58
C LEU E 170 -1.98 -20.37 46.11
N LYS E 171 -2.73 -19.51 46.81
CA LYS E 171 -2.66 -19.51 48.27
C LYS E 171 -3.13 -20.84 48.84
N GLY E 172 -4.21 -21.40 48.28
CA GLY E 172 -4.68 -22.70 48.74
C GLY E 172 -3.68 -23.81 48.47
N ALA E 173 -3.08 -23.80 47.27
CA ALA E 173 -2.10 -24.81 46.93
C ALA E 173 -0.87 -24.72 47.83
N ARG E 174 -0.54 -23.51 48.28
CA ARG E 174 0.61 -23.35 49.16
C ARG E 174 0.52 -24.28 50.37
N TYR E 175 -0.70 -24.53 50.86
CA TYR E 175 -0.87 -25.46 51.97
C TYR E 175 -0.65 -26.90 51.53
N LEU E 176 -0.83 -27.20 50.25
CA LEU E 176 -0.72 -28.57 49.74
C LEU E 176 0.76 -28.95 49.65
N VAL E 177 1.35 -29.17 50.82
CA VAL E 177 2.75 -29.59 50.95
C VAL E 177 2.83 -30.68 52.02
N MET E 178 3.99 -31.32 52.06
CA MET E 178 4.26 -32.41 53.02
C MET E 178 3.22 -33.50 52.79
N SER E 179 2.37 -33.83 53.76
CA SER E 179 1.39 -34.89 53.57
C SER E 179 0.31 -34.51 52.56
N ASN E 180 0.13 -33.22 52.30
CA ASN E 180 -0.86 -32.74 51.34
C ASN E 180 -0.25 -32.51 49.96
N LEU E 181 0.81 -33.24 49.62
CA LEU E 181 1.47 -33.06 48.35
C LEU E 181 0.51 -33.34 47.20
N SER E 182 0.50 -32.45 46.21
CA SER E 182 -0.36 -32.61 45.04
C SER E 182 0.18 -31.73 43.92
N LEU E 183 0.48 -32.33 42.78
CA LEU E 183 1.02 -31.58 41.66
C LEU E 183 0.00 -30.54 41.18
N ILE E 184 0.52 -29.38 40.77
CA ILE E 184 -0.31 -28.27 40.30
C ILE E 184 -0.09 -28.12 38.80
N LEU E 185 -1.20 -28.04 38.06
CA LEU E 185 -1.18 -27.98 36.60
C LEU E 185 -2.06 -26.83 36.14
N ILE E 186 -1.52 -25.98 35.26
CA ILE E 186 -2.14 -24.70 34.93
C ILE E 186 -2.43 -24.62 33.43
N GLU E 187 -2.81 -25.75 32.82
CA GLU E 187 -3.09 -25.76 31.39
C GLU E 187 -4.07 -24.65 31.02
N ASP E 188 -5.17 -24.54 31.75
CA ASP E 188 -6.15 -23.49 31.51
C ASP E 188 -5.67 -22.18 32.14
N LEU E 189 -5.65 -21.12 31.33
CA LEU E 189 -5.14 -19.82 31.77
C LEU E 189 -6.30 -18.84 31.98
N PRO E 190 -6.13 -17.87 32.87
CA PRO E 190 -7.22 -16.89 33.10
C PRO E 190 -7.33 -15.89 31.97
N ASN E 191 -8.23 -14.91 32.13
CA ASN E 191 -8.39 -13.87 31.13
C ASN E 191 -7.19 -12.93 31.16
N VAL E 192 -6.21 -13.18 30.30
CA VAL E 192 -4.97 -12.41 30.28
C VAL E 192 -4.94 -11.45 29.10
N PHE E 193 -6.09 -11.14 28.49
CA PHE E 193 -6.12 -10.27 27.32
C PHE E 193 -5.80 -8.83 27.70
N HIS E 194 -6.46 -8.32 28.74
CA HIS E 194 -6.24 -6.94 29.15
C HIS E 194 -4.87 -6.78 29.79
N ILE E 195 -4.32 -5.58 29.69
CA ILE E 195 -2.97 -5.32 30.19
C ILE E 195 -2.93 -5.53 31.71
N ASP E 196 -3.98 -5.12 32.41
CA ASP E 196 -3.99 -5.25 33.86
C ASP E 196 -3.95 -6.73 34.27
N THR E 197 -4.71 -7.59 33.59
CA THR E 197 -4.71 -9.00 33.92
C THR E 197 -3.35 -9.63 33.67
N ARG E 198 -2.72 -9.29 32.54
CA ARG E 198 -1.39 -9.82 32.25
C ARG E 198 -0.38 -9.35 33.30
N ARG E 199 -0.47 -8.08 33.69
CA ARG E 199 0.43 -7.57 34.73
C ARG E 199 0.21 -8.32 36.04
N ARG E 200 -1.04 -8.56 36.41
CA ARG E 200 -1.32 -9.29 37.64
C ARG E 200 -0.76 -10.70 37.58
N PHE E 201 -0.95 -11.38 36.44
CA PHE E 201 -0.44 -12.75 36.30
C PHE E 201 1.09 -12.76 36.41
N GLN E 202 1.75 -11.82 35.73
CA GLN E 202 3.20 -11.77 35.79
C GLN E 202 3.69 -11.48 37.20
N GLN E 203 3.02 -10.56 37.90
CA GLN E 203 3.41 -10.26 39.27
C GLN E 203 3.21 -11.47 40.18
N LEU E 204 2.12 -12.21 40.01
CA LEU E 204 1.90 -13.40 40.82
C LEU E 204 2.96 -14.45 40.54
N ILE E 205 3.32 -14.65 39.26
CA ILE E 205 4.36 -15.61 38.94
C ILE E 205 5.70 -15.20 39.54
N LEU E 206 6.02 -13.90 39.46
CA LEU E 206 7.27 -13.42 40.04
C LEU E 206 7.29 -13.61 41.55
N GLN E 207 6.16 -13.32 42.22
CA GLN E 207 6.10 -13.53 43.66
C GLN E 207 6.26 -15.00 44.02
N TRP E 208 5.62 -15.89 43.25
CA TRP E 208 5.79 -17.31 43.50
C TRP E 208 7.24 -17.74 43.33
N LEU E 209 7.91 -17.24 42.29
CA LEU E 209 9.31 -17.58 42.09
C LEU E 209 10.20 -16.99 43.19
N TYR E 210 9.82 -15.85 43.74
CA TYR E 210 10.59 -15.19 44.79
C TYR E 210 10.21 -15.67 46.19
N SER E 211 9.23 -16.56 46.31
CA SER E 211 8.81 -17.04 47.62
C SER E 211 9.95 -17.75 48.32
N SER E 212 10.13 -17.45 49.60
CA SER E 212 11.19 -18.05 50.40
C SER E 212 10.78 -19.35 51.06
N GLU E 213 9.51 -19.74 50.96
CA GLU E 213 9.02 -20.97 51.57
C GLU E 213 9.81 -22.17 51.04
N PRO E 214 10.63 -22.82 51.86
CA PRO E 214 11.37 -23.99 51.37
C PRO E 214 10.46 -25.11 50.90
N LEU E 215 9.29 -25.26 51.51
CA LEU E 215 8.34 -26.32 51.17
C LEU E 215 7.20 -25.70 50.37
N LEU E 216 7.17 -25.98 49.07
CA LEU E 216 6.13 -25.50 48.18
C LEU E 216 5.73 -26.61 47.23
N PRO E 217 4.50 -26.58 46.72
CA PRO E 217 4.04 -27.63 45.80
C PRO E 217 4.59 -27.40 44.41
N PRO E 218 4.74 -28.45 43.60
CA PRO E 218 5.13 -28.26 42.21
C PRO E 218 4.11 -27.41 41.46
N LEU E 219 4.62 -26.59 40.54
CA LEU E 219 3.79 -25.82 39.62
C LEU E 219 4.21 -26.16 38.20
N VAL E 220 3.24 -26.56 37.38
CA VAL E 220 3.46 -26.91 35.99
C VAL E 220 2.51 -26.10 35.13
N ILE E 221 3.05 -25.41 34.13
CA ILE E 221 2.27 -24.56 33.23
C ILE E 221 2.47 -25.08 31.81
N CYS E 222 1.37 -25.48 31.17
CA CYS E 222 1.38 -25.96 29.79
C CYS E 222 0.76 -24.91 28.89
N ILE E 223 1.48 -24.57 27.81
CA ILE E 223 1.07 -23.52 26.90
C ILE E 223 1.06 -24.09 25.48
N THR E 224 -0.03 -23.81 24.75
CA THR E 224 -0.18 -24.21 23.37
C THR E 224 0.04 -23.00 22.47
N GLU E 225 0.89 -23.15 21.46
CA GLU E 225 1.27 -22.05 20.60
C GLU E 225 0.36 -21.98 19.38
N CYS E 226 -0.20 -20.80 19.14
CA CYS E 226 -1.05 -20.56 17.98
C CYS E 226 -0.96 -19.09 17.60
N GLU E 227 -1.15 -18.82 16.32
CA GLU E 227 -1.05 -17.46 15.81
C GLU E 227 -1.96 -17.30 14.59
N ILE E 228 -2.31 -16.06 14.30
CA ILE E 228 -3.16 -15.74 13.16
C ILE E 228 -2.48 -14.64 12.35
N PRO E 229 -1.50 -14.97 11.49
CA PRO E 229 -0.80 -13.95 10.70
C PRO E 229 -1.56 -13.56 9.44
N GLY E 239 2.50 -8.85 19.29
CA GLY E 239 1.40 -8.63 20.22
C GLY E 239 0.71 -9.91 20.62
N ILE E 240 -0.01 -9.86 21.75
CA ILE E 240 -0.73 -11.04 22.23
C ILE E 240 -1.80 -11.45 21.25
N ASP E 241 -2.47 -10.47 20.62
CA ASP E 241 -3.51 -10.80 19.66
C ASP E 241 -2.96 -11.58 18.47
N TYR E 242 -1.80 -11.15 17.95
CA TYR E 242 -1.22 -11.84 16.80
C TYR E 242 -0.81 -13.26 17.17
N THR E 243 -0.17 -13.43 18.32
CA THR E 243 0.33 -14.73 18.74
C THR E 243 0.14 -14.88 20.25
N PHE E 244 -0.07 -16.12 20.68
CA PHE E 244 -0.21 -16.43 22.10
C PHE E 244 0.84 -17.45 22.51
N SER E 245 2.07 -17.27 22.04
CA SER E 245 3.16 -18.17 22.38
C SER E 245 3.68 -17.87 23.78
N ALA E 246 4.69 -18.62 24.20
CA ALA E 246 5.26 -18.41 25.53
C ALA E 246 5.87 -17.02 25.67
N GLU E 247 6.57 -16.56 24.63
CA GLU E 247 7.30 -15.29 24.73
C GLU E 247 6.37 -14.15 25.13
N THR E 248 5.15 -14.13 24.61
CA THR E 248 4.22 -13.04 24.86
C THR E 248 3.42 -13.19 26.15
N ILE E 249 3.49 -14.35 26.80
CA ILE E 249 2.65 -14.60 27.97
C ILE E 249 3.32 -14.13 29.27
N MET E 250 4.64 -14.23 29.38
CA MET E 250 5.36 -13.75 30.55
C MET E 250 6.49 -12.83 30.11
N ASN E 251 6.84 -11.89 30.99
CA ASN E 251 7.80 -10.85 30.65
C ASN E 251 9.21 -11.44 30.58
N LYS E 252 10.19 -10.57 30.32
CA LYS E 252 11.58 -11.02 30.20
C LYS E 252 12.09 -11.61 31.51
N GLU E 253 11.71 -11.01 32.64
CA GLU E 253 12.19 -11.49 33.92
C GLU E 253 11.83 -12.96 34.14
N ILE E 254 10.69 -13.40 33.63
CA ILE E 254 10.29 -14.80 33.77
C ILE E 254 10.84 -15.65 32.63
N LEU E 255 10.97 -15.07 31.42
CA LEU E 255 11.50 -15.83 30.29
C LEU E 255 12.93 -16.27 30.55
N MET E 256 13.75 -15.38 31.10
CA MET E 256 15.15 -15.67 31.39
C MET E 256 15.41 -15.87 32.88
N HIS E 257 14.38 -16.24 33.64
CA HIS E 257 14.55 -16.44 35.06
C HIS E 257 15.55 -17.58 35.31
N PRO E 258 16.55 -17.38 36.16
CA PRO E 258 17.56 -18.44 36.35
C PRO E 258 16.98 -19.70 36.99
N ARG E 259 15.83 -19.61 37.65
CA ARG E 259 15.25 -20.73 38.37
C ARG E 259 13.91 -21.14 37.77
N LEU E 260 13.83 -21.14 36.44
CA LEU E 260 12.64 -21.59 35.72
C LEU E 260 13.08 -22.40 34.52
N LYS E 261 12.60 -23.63 34.42
CA LYS E 261 12.97 -24.54 33.35
C LYS E 261 11.86 -24.54 32.29
N ARG E 262 12.23 -24.23 31.05
CA ARG E 262 11.30 -24.20 29.93
C ARG E 262 11.63 -25.34 28.97
N ILE E 263 10.62 -26.12 28.61
CA ILE E 263 10.78 -27.25 27.71
C ILE E 263 9.87 -27.05 26.51
N LYS E 264 10.41 -27.32 25.33
CA LYS E 264 9.67 -27.19 24.07
C LYS E 264 9.43 -28.57 23.50
N PHE E 265 8.16 -28.88 23.24
CA PHE E 265 7.77 -30.17 22.70
C PHE E 265 7.79 -30.15 21.18
N ASN E 266 7.65 -31.32 20.57
CA ASN E 266 7.65 -31.48 19.14
C ASN E 266 6.41 -32.27 18.71
N PRO E 267 5.88 -32.02 17.52
CA PRO E 267 4.73 -32.81 17.06
C PRO E 267 5.07 -34.29 16.97
N ILE E 268 4.07 -35.12 17.24
CA ILE E 268 4.26 -36.56 17.21
C ILE E 268 4.72 -36.98 15.82
N ASN E 269 5.71 -37.87 15.77
CA ASN E 269 6.23 -38.36 14.51
C ASN E 269 5.24 -39.31 13.85
N SER E 270 5.48 -39.57 12.56
CA SER E 270 4.55 -40.39 11.79
C SER E 270 4.47 -41.81 12.35
N THR E 271 5.61 -42.38 12.76
CA THR E 271 5.63 -43.78 13.17
C THR E 271 4.75 -44.01 14.39
N LEU E 272 4.88 -43.17 15.42
CA LEU E 272 4.09 -43.35 16.63
C LEU E 272 2.61 -43.15 16.36
N LEU E 273 2.26 -42.14 15.53
CA LEU E 273 0.87 -41.91 15.20
C LEU E 273 0.28 -43.11 14.46
N LYS E 274 1.04 -43.66 13.51
CA LYS E 274 0.58 -44.85 12.80
C LYS E 274 0.39 -46.02 13.75
N LYS E 275 1.33 -46.21 14.68
CA LYS E 275 1.23 -47.30 15.64
C LYS E 275 -0.02 -47.15 16.50
N HIS E 276 -0.28 -45.94 16.99
CA HIS E 276 -1.45 -45.72 17.84
C HIS E 276 -2.74 -45.91 17.05
N LEU E 277 -2.78 -45.43 15.81
CA LEU E 277 -3.98 -45.60 14.99
C LEU E 277 -4.24 -47.07 14.72
N LYS E 278 -3.21 -47.84 14.40
CA LYS E 278 -3.41 -49.26 14.15
C LYS E 278 -3.76 -50.00 15.43
N PHE E 279 -3.31 -49.50 16.59
CA PHE E 279 -3.75 -50.11 17.85
C PHE E 279 -5.23 -49.86 18.09
N ILE E 280 -5.70 -48.63 17.85
CA ILE E 280 -7.12 -48.34 17.96
C ILE E 280 -7.91 -49.22 16.99
N CYS E 281 -7.37 -49.42 15.78
CA CYS E 281 -7.97 -50.37 14.86
C CYS E 281 -8.05 -51.76 15.51
N VAL E 282 -6.90 -52.35 15.83
CA VAL E 282 -6.87 -53.67 16.45
C VAL E 282 -7.94 -53.78 17.54
N GLN E 283 -8.19 -52.67 18.25
CA GLN E 283 -9.27 -52.65 19.23
C GLN E 283 -10.66 -52.70 18.59
N ASN E 284 -10.87 -52.02 17.47
CA ASN E 284 -12.19 -51.89 16.86
C ASN E 284 -12.42 -52.91 15.74
N MET E 285 -11.51 -53.88 15.62
CA MET E 285 -11.66 -54.96 14.63
C MET E 285 -13.10 -55.45 14.52
N LYS E 286 -13.83 -55.56 15.63
CA LYS E 286 -15.17 -56.12 15.56
C LYS E 286 -16.08 -55.28 14.66
N MET E 287 -16.16 -53.98 14.96
CA MET E 287 -17.02 -53.10 14.15
C MET E 287 -16.45 -52.92 12.75
N LEU E 288 -15.12 -52.91 12.62
CA LEU E 288 -14.53 -52.78 11.30
C LEU E 288 -14.90 -53.96 10.40
N LYS E 289 -14.86 -55.18 10.95
CA LYS E 289 -15.28 -56.35 10.19
C LYS E 289 -16.78 -56.31 9.92
N GLU E 290 -17.57 -55.85 10.89
CA GLU E 290 -19.01 -55.75 10.67
C GLU E 290 -19.31 -54.81 9.51
N LYS E 291 -18.58 -53.70 9.42
CA LYS E 291 -18.75 -52.76 8.31
C LYS E 291 -17.91 -53.14 7.10
N ASN E 292 -17.02 -54.12 7.22
CA ASN E 292 -16.19 -54.59 6.11
C ASN E 292 -15.15 -53.56 5.70
N LYS E 293 -14.71 -52.71 6.64
CA LYS E 293 -13.69 -51.71 6.38
C LYS E 293 -12.30 -52.14 6.82
N TRP E 294 -12.14 -53.39 7.29
CA TRP E 294 -10.84 -53.84 7.76
C TRP E 294 -9.83 -53.94 6.62
N ASN E 295 -10.28 -54.34 5.43
CA ASN E 295 -9.35 -54.55 4.31
C ASN E 295 -8.74 -53.26 3.78
N LYS E 296 -9.43 -52.13 3.93
CA LYS E 296 -8.98 -50.86 3.36
C LYS E 296 -8.56 -49.85 4.42
N ARG E 297 -8.42 -50.27 5.68
CA ARG E 297 -7.99 -49.34 6.72
C ARG E 297 -6.59 -48.80 6.43
N GLN E 298 -5.67 -49.70 6.05
CA GLN E 298 -4.30 -49.27 5.79
C GLN E 298 -4.21 -48.24 4.67
N GLU E 299 -5.21 -48.21 3.78
CA GLU E 299 -5.21 -47.22 2.71
C GLU E 299 -5.47 -45.82 3.21
N VAL E 300 -6.15 -45.66 4.36
CA VAL E 300 -6.45 -44.35 4.90
C VAL E 300 -5.55 -43.98 6.07
N ILE E 301 -5.15 -44.95 6.90
CA ILE E 301 -4.38 -44.63 8.10
C ILE E 301 -3.14 -43.83 7.74
N ASP E 302 -2.40 -44.27 6.71
CA ASP E 302 -1.21 -43.55 6.31
C ASP E 302 -1.53 -42.08 6.05
N TYR E 303 -2.58 -41.82 5.27
CA TYR E 303 -2.95 -40.43 5.00
C TYR E 303 -3.15 -39.66 6.30
N ILE E 304 -3.88 -40.25 7.24
CA ILE E 304 -4.08 -39.59 8.53
C ILE E 304 -2.72 -39.32 9.18
N ALA E 305 -1.85 -40.34 9.20
CA ALA E 305 -0.53 -40.15 9.80
C ALA E 305 0.25 -39.08 9.06
N GLN E 306 -0.03 -38.90 7.77
CA GLN E 306 0.66 -37.89 6.98
C GLN E 306 -0.04 -36.53 7.02
N GLU E 307 -1.23 -36.45 7.63
CA GLU E 307 -1.96 -35.19 7.64
C GLU E 307 -1.41 -34.24 8.71
N THR E 308 -1.47 -34.64 9.97
CA THR E 308 -1.02 -33.82 11.07
C THR E 308 -0.52 -34.71 12.20
N GLY E 309 0.20 -34.12 13.14
CA GLY E 309 0.75 -34.85 14.25
C GLY E 309 -0.08 -34.75 15.51
N ASP E 310 -1.33 -34.32 15.37
CA ASP E 310 -2.25 -34.18 16.49
C ASP E 310 -2.93 -35.52 16.75
N ILE E 311 -2.65 -36.11 17.92
CA ILE E 311 -3.20 -37.43 18.23
C ILE E 311 -4.73 -37.36 18.31
N ARG E 312 -5.25 -36.34 19.01
CA ARG E 312 -6.69 -36.23 19.19
C ARG E 312 -7.40 -36.03 17.86
N SER E 313 -6.88 -35.13 17.03
CA SER E 313 -7.50 -34.88 15.73
C SER E 313 -7.42 -36.12 14.85
N ALA E 314 -6.29 -36.81 14.87
CA ALA E 314 -6.16 -38.03 14.07
C ALA E 314 -7.15 -39.09 14.51
N ILE E 315 -7.31 -39.27 15.83
CA ILE E 315 -8.26 -40.25 16.33
C ILE E 315 -9.69 -39.86 15.95
N THR E 316 -10.01 -38.57 16.05
CA THR E 316 -11.34 -38.12 15.67
C THR E 316 -11.61 -38.37 14.19
N THR E 317 -10.61 -38.09 13.34
CA THR E 317 -10.77 -38.34 11.92
C THR E 317 -10.94 -39.82 11.63
N LEU E 318 -10.17 -40.67 12.31
CA LEU E 318 -10.31 -42.11 12.13
C LEU E 318 -11.71 -42.57 12.53
N GLN E 319 -12.20 -42.08 13.67
CA GLN E 319 -13.54 -42.46 14.10
C GLN E 319 -14.59 -41.99 13.11
N PHE E 320 -14.45 -40.77 12.59
CA PHE E 320 -15.40 -40.26 11.61
C PHE E 320 -15.39 -41.11 10.34
N TRP E 321 -14.20 -41.48 9.87
CA TRP E 321 -14.11 -42.32 8.68
C TRP E 321 -14.74 -43.68 8.92
N ALA E 322 -14.48 -44.28 10.08
CA ALA E 322 -15.04 -45.59 10.38
C ALA E 322 -16.56 -45.52 10.48
N THR E 323 -17.10 -44.44 11.06
CA THR E 323 -18.53 -44.27 11.19
C THR E 323 -19.21 -43.93 9.87
N SER E 324 -18.62 -43.03 9.09
CA SER E 324 -19.22 -42.62 7.83
C SER E 324 -19.22 -43.77 6.83
N SER E 325 -20.33 -43.95 6.13
CA SER E 325 -20.48 -44.99 5.13
C SER E 325 -20.16 -44.51 3.73
N GLY E 326 -19.82 -43.23 3.55
CA GLY E 326 -19.51 -42.68 2.26
C GLY E 326 -18.02 -42.63 2.00
N SER E 327 -17.67 -42.06 0.85
CA SER E 327 -16.29 -41.90 0.42
C SER E 327 -15.87 -40.44 0.62
N LEU E 328 -14.77 -40.23 1.32
CA LEU E 328 -14.26 -38.91 1.62
C LEU E 328 -12.78 -38.84 1.28
N PRO E 329 -12.25 -37.63 0.99
CA PRO E 329 -10.83 -37.48 0.66
C PRO E 329 -9.92 -37.70 1.86
N GLU E 334 -5.72 -32.41 -7.65
CA GLU E 334 -6.89 -31.54 -7.57
C GLU E 334 -6.58 -30.17 -8.16
N SER E 335 -5.70 -29.42 -7.49
CA SER E 335 -5.34 -28.10 -7.98
C SER E 335 -4.65 -28.17 -9.33
N THR E 336 -3.77 -29.16 -9.51
CA THR E 336 -3.06 -29.31 -10.77
C THR E 336 -4.04 -29.62 -11.90
N ILE E 337 -5.02 -30.48 -11.65
CA ILE E 337 -6.00 -30.80 -12.68
C ILE E 337 -6.80 -29.58 -13.07
N SER E 338 -7.22 -28.78 -12.07
CA SER E 338 -7.97 -27.57 -12.36
C SER E 338 -7.12 -26.58 -13.17
N TYR E 339 -5.84 -26.45 -12.81
CA TYR E 339 -4.95 -25.57 -13.56
C TYR E 339 -4.82 -26.04 -14.99
N PHE E 340 -4.65 -27.35 -15.20
CA PHE E 340 -4.55 -27.88 -16.55
C PHE E 340 -5.80 -27.57 -17.35
N HIS E 341 -6.97 -27.83 -16.76
CA HIS E 341 -8.23 -27.60 -17.47
C HIS E 341 -8.41 -26.13 -17.81
N ALA E 342 -8.11 -25.24 -16.86
CA ALA E 342 -8.26 -23.81 -17.10
C ALA E 342 -7.33 -23.34 -18.21
N ILE E 343 -6.08 -23.77 -18.16
CA ILE E 343 -5.12 -23.35 -19.19
C ILE E 343 -5.55 -23.86 -20.55
N GLY E 344 -5.97 -25.13 -20.63
CA GLY E 344 -6.42 -25.68 -21.89
C GLY E 344 -7.62 -24.93 -22.44
N LYS E 345 -8.61 -24.66 -21.59
CA LYS E 345 -9.79 -23.93 -22.05
C LYS E 345 -9.42 -22.52 -22.51
N VAL E 346 -8.53 -21.85 -21.80
CA VAL E 346 -8.14 -20.50 -22.20
C VAL E 346 -7.42 -20.53 -23.54
N ILE E 347 -6.52 -21.49 -23.74
CA ILE E 347 -5.71 -21.54 -24.96
C ILE E 347 -6.41 -22.38 -26.01
N HIS E 348 -6.61 -23.67 -25.73
CA HIS E 348 -7.16 -24.57 -26.74
C HIS E 348 -8.64 -24.30 -26.96
N GLY E 349 -9.39 -23.98 -25.91
CA GLY E 349 -10.81 -23.70 -26.02
C GLY E 349 -11.65 -24.92 -25.71
N SER E 350 -12.91 -24.65 -25.32
CA SER E 350 -13.86 -25.70 -24.98
C SER E 350 -14.66 -26.10 -26.22
N HIS E 351 -15.16 -27.33 -26.21
CA HIS E 351 -15.94 -27.88 -27.31
C HIS E 351 -17.42 -27.98 -26.98
N SER E 352 -17.77 -28.18 -25.70
CA SER E 352 -19.17 -28.26 -25.32
C SER E 352 -19.89 -26.94 -25.61
N THR E 353 -19.25 -25.83 -25.30
CA THR E 353 -19.82 -24.49 -25.50
C THR E 353 -19.03 -23.78 -26.58
N ASN E 354 -19.73 -23.32 -27.61
CA ASN E 354 -19.10 -22.59 -28.72
C ASN E 354 -19.04 -21.09 -28.50
N ASN E 355 -19.66 -20.58 -27.43
CA ASN E 355 -19.67 -19.15 -27.14
C ASN E 355 -18.51 -18.83 -26.20
N ASP E 356 -17.62 -17.95 -26.64
CA ASP E 356 -16.47 -17.59 -25.81
C ASP E 356 -16.90 -16.87 -24.55
N ASN E 357 -17.87 -15.96 -24.66
CA ASN E 357 -18.30 -15.19 -23.49
C ASN E 357 -18.89 -16.09 -22.42
N GLU E 358 -19.74 -17.03 -22.83
CA GLU E 358 -20.35 -17.94 -21.85
C GLU E 358 -19.29 -18.78 -21.14
N MET E 359 -18.34 -19.32 -21.91
CA MET E 359 -17.29 -20.13 -21.30
C MET E 359 -16.45 -19.30 -20.32
N ILE E 360 -16.09 -18.07 -20.72
CA ILE E 360 -15.28 -17.23 -19.85
C ILE E 360 -16.04 -16.92 -18.57
N ASN E 361 -17.31 -16.54 -18.69
CA ASN E 361 -18.09 -16.20 -17.51
C ASN E 361 -18.25 -17.39 -16.58
N ASN E 362 -18.55 -18.57 -17.15
CA ASN E 362 -18.72 -19.76 -16.32
C ASN E 362 -17.41 -20.13 -15.63
N LEU E 363 -16.30 -20.06 -16.34
CA LEU E 363 -15.01 -20.39 -15.73
C LEU E 363 -14.68 -19.43 -14.61
N PHE E 364 -14.91 -18.12 -14.82
CA PHE E 364 -14.64 -17.15 -13.76
C PHE E 364 -15.53 -17.38 -12.55
N GLU E 365 -16.83 -17.61 -12.78
CA GLU E 365 -17.75 -17.80 -11.66
C GLU E 365 -17.42 -19.07 -10.87
N ASN E 366 -17.12 -20.16 -11.57
CA ASN E 366 -16.88 -21.43 -10.89
C ASN E 366 -15.53 -21.43 -10.18
N SER E 367 -14.51 -20.84 -10.80
CA SER E 367 -13.14 -20.84 -10.27
C SER E 367 -12.64 -19.40 -10.24
N ASN E 368 -12.76 -18.75 -9.08
CA ASN E 368 -12.25 -17.40 -8.89
C ASN E 368 -10.89 -17.37 -8.21
N ASN E 369 -10.68 -18.25 -7.21
CA ASN E 369 -9.40 -18.27 -6.51
C ASN E 369 -8.26 -18.69 -7.44
N LEU E 370 -8.51 -19.66 -8.32
CA LEU E 370 -7.44 -20.14 -9.19
C LEU E 370 -6.97 -19.04 -10.14
N LEU E 371 -7.90 -18.28 -10.71
CA LEU E 371 -7.53 -17.21 -11.62
C LEU E 371 -7.07 -15.95 -10.91
N SER E 372 -7.44 -15.77 -9.64
CA SER E 372 -7.02 -14.58 -8.91
C SER E 372 -5.50 -14.52 -8.75
N LYS E 373 -4.88 -15.67 -8.49
CA LYS E 373 -3.43 -15.70 -8.31
C LYS E 373 -2.72 -15.25 -9.59
N GLU E 374 -1.62 -14.53 -9.40
CA GLU E 374 -0.87 -14.02 -10.54
C GLU E 374 -0.28 -15.13 -11.39
N ASP E 375 0.09 -16.27 -10.79
CA ASP E 375 0.75 -17.33 -11.52
C ASP E 375 -0.01 -17.74 -12.77
N PHE E 376 -1.35 -17.70 -12.72
CA PHE E 376 -2.13 -18.06 -13.91
C PHE E 376 -1.63 -17.33 -15.14
N LYS E 377 -1.48 -16.00 -15.05
CA LYS E 377 -0.96 -15.24 -16.18
C LYS E 377 0.36 -15.83 -16.65
N LEU E 378 1.30 -16.03 -15.72
CA LEU E 378 2.57 -16.64 -16.10
C LEU E 378 2.35 -17.96 -16.83
N GLY E 379 1.46 -18.79 -16.28
CA GLY E 379 1.17 -20.06 -16.94
C GLY E 379 0.75 -19.87 -18.38
N ILE E 380 -0.12 -18.89 -18.63
CA ILE E 380 -0.54 -18.61 -20.00
C ILE E 380 0.69 -18.28 -20.85
N LEU E 381 1.56 -17.41 -20.34
CA LEU E 381 2.76 -17.05 -21.09
C LEU E 381 3.63 -18.28 -21.35
N GLU E 382 3.55 -19.27 -20.46
CA GLU E 382 4.38 -20.47 -20.64
C GLU E 382 3.69 -21.50 -21.51
N ASN E 383 2.39 -21.33 -21.78
CA ASN E 383 1.62 -22.35 -22.48
C ASN E 383 1.07 -21.90 -23.83
N TYR E 384 0.98 -20.59 -24.07
CA TYR E 384 0.43 -20.13 -25.34
C TYR E 384 1.21 -20.66 -26.53
N ASN E 385 2.54 -20.71 -26.43
CA ASN E 385 3.36 -21.21 -27.53
C ASN E 385 3.01 -22.65 -27.90
N THR E 386 2.39 -23.40 -26.98
CA THR E 386 2.01 -24.77 -27.29
C THR E 386 0.95 -24.83 -28.38
N PHE E 387 0.18 -23.76 -28.57
CA PHE E 387 -0.87 -23.77 -29.57
C PHE E 387 -0.29 -24.04 -30.95
N ASN E 388 -0.86 -25.02 -31.65
CA ASN E 388 -0.37 -25.43 -32.97
C ASN E 388 1.13 -25.70 -32.93
N LYS E 389 1.58 -26.28 -31.82
CA LYS E 389 3.00 -26.55 -31.58
C LYS E 389 3.88 -25.38 -32.03
N GLY E 390 3.43 -24.16 -31.75
CA GLY E 390 4.21 -22.98 -32.09
C GLY E 390 4.16 -22.58 -33.54
N GLU E 391 3.24 -23.14 -34.33
CA GLU E 391 3.14 -22.84 -35.76
C GLU E 391 2.08 -21.77 -35.99
N PHE E 392 2.43 -20.54 -35.61
CA PHE E 392 1.59 -19.38 -35.86
C PHE E 392 2.46 -18.14 -36.01
N SER E 393 1.88 -17.10 -36.61
CA SER E 393 2.63 -15.91 -36.92
C SER E 393 3.11 -15.21 -35.65
N ILE E 394 4.27 -14.55 -35.75
CA ILE E 394 4.85 -13.84 -34.62
C ILE E 394 3.96 -12.68 -34.17
N SER E 395 3.11 -12.17 -35.06
CA SER E 395 2.24 -11.05 -34.69
C SER E 395 1.28 -11.44 -33.57
N ASP E 396 0.71 -12.64 -33.65
CA ASP E 396 -0.20 -13.09 -32.60
C ASP E 396 0.52 -13.21 -31.26
N ALA E 397 1.73 -13.78 -31.27
CA ALA E 397 2.50 -13.89 -30.03
C ALA E 397 2.83 -12.51 -29.46
N SER E 398 3.21 -11.57 -30.34
CA SER E 398 3.51 -10.22 -29.87
C SER E 398 2.28 -9.58 -29.25
N SER E 399 1.12 -9.72 -29.88
CA SER E 399 -0.10 -9.16 -29.32
C SER E 399 -0.43 -9.79 -27.97
N ILE E 400 -0.29 -11.12 -27.87
CA ILE E 400 -0.60 -11.80 -26.62
C ILE E 400 0.33 -11.31 -25.50
N VAL E 401 1.63 -11.20 -25.80
CA VAL E 401 2.58 -10.75 -24.79
C VAL E 401 2.30 -9.30 -24.40
N ASP E 402 1.99 -8.45 -25.37
CA ASP E 402 1.69 -7.06 -25.05
C ASP E 402 0.47 -6.96 -24.14
N CYS E 403 -0.57 -7.75 -24.44
CA CYS E 403 -1.74 -7.77 -23.57
C CYS E 403 -1.39 -8.26 -22.19
N LEU E 404 -0.57 -9.31 -22.10
CA LEU E 404 -0.19 -9.84 -20.78
C LEU E 404 0.56 -8.79 -19.98
N SER E 405 1.46 -8.05 -20.64
CA SER E 405 2.17 -6.97 -19.96
C SER E 405 1.22 -5.89 -19.49
N GLU E 406 0.26 -5.50 -20.33
CA GLU E 406 -0.71 -4.48 -19.93
C GLU E 406 -1.53 -4.96 -18.74
N CYS E 407 -1.96 -6.22 -18.75
CA CYS E 407 -2.71 -6.76 -17.62
C CYS E 407 -1.87 -6.79 -16.36
N ASP E 408 -0.59 -7.13 -16.49
CA ASP E 408 0.30 -7.10 -15.34
C ASP E 408 0.41 -5.69 -14.77
N ASN E 409 0.48 -4.69 -15.63
CA ASN E 409 0.53 -3.30 -15.16
C ASN E 409 -0.76 -2.90 -14.44
N MET E 410 -1.87 -3.58 -14.70
CA MET E 410 -3.13 -3.24 -14.05
C MET E 410 -3.13 -3.58 -12.57
N ASN E 411 -2.13 -4.33 -12.09
CA ASN E 411 -1.96 -4.60 -10.67
C ASN E 411 -3.15 -5.38 -10.10
N GLY E 412 -3.40 -6.56 -10.69
CA GLY E 412 -4.35 -7.50 -10.15
C GLY E 412 -5.76 -6.97 -10.01
N LEU E 413 -6.25 -6.23 -11.01
CA LEU E 413 -7.63 -5.81 -10.98
C LEU E 413 -8.53 -6.89 -11.58
N PRO E 414 -9.81 -6.93 -11.19
CA PRO E 414 -10.71 -7.95 -11.77
C PRO E 414 -10.83 -7.84 -13.27
N GLU E 415 -10.72 -6.64 -13.84
CA GLU E 415 -10.85 -6.48 -15.29
C GLU E 415 -9.62 -6.99 -16.02
N SER E 416 -8.46 -7.00 -15.36
CA SER E 416 -7.23 -7.39 -16.04
C SER E 416 -7.28 -8.85 -16.48
N ASN E 417 -7.69 -9.76 -15.59
CA ASN E 417 -7.78 -11.16 -15.95
C ASN E 417 -8.81 -11.38 -17.05
N GLU E 418 -9.97 -10.73 -16.93
CA GLU E 418 -10.99 -10.82 -17.96
C GLU E 418 -10.41 -10.44 -19.32
N TYR E 419 -9.77 -9.27 -19.38
CA TYR E 419 -9.24 -8.77 -20.65
C TYR E 419 -8.18 -9.69 -21.20
N GLY E 420 -7.25 -10.15 -20.35
CA GLY E 420 -6.19 -11.02 -20.83
C GLY E 420 -6.72 -12.32 -21.39
N LEU E 421 -7.62 -12.97 -20.65
CA LEU E 421 -8.18 -14.23 -21.12
C LEU E 421 -8.97 -14.04 -22.40
N ARG E 422 -9.72 -12.93 -22.50
CA ARG E 422 -10.51 -12.69 -23.71
C ARG E 422 -9.62 -12.44 -24.92
N GLU E 423 -8.54 -11.67 -24.75
CA GLU E 423 -7.55 -11.58 -25.83
C GLU E 423 -6.99 -12.93 -26.22
N VAL E 424 -6.59 -13.74 -25.24
CA VAL E 424 -5.97 -15.02 -25.59
C VAL E 424 -6.95 -15.90 -26.36
N ARG E 425 -8.18 -16.00 -25.87
CA ARG E 425 -9.19 -16.82 -26.53
C ARG E 425 -9.49 -16.31 -27.94
N LYS E 426 -9.67 -15.00 -28.09
CA LYS E 426 -10.00 -14.45 -29.39
C LYS E 426 -8.84 -14.64 -30.37
N THR E 427 -7.61 -14.42 -29.92
CA THR E 427 -6.45 -14.56 -30.79
C THR E 427 -6.29 -16.01 -31.23
N PHE E 428 -6.45 -16.96 -30.32
CA PHE E 428 -6.27 -18.36 -30.68
C PHE E 428 -7.46 -18.93 -31.45
N ARG E 429 -8.63 -18.30 -31.35
CA ARG E 429 -9.78 -18.76 -32.11
C ARG E 429 -9.68 -18.36 -33.57
N ASN E 430 -9.00 -17.25 -33.87
CA ASN E 430 -8.89 -16.78 -35.25
C ASN E 430 -7.89 -17.60 -36.07
N ILE E 431 -7.11 -18.47 -35.44
CA ILE E 431 -6.09 -19.24 -36.15
C ILE E 431 -6.25 -20.73 -35.84
N SER E 432 -7.36 -21.11 -35.21
CA SER E 432 -7.65 -22.52 -34.99
C SER E 432 -8.13 -23.14 -36.29
N LYS E 433 -7.49 -24.25 -36.69
CA LYS E 433 -7.75 -24.81 -38.00
C LYS E 433 -9.02 -25.67 -38.00
N GLN E 434 -8.99 -26.80 -37.29
CA GLN E 434 -10.18 -27.64 -37.16
C GLN E 434 -10.45 -28.07 -35.73
N GLY E 435 -9.41 -28.34 -34.94
CA GLY E 435 -9.62 -28.91 -33.62
C GLY E 435 -8.58 -28.49 -32.60
N HIS E 436 -8.25 -29.38 -31.67
CA HIS E 436 -7.37 -29.09 -30.56
C HIS E 436 -6.21 -30.07 -30.55
N ASN E 437 -5.02 -29.57 -30.23
CA ASN E 437 -3.82 -30.38 -30.03
C ASN E 437 -3.38 -30.15 -28.59
N HIS E 438 -3.89 -30.99 -27.67
CA HIS E 438 -3.67 -30.81 -26.24
C HIS E 438 -2.24 -31.22 -25.91
N GLY E 439 -1.32 -30.29 -26.03
CA GLY E 439 0.06 -30.54 -25.65
C GLY E 439 0.24 -30.49 -24.15
N THR E 440 1.41 -30.97 -23.71
CA THR E 440 1.72 -30.98 -22.28
C THR E 440 1.72 -29.56 -21.73
N VAL E 441 1.09 -29.39 -20.58
CA VAL E 441 1.01 -28.09 -19.92
C VAL E 441 2.23 -27.91 -19.04
N TYR E 442 2.92 -26.78 -19.21
CA TYR E 442 4.14 -26.48 -18.47
C TYR E 442 3.85 -25.41 -17.42
N PHE E 443 4.26 -25.68 -16.18
CA PHE E 443 4.12 -24.71 -15.12
C PHE E 443 5.16 -23.60 -15.26
N PRO E 444 4.89 -22.43 -14.70
CA PRO E 444 5.85 -21.32 -14.84
C PRO E 444 7.17 -21.65 -14.16
N ARG E 445 8.24 -21.06 -14.70
CA ARG E 445 9.60 -21.24 -14.18
C ARG E 445 9.97 -20.21 -13.12
N GLU E 446 9.01 -19.39 -12.70
CA GLU E 446 9.33 -18.27 -11.80
C GLU E 446 9.89 -18.77 -10.47
N TRP E 447 9.33 -19.85 -9.93
CA TRP E 447 9.78 -20.34 -8.63
C TRP E 447 11.23 -20.78 -8.68
N LYS E 448 11.63 -21.48 -9.75
CA LYS E 448 13.02 -21.90 -9.88
C LYS E 448 13.94 -20.69 -9.98
N VAL E 449 13.50 -19.65 -10.71
CA VAL E 449 14.30 -18.43 -10.83
C VAL E 449 14.46 -17.77 -9.46
N ARG E 450 13.39 -17.74 -8.67
CA ARG E 450 13.47 -17.16 -7.32
C ARG E 450 14.44 -17.94 -6.45
N LYS E 451 14.38 -19.28 -6.51
CA LYS E 451 15.30 -20.08 -5.72
C LYS E 451 16.75 -19.84 -6.15
N LEU E 452 16.98 -19.75 -7.46
CA LEU E 452 18.33 -19.47 -7.96
C LEU E 452 18.79 -18.09 -7.50
N GLN E 453 17.89 -17.11 -7.50
CA GLN E 453 18.24 -15.77 -7.02
C GLN E 453 18.60 -15.80 -5.54
N ASN E 454 17.85 -16.56 -4.74
CA ASN E 454 18.19 -16.68 -3.32
C ASN E 454 19.56 -17.31 -3.13
N SER E 455 19.85 -18.36 -3.90
CA SER E 455 21.17 -18.98 -3.83
C SER E 455 22.27 -17.98 -4.23
N PHE E 456 22.00 -17.19 -5.27
CA PHE E 456 22.97 -16.18 -5.71
C PHE E 456 23.20 -15.15 -4.62
N LYS E 457 22.12 -14.72 -3.94
CA LYS E 457 22.29 -13.77 -2.85
C LYS E 457 23.13 -14.36 -1.72
N VAL E 458 22.89 -15.63 -1.38
CA VAL E 458 23.68 -16.27 -0.33
C VAL E 458 25.15 -16.31 -0.73
N GLN E 459 25.42 -16.70 -1.98
CA GLN E 459 26.81 -16.77 -2.45
C GLN E 459 27.45 -15.38 -2.46
N ALA E 460 26.69 -14.36 -2.84
CA ALA E 460 27.22 -13.00 -2.85
C ALA E 460 27.55 -12.53 -1.44
N GLU E 461 26.69 -12.86 -0.47
CA GLU E 461 26.99 -12.51 0.92
C GLU E 461 28.24 -13.23 1.40
N ASP E 462 28.39 -14.50 1.06
CA ASP E 462 29.59 -15.24 1.45
C ASP E 462 30.83 -14.61 0.83
N TRP E 463 30.75 -14.24 -0.45
CA TRP E 463 31.89 -13.61 -1.12
C TRP E 463 32.23 -12.27 -0.47
N LEU E 464 31.21 -11.48 -0.12
CA LEU E 464 31.46 -10.20 0.53
C LEU E 464 32.14 -10.40 1.88
N ASN E 465 31.67 -11.39 2.65
CA ASN E 465 32.31 -11.67 3.94
C ASN E 465 33.76 -12.07 3.75
N VAL E 466 34.03 -12.94 2.78
CA VAL E 466 35.40 -13.38 2.53
C VAL E 466 36.27 -12.21 2.13
N SER E 467 35.77 -11.36 1.23
CA SER E 467 36.55 -10.20 0.80
C SER E 467 36.84 -9.27 1.96
N LEU E 468 35.84 -8.99 2.80
CA LEU E 468 36.05 -8.10 3.92
C LEU E 468 37.06 -8.66 4.91
N TYR E 469 36.98 -9.96 5.20
CA TYR E 469 37.80 -10.57 6.23
C TYR E 469 39.15 -11.07 5.73
N LYS E 470 39.41 -11.00 4.42
CA LYS E 470 40.71 -11.41 3.90
C LYS E 470 41.44 -10.32 3.12
N TYR E 471 40.77 -9.25 2.69
CA TYR E 471 41.42 -8.20 1.91
C TYR E 471 41.01 -6.80 2.34
N ASN E 472 40.14 -6.65 3.33
CA ASN E 472 39.70 -5.34 3.79
C ASN E 472 39.06 -4.54 2.66
N ALA E 473 38.22 -5.21 1.87
CA ALA E 473 37.52 -4.59 0.75
C ALA E 473 36.02 -4.80 0.90
N VAL E 474 35.26 -3.74 0.61
CA VAL E 474 33.81 -3.76 0.69
C VAL E 474 33.24 -3.42 -0.68
N HIS E 475 32.32 -4.23 -1.16
CA HIS E 475 31.69 -4.04 -2.46
C HIS E 475 30.18 -4.18 -2.33
N SER E 476 29.47 -3.42 -3.15
CA SER E 476 28.01 -3.45 -3.13
C SER E 476 27.48 -4.69 -3.85
N PHE E 477 26.22 -5.02 -3.56
CA PHE E 477 25.60 -6.19 -4.18
C PHE E 477 25.49 -6.01 -5.69
N ARG E 478 25.13 -4.80 -6.15
CA ARG E 478 25.01 -4.57 -7.58
C ARG E 478 26.34 -4.77 -8.29
N ASN E 479 27.43 -4.28 -7.70
CA ASN E 479 28.75 -4.48 -8.30
C ASN E 479 29.10 -5.96 -8.37
N ILE E 480 28.76 -6.72 -7.33
CA ILE E 480 29.03 -8.15 -7.33
C ILE E 480 28.24 -8.84 -8.45
N THR E 481 26.97 -8.47 -8.59
CA THR E 481 26.15 -9.09 -9.64
C THR E 481 26.67 -8.74 -11.03
N LEU E 482 27.12 -7.50 -11.22
CA LEU E 482 27.47 -7.01 -12.55
C LEU E 482 28.95 -7.19 -12.87
N GLU E 483 29.85 -6.89 -11.92
CA GLU E 483 31.28 -6.81 -12.20
C GLU E 483 32.08 -7.90 -11.50
N PHE E 484 31.99 -7.98 -10.17
CA PHE E 484 32.81 -8.94 -9.43
C PHE E 484 32.25 -10.35 -9.46
N GLY E 485 31.04 -10.54 -9.98
CA GLY E 485 30.49 -11.88 -10.07
C GLY E 485 31.26 -12.78 -11.02
N TYR E 486 31.83 -12.20 -12.08
CA TYR E 486 32.55 -12.95 -13.09
C TYR E 486 34.05 -12.70 -13.09
N TYR E 487 34.49 -11.45 -12.96
CA TYR E 487 35.92 -11.14 -13.07
C TYR E 487 36.69 -11.73 -11.90
N ALA E 488 36.23 -11.51 -10.68
CA ALA E 488 36.99 -11.97 -9.51
C ALA E 488 37.12 -13.47 -9.46
N PRO E 489 36.07 -14.27 -9.66
CA PRO E 489 36.28 -15.73 -9.68
C PRO E 489 37.26 -16.18 -10.76
N LEU E 490 37.22 -15.56 -11.94
CA LEU E 490 38.16 -15.94 -12.99
C LEU E 490 39.59 -15.61 -12.58
N ILE E 491 39.81 -14.43 -12.00
CA ILE E 491 41.14 -14.05 -11.56
C ILE E 491 41.64 -15.02 -10.49
N ARG E 492 40.77 -15.35 -9.53
CA ARG E 492 41.18 -16.27 -8.48
C ARG E 492 41.47 -17.66 -9.03
N LYS E 493 40.67 -18.13 -9.99
CA LYS E 493 40.94 -19.43 -10.59
C LYS E 493 42.28 -19.44 -11.31
N CYS E 494 42.57 -18.39 -12.08
CA CYS E 494 43.86 -18.32 -12.76
C CYS E 494 45.01 -18.28 -11.76
N GLN E 495 44.87 -17.50 -10.69
CA GLN E 495 45.93 -17.42 -9.69
C GLN E 495 46.13 -18.77 -9.01
N SER E 496 45.04 -19.46 -8.69
CA SER E 496 45.16 -20.77 -8.06
C SER E 496 45.82 -21.78 -8.99
N TYR E 497 45.46 -21.75 -10.27
CA TYR E 497 46.11 -22.64 -11.23
C TYR E 497 47.60 -22.37 -11.32
N LYS E 498 47.98 -21.09 -11.36
CA LYS E 498 49.40 -20.74 -11.40
C LYS E 498 50.10 -21.21 -10.13
N LYS E 499 49.46 -21.03 -8.97
CA LYS E 499 50.05 -21.47 -7.71
C LYS E 499 50.28 -22.98 -7.71
N LYS E 500 49.28 -23.74 -8.14
CA LYS E 500 49.42 -25.20 -8.19
C LYS E 500 50.52 -25.61 -9.15
N TYR E 501 50.59 -24.96 -10.33
CA TYR E 501 51.63 -25.30 -11.29
C TYR E 501 53.02 -25.01 -10.73
N ILE E 502 53.18 -23.85 -10.08
CA ILE E 502 54.49 -23.51 -9.52
C ILE E 502 54.86 -24.48 -8.40
N LEU E 503 53.92 -24.78 -7.51
CA LEU E 503 54.18 -25.69 -6.40
C LEU E 503 53.24 -26.89 -6.45
N ASP E 521 60.22 -12.81 -7.04
CA ASP E 521 58.89 -12.65 -6.46
C ASP E 521 57.90 -12.18 -7.52
N LYS E 522 58.08 -12.65 -8.76
CA LYS E 522 57.19 -12.26 -9.84
C LYS E 522 55.77 -12.73 -9.57
N PHE E 523 55.61 -13.96 -9.06
CA PHE E 523 54.31 -14.55 -8.76
C PHE E 523 54.12 -14.71 -7.26
N SER E 524 54.80 -13.89 -6.45
CA SER E 524 54.70 -14.03 -5.01
C SER E 524 53.28 -13.78 -4.53
N ASP E 525 52.61 -12.75 -5.05
CA ASP E 525 51.23 -12.50 -4.66
C ASP E 525 50.29 -13.56 -5.21
N ILE E 526 50.62 -14.15 -6.35
CA ILE E 526 49.74 -15.15 -6.95
C ILE E 526 49.62 -16.38 -6.06
N MET E 527 50.74 -16.85 -5.51
CA MET E 527 50.70 -18.04 -4.68
C MET E 527 50.07 -17.79 -3.31
N LYS E 528 49.83 -16.52 -2.95
CA LYS E 528 49.16 -16.21 -1.69
C LYS E 528 47.70 -16.61 -1.67
N VAL E 529 47.12 -16.93 -2.84
CA VAL E 529 45.71 -17.30 -2.88
C VAL E 529 45.51 -18.59 -2.11
N GLU E 530 44.56 -18.57 -1.17
CA GLU E 530 44.23 -19.74 -0.37
C GLU E 530 43.06 -20.47 -1.02
N ASN E 531 43.29 -21.70 -1.48
CA ASN E 531 42.25 -22.42 -2.21
C ASN E 531 41.02 -22.63 -1.35
N GLY E 532 41.20 -22.90 -0.06
CA GLY E 532 40.07 -23.24 0.79
C GLY E 532 39.06 -22.11 0.91
N ILE E 533 39.54 -20.87 1.06
CA ILE E 533 38.66 -19.76 1.39
C ILE E 533 38.65 -18.71 0.28
N ASP E 534 38.81 -19.15 -0.97
CA ASP E 534 38.74 -18.26 -2.12
C ASP E 534 37.77 -18.85 -3.14
N VAL E 535 36.87 -18.00 -3.63
CA VAL E 535 35.89 -18.44 -4.62
C VAL E 535 36.54 -18.40 -5.99
N VAL E 536 36.55 -19.54 -6.68
CA VAL E 536 37.14 -19.65 -8.02
C VAL E 536 36.09 -19.89 -9.10
N ASP E 537 34.86 -20.24 -8.73
CA ASP E 537 33.80 -20.49 -9.68
C ASP E 537 32.88 -19.27 -9.77
N ARG E 538 32.40 -18.99 -10.98
CA ARG E 538 31.52 -17.85 -11.17
C ARG E 538 30.29 -17.96 -10.29
N ILE E 539 29.95 -16.88 -9.60
CA ILE E 539 28.82 -16.90 -8.67
C ILE E 539 27.53 -17.08 -9.46
N GLY E 540 26.72 -18.05 -9.04
CA GLY E 540 25.48 -18.36 -9.71
C GLY E 540 25.59 -19.38 -10.83
N GLY E 541 26.81 -19.78 -11.20
CA GLY E 541 27.00 -20.75 -12.24
C GLY E 541 27.03 -20.11 -13.62
N PRO E 542 27.34 -20.90 -14.65
CA PRO E 542 27.39 -20.35 -16.01
C PRO E 542 26.02 -19.85 -16.45
N ILE E 543 26.04 -18.83 -17.30
CA ILE E 543 24.82 -18.23 -17.84
C ILE E 543 24.64 -18.82 -19.24
N GLU E 544 23.90 -19.94 -19.31
CA GLU E 544 23.62 -20.59 -20.59
C GLU E 544 22.14 -20.56 -20.93
N ALA E 545 21.28 -21.10 -20.08
CA ALA E 545 19.84 -21.12 -20.32
C ALA E 545 19.18 -21.81 -19.13
N LEU E 546 17.85 -21.71 -19.08
CA LEU E 546 17.04 -22.41 -18.09
C LEU E 546 15.96 -23.19 -18.81
N SER E 547 15.83 -24.47 -18.47
CA SER E 547 14.87 -25.34 -19.14
C SER E 547 13.48 -25.18 -18.55
N VAL E 548 12.48 -25.61 -19.32
CA VAL E 548 11.09 -25.54 -18.87
C VAL E 548 10.85 -26.60 -17.81
N GLU E 549 10.02 -26.26 -16.81
CA GLU E 549 9.71 -27.17 -15.71
C GLU E 549 8.53 -28.05 -16.11
N ASP E 550 8.83 -29.11 -16.87
CA ASP E 550 7.78 -30.03 -17.30
C ASP E 550 7.17 -30.74 -16.11
N GLY E 551 7.98 -31.12 -15.12
CA GLY E 551 7.46 -31.79 -13.95
C GLY E 551 6.60 -30.87 -13.10
N LEU E 552 5.79 -31.49 -12.25
CA LEU E 552 4.87 -30.74 -11.40
C LEU E 552 5.63 -29.75 -10.54
N ALA E 553 6.47 -30.24 -9.63
CA ALA E 553 7.29 -29.40 -8.76
C ALA E 553 6.49 -28.22 -8.23
N PRO E 554 5.48 -28.46 -7.38
CA PRO E 554 4.68 -27.33 -6.87
C PRO E 554 5.50 -26.30 -6.12
N LEU E 555 6.56 -26.72 -5.45
CA LEU E 555 7.40 -25.78 -4.70
C LEU E 555 8.00 -24.74 -5.62
N ASP E 564 15.90 -28.07 2.44
CA ASP E 564 16.18 -27.28 1.24
C ASP E 564 17.67 -26.98 1.13
N HIS E 565 18.16 -26.84 -0.11
CA HIS E 565 19.57 -26.53 -0.31
C HIS E 565 19.95 -25.17 0.24
N LEU E 566 18.98 -24.27 0.39
CA LEU E 566 19.29 -22.95 0.93
C LEU E 566 19.81 -23.04 2.35
N GLU E 567 19.22 -23.92 3.17
CA GLU E 567 19.69 -24.09 4.54
C GLU E 567 21.13 -24.61 4.57
N ASP E 568 21.43 -25.59 3.70
CA ASP E 568 22.79 -26.10 3.65
C ASP E 568 23.76 -25.02 3.20
N GLN E 569 23.38 -24.21 2.21
CA GLN E 569 24.23 -23.13 1.76
C GLN E 569 24.47 -22.11 2.87
N LYS E 570 23.43 -21.79 3.64
CA LYS E 570 23.59 -20.86 4.75
C LYS E 570 24.51 -21.44 5.82
N LYS E 571 24.37 -22.74 6.11
CA LYS E 571 25.27 -23.37 7.09
C LYS E 571 26.71 -23.33 6.61
N GLU E 572 26.93 -23.60 5.32
CA GLU E 572 28.27 -23.54 4.74
C GLU E 572 28.82 -22.11 4.81
N ARG E 573 27.98 -21.11 4.54
CA ARG E 573 28.41 -19.73 4.66
C ARG E 573 28.79 -19.39 6.08
N ASP E 574 28.01 -19.87 7.06
CA ASP E 574 28.32 -19.61 8.46
C ASP E 574 29.65 -20.27 8.84
N ARG E 575 29.88 -21.50 8.37
CA ARG E 575 31.15 -22.17 8.65
C ARG E 575 32.32 -21.38 8.07
N ARG E 576 32.19 -20.91 6.84
CA ARG E 576 33.26 -20.10 6.25
C ARG E 576 33.45 -18.80 7.01
N LEU E 577 32.37 -18.18 7.45
CA LEU E 577 32.49 -16.95 8.24
C LEU E 577 33.23 -17.20 9.54
N ARG E 578 32.93 -18.32 10.20
CA ARG E 578 33.65 -18.66 11.42
C ARG E 578 35.12 -18.91 11.14
N MET E 579 35.43 -19.59 10.04
CA MET E 579 36.82 -19.84 9.67
C MET E 579 37.55 -18.52 9.42
N LEU E 580 36.92 -17.59 8.70
CA LEU E 580 37.54 -16.29 8.45
C LEU E 580 37.74 -15.52 9.75
N ILE E 581 36.76 -15.57 10.65
CA ILE E 581 36.90 -14.89 11.94
C ILE E 581 38.08 -15.47 12.70
N ASP E 582 38.23 -16.79 12.70
CA ASP E 582 39.37 -17.41 13.34
C ASP E 582 40.68 -16.94 12.70
N GLN E 583 40.71 -16.86 11.37
CA GLN E 583 41.89 -16.33 10.69
C GLN E 583 42.10 -14.87 11.04
N TYR E 584 41.03 -14.08 11.07
CA TYR E 584 41.12 -12.67 11.38
C TYR E 584 41.19 -12.43 12.89
PB ADP F . -25.57 -15.29 8.15
O1B ADP F . -24.23 -15.74 7.63
O2B ADP F . -25.56 -14.88 9.61
O3B ADP F . -26.31 -14.36 7.23
PA ADP F . -26.79 -17.40 6.77
O1A ADP F . -25.99 -16.73 5.68
O2A ADP F . -26.62 -18.89 7.00
O3A ADP F . -26.44 -16.65 8.15
O5' ADP F . -28.35 -17.10 6.55
C5' ADP F . -29.05 -16.11 7.29
C4' ADP F . -30.31 -15.68 6.56
O4' ADP F . -30.09 -15.77 5.14
C3' ADP F . -31.51 -16.55 6.89
O3' ADP F . -32.52 -15.77 7.54
C2' ADP F . -32.03 -17.09 5.57
O2' ADP F . -33.40 -16.79 5.37
C1' ADP F . -31.18 -16.42 4.48
N9 ADP F . -30.68 -17.42 3.53
C8 ADP F . -29.39 -17.62 3.21
N7 ADP F . -29.26 -18.61 2.29
C5 ADP F . -30.50 -19.08 2.02
C6 ADP F . -31.08 -20.13 1.16
N6 ADP F . -30.29 -20.90 0.36
N1 ADP F . -32.42 -20.27 1.16
C2 ADP F . -33.22 -19.51 1.94
N3 ADP F . -32.76 -18.55 2.75
C4 ADP F . -31.43 -18.28 2.83
H5'1 ADP F . -28.41 -15.24 7.46
H5'2 ADP F . -29.32 -16.52 8.27
H4' ADP F . -30.54 -14.64 6.82
H3' ADP F . -31.21 -17.38 7.52
HO3' ADP F . -33.24 -16.34 7.84
H2' ADP F . -31.85 -18.17 5.54
HO2' ADP F . -33.95 -17.31 5.97
H1' ADP F . -31.80 -15.67 3.96
H8 ADP F . -28.56 -17.05 3.61
HN61 ADP F . -29.29 -20.77 0.38
HN62 ADP F . -30.70 -21.60 -0.22
H2 ADP F . -34.29 -19.70 1.90
PB ADP G . -29.36 16.88 6.05
O1B ADP G . -28.14 17.15 5.20
O2B ADP G . -29.06 16.36 7.43
O3B ADP G . -30.46 16.12 5.33
PA ADP G . -29.17 19.42 7.14
O1A ADP G . -27.74 19.37 6.68
O2A ADP G . -29.50 19.27 8.61
O3A ADP G . -30.00 18.34 6.30
O5' ADP G . -29.79 20.83 6.64
C5' ADP G . -29.07 22.04 6.86
C4' ADP G . -29.89 23.23 6.37
O4' ADP G . -30.52 22.93 5.14
C3' ADP G . -30.97 23.61 7.37
O3' ADP G . -30.65 24.83 8.04
C2' ADP G . -32.24 23.76 6.56
O2' ADP G . -32.73 25.11 6.60
C1' ADP G . -31.88 23.38 5.14
N9 ADP G . -32.76 22.28 4.68
C8 ADP G . -32.35 21.03 4.37
N7 ADP G . -33.39 20.26 3.99
C5 ADP G . -34.50 21.01 4.06
C6 ADP G . -35.94 20.82 3.79
N6 ADP G . -36.41 19.61 3.36
N1 ADP G . -36.77 21.86 3.98
C2 ADP G . -36.32 23.07 4.40
N3 ADP G . -35.02 23.31 4.65
C4 ADP G . -34.08 22.34 4.50
H5'1 ADP G . -28.12 22.01 6.33
H5'2 ADP G . -28.86 22.14 7.93
H4' ADP G . -29.21 24.08 6.25
H3' ADP G . -31.10 22.79 8.10
HO3' ADP G . -31.28 25.00 8.75
H2' ADP G . -33.00 23.07 6.94
HO2' ADP G . -33.06 25.31 7.48
H1' ADP G . -31.99 24.25 4.48
H8 ADP G . -31.32 20.69 4.42
HN61 ADP G . -35.77 18.85 3.23
HN62 ADP G . -37.40 19.49 3.19
H2 ADP G . -37.03 23.87 4.52
PB ADP H . 6.61 32.07 1.57
O1B ADP H . 6.98 31.48 0.23
O2B ADP H . 6.48 31.05 2.67
O3B ADP H . 5.50 33.08 1.51
PA ADP H . 9.29 32.18 2.32
O1A ADP H . 9.60 31.24 1.19
O2A ADP H . 9.22 31.67 3.74
O3A ADP H . 7.90 32.93 1.98
O5' ADP H . 10.38 33.37 2.27
C5' ADP H . 11.77 33.05 2.35
C4' ADP H . 12.62 34.31 2.23
O4' ADP H . 12.11 35.18 1.22
C3' ADP H . 12.65 35.11 3.53
O3' ADP H . 13.91 34.97 4.18
C2' ADP H . 12.39 36.55 3.13
O2' ADP H . 13.52 37.39 3.47
C1' ADP H . 12.19 36.54 1.62
N9 ADP H . 10.93 37.25 1.30
C8 ADP H . 9.86 36.70 0.70
N7 ADP H . 8.87 37.63 0.55
C5 ADP H . 9.32 38.79 1.06
C6 ADP H . 8.78 40.16 1.22
N6 ADP H . 7.53 40.47 0.79
N1 ADP H . 9.57 41.08 1.80
C2 ADP H . 10.81 40.79 2.24
N3 ADP H . 11.35 39.56 2.13
C4 ADP H . 10.68 38.54 1.55
H5'1 ADP H . 12.03 32.36 1.56
H5'2 ADP H . 11.97 32.57 3.31
H4' ADP H . 13.65 34.01 1.98
H3' ADP H . 11.84 34.77 4.18
HO3' ADP H . 13.90 35.47 5.01
H2' ADP H . 11.49 36.91 3.63
HO2' ADP H . 13.55 37.52 4.43
H1' ADP H . 13.04 37.04 1.14
H8 ADP H . 9.79 35.67 0.38
HN61 ADP H . 6.96 39.76 0.35
HN62 ADP H . 7.18 41.41 0.90
H2 ADP H . 11.40 41.57 2.70
PB ADP I . 31.93 5.04 -7.75
O1B ADP I . 31.60 6.09 -8.78
O2B ADP I . 31.27 3.70 -8.00
O3B ADP I . 31.83 5.51 -6.32
PA ADP I . 34.25 3.66 -7.06
O1A ADP I . 34.65 4.32 -5.76
O2A ADP I . 33.41 2.41 -7.06
O3A ADP I . 33.50 4.76 -7.96
O5' ADP I . 35.58 3.35 -7.91
C5' ADP I . 35.98 2.00 -8.10
C4' ADP I . 37.46 1.90 -8.47
O4' ADP I . 37.88 3.04 -9.24
C3' ADP I . 38.35 1.86 -7.24
O3' ADP I . 38.73 0.51 -6.94
C2' ADP I . 39.55 2.72 -7.58
O2' ADP I . 40.75 1.94 -7.65
C1' ADP I . 39.25 3.34 -8.94
N9 ADP I . 39.47 4.80 -8.88
C8 ADP I . 38.53 5.74 -8.66
N7 ADP I . 39.08 6.98 -8.69
C5 ADP I . 40.40 6.85 -8.91
C6 ADP I . 41.55 7.75 -9.05
N6 ADP I . 41.41 9.10 -8.95
N1 ADP I . 42.77 7.20 -9.28
C2 ADP I . 42.94 5.86 -9.39
N3 ADP I . 41.92 4.99 -9.28
C4 ADP I . 40.65 5.41 -9.04
H5'1 ADP I . 35.39 1.56 -8.90
H5'2 ADP I . 35.80 1.42 -7.19
H4' ADP I . 37.62 0.98 -9.05
H3' ADP I . 37.81 2.31 -6.39
HO3' ADP I . 39.15 0.48 -6.07
H2' ADP I . 39.65 3.52 -6.82
HO2' ADP I . 40.95 1.58 -6.76
H1' ADP I . 39.91 2.88 -9.68
H8 ADP I . 37.48 5.53 -8.51
HN61 ADP I . 40.50 9.49 -8.77
HN62 ADP I . 42.21 9.69 -9.04
H2 ADP I . 43.94 5.49 -9.58
PG ATP J . -4.45 -29.40 24.30
O1G ATP J . -4.32 -28.91 22.91
O2G ATP J . -3.83 -28.47 25.35
O3G ATP J . -5.90 -29.72 24.71
PB ATP J . -2.20 -31.37 24.46
O1B ATP J . -1.60 -31.30 23.11
O2B ATP J . -1.42 -30.65 25.57
O3B ATP J . -3.68 -30.79 24.49
PA ATP J . -3.41 -33.63 25.92
O1A ATP J . -2.88 -33.72 27.29
O2A ATP J . -4.78 -32.96 25.79
O3A ATP J . -2.42 -32.87 24.95
O5' ATP J . -3.50 -35.08 25.27
C5' ATP J . -4.03 -35.26 23.94
C4' ATP J . -5.49 -35.61 23.98
O4' ATP J . -5.64 -36.85 23.27
C3' ATP J . -5.96 -35.93 25.40
O3' ATP J . -7.37 -35.90 25.35
C2' ATP J . -5.57 -37.40 25.53
O2' ATP J . -6.51 -37.97 26.42
C1' ATP J . -6.02 -37.89 24.16
N9 ATP J . -5.29 -39.08 23.73
C8 ATP J . -5.83 -40.26 23.28
N7 ATP J . -4.95 -41.17 22.98
C5 ATP J . -3.74 -40.56 23.24
C6 ATP J . -2.40 -40.99 23.12
N6 ATP J . -2.05 -42.21 22.68
N1 ATP J . -1.42 -40.13 23.46
C2 ATP J . -1.77 -38.91 23.90
N3 ATP J . -2.98 -38.39 24.05
C4 ATP J . -3.93 -39.27 23.70
H5'1 ATP J . -3.54 -35.98 23.50
H5'2 ATP J . -3.90 -34.45 23.43
H4' ATP J . -6.02 -34.90 23.60
H3' ATP J . -5.59 -35.36 26.10
HO3' ATP J . -7.64 -35.44 26.02
H2' ATP J . -4.65 -37.57 25.76
HO2' ATP J . -7.19 -37.47 26.43
H1' ATP J . -6.98 -38.06 24.13
H8 ATP J . -6.75 -40.39 23.21
HN61 ATP J . -2.65 -42.80 22.53
HN62 ATP J . -1.22 -42.39 22.54
H2 ATP J . -1.05 -38.35 24.12
MG MG K . -3.70 -30.99 26.51
#